data_2NNC
# 
_entry.id   2NNC 
# 
_audit_conform.dict_name       mmcif_pdbx.dic 
_audit_conform.dict_version    5.383 
_audit_conform.dict_location   http://mmcif.pdb.org/dictionaries/ascii/mmcif_pdbx.dic 
# 
loop_
_database_2.database_id 
_database_2.database_code 
_database_2.pdbx_database_accession 
_database_2.pdbx_DOI 
PDB   2NNC         pdb_00002nnc 10.2210/pdb2nnc/pdb 
RCSB  RCSB040071   ?            ?                   
WWPDB D_1000040071 ?            ?                   
# 
loop_
_pdbx_audit_revision_history.ordinal 
_pdbx_audit_revision_history.data_content_type 
_pdbx_audit_revision_history.major_revision 
_pdbx_audit_revision_history.minor_revision 
_pdbx_audit_revision_history.revision_date 
1 'Structure model' 1 0 2007-03-13 
2 'Structure model' 1 1 2008-05-01 
3 'Structure model' 1 2 2011-07-13 
4 'Structure model' 1 3 2017-10-18 
5 'Structure model' 1 4 2023-12-27 
# 
_pdbx_audit_revision_details.ordinal             1 
_pdbx_audit_revision_details.revision_ordinal    1 
_pdbx_audit_revision_details.data_content_type   'Structure model' 
_pdbx_audit_revision_details.provider            repository 
_pdbx_audit_revision_details.type                'Initial release' 
_pdbx_audit_revision_details.description         ? 
_pdbx_audit_revision_details.details             ? 
# 
loop_
_pdbx_audit_revision_group.ordinal 
_pdbx_audit_revision_group.revision_ordinal 
_pdbx_audit_revision_group.data_content_type 
_pdbx_audit_revision_group.group 
1 2 'Structure model' 'Version format compliance' 
2 3 'Structure model' Advisory                    
3 3 'Structure model' 'Version format compliance' 
4 4 'Structure model' 'Refinement description'    
5 5 'Structure model' 'Data collection'           
6 5 'Structure model' 'Database references'       
7 5 'Structure model' 'Derived calculations'      
# 
loop_
_pdbx_audit_revision_category.ordinal 
_pdbx_audit_revision_category.revision_ordinal 
_pdbx_audit_revision_category.data_content_type 
_pdbx_audit_revision_category.category 
1 4 'Structure model' software           
2 5 'Structure model' chem_comp_atom     
3 5 'Structure model' chem_comp_bond     
4 5 'Structure model' database_2         
5 5 'Structure model' diffrn_source      
6 5 'Structure model' struct_ref_seq_dif 
7 5 'Structure model' struct_site        
# 
loop_
_pdbx_audit_revision_item.ordinal 
_pdbx_audit_revision_item.revision_ordinal 
_pdbx_audit_revision_item.data_content_type 
_pdbx_audit_revision_item.item 
1 4 'Structure model' '_software.name'                       
2 5 'Structure model' '_database_2.pdbx_DOI'                 
3 5 'Structure model' '_database_2.pdbx_database_accession'  
4 5 'Structure model' '_diffrn_source.pdbx_synchrotron_site' 
5 5 'Structure model' '_struct_ref_seq_dif.details'          
6 5 'Structure model' '_struct_site.pdbx_auth_asym_id'       
7 5 'Structure model' '_struct_site.pdbx_auth_comp_id'       
8 5 'Structure model' '_struct_site.pdbx_auth_seq_id'        
# 
_pdbx_database_status.entry_id                        2NNC 
_pdbx_database_status.deposit_site                    RCSB 
_pdbx_database_status.process_site                    PDBJ 
_pdbx_database_status.recvd_initial_deposition_date   2006-10-24 
_pdbx_database_status.status_code                     REL 
_pdbx_database_status.status_code_sf                  REL 
_pdbx_database_status.status_code_mr                  ? 
_pdbx_database_status.SG_entry                        ? 
_pdbx_database_status.pdb_format_compatible           Y 
_pdbx_database_status.status_code_cs                  ? 
_pdbx_database_status.methods_development_category    ? 
_pdbx_database_status.status_code_nmr_data            ? 
# 
_pdbx_database_related.db_name        PDB 
_pdbx_database_related.db_id          2NNF 
_pdbx_database_related.details        . 
_pdbx_database_related.content_type   unspecified 
# 
loop_
_audit_author.name 
_audit_author.pdbx_ordinal 
'Stout, J.'         1 
'Van Driessche, G.' 2 
'Savvides, S.N.'    3 
'Van Beeumen, J.'   4 
# 
_citation.id                        primary 
_citation.title                     
;X-ray crystallographic analysis of the sulfur carrier protein SoxY from Chlorobium limicola f. thiosulfatophilum reveals a tetrameric structure.
;
_citation.journal_abbrev            'Protein Sci.' 
_citation.journal_volume            16 
_citation.page_first                589 
_citation.page_last                 601 
_citation.year                      2007 
_citation.journal_id_ASTM           PRCIEI 
_citation.country                   US 
_citation.journal_id_ISSN           0961-8368 
_citation.journal_id_CSD            0795 
_citation.book_publisher            ? 
_citation.pdbx_database_id_PubMed   17327392 
_citation.pdbx_database_id_DOI      10.1110/ps.062633607 
# 
loop_
_citation_author.citation_id 
_citation_author.name 
_citation_author.ordinal 
_citation_author.identifier_ORCID 
primary 'Stout, J.'         1 ? 
primary 'Van Driessche, G.' 2 ? 
primary 'Savvides, S.N.'    3 ? 
primary 'Van Beeumen, J.'   4 ? 
# 
loop_
_entity.id 
_entity.type 
_entity.src_method 
_entity.pdbx_description 
_entity.formula_weight 
_entity.pdbx_number_of_molecules 
_entity.pdbx_ec 
_entity.pdbx_mutation 
_entity.pdbx_fragment 
_entity.details 
1 polymer     man 'Sulfur covalently-binding protein' 13055.163 2  ? ? ? ? 
2 non-polymer syn 'CHLORIDE ION'                      35.453    1  ? ? ? ? 
3 non-polymer syn 'PHOSPHATE ION'                     94.971    1  ? ? ? ? 
4 non-polymer syn 'NITROGEN MOLECULE'                 28.013    3  ? ? ? ? 
5 water       nat water                               18.015    47 ? ? ? ? 
# 
_entity_poly.entity_id                      1 
_entity_poly.type                           'polypeptide(L)' 
_entity_poly.nstd_linkage                   no 
_entity_poly.nstd_monomer                   no 
_entity_poly.pdbx_seq_one_letter_code       
;MGSWSEKAFSASKLDDAIAAKFGSLPIQESTAIQIKAPEIAENGAFVPVTVATSIPGATNISIFTPANFSPMVASFDVLP
RMKPEVSLRMRMAKTENLVVVVQAGGKLYRAVREVKVTIGGCGG
;
_entity_poly.pdbx_seq_one_letter_code_can   
;MGSWSEKAFSASKLDDAIAAKFGSLPIQESTAIQIKAPEIAENGAFVPVTVATSIPGATNISIFTPANFSPMVASFDVLP
RMKPEVSLRMRMAKTENLVVVVQAGGKLYRAVREVKVTIGGCGG
;
_entity_poly.pdbx_strand_id                 A,B 
_entity_poly.pdbx_target_identifier         ? 
# 
loop_
_pdbx_entity_nonpoly.entity_id 
_pdbx_entity_nonpoly.name 
_pdbx_entity_nonpoly.comp_id 
2 'CHLORIDE ION'      CL  
3 'PHOSPHATE ION'     PO4 
4 'NITROGEN MOLECULE' HDZ 
5 water               HOH 
# 
loop_
_entity_poly_seq.entity_id 
_entity_poly_seq.num 
_entity_poly_seq.mon_id 
_entity_poly_seq.hetero 
1 1   MET n 
1 2   GLY n 
1 3   SER n 
1 4   TRP n 
1 5   SER n 
1 6   GLU n 
1 7   LYS n 
1 8   ALA n 
1 9   PHE n 
1 10  SER n 
1 11  ALA n 
1 12  SER n 
1 13  LYS n 
1 14  LEU n 
1 15  ASP n 
1 16  ASP n 
1 17  ALA n 
1 18  ILE n 
1 19  ALA n 
1 20  ALA n 
1 21  LYS n 
1 22  PHE n 
1 23  GLY n 
1 24  SER n 
1 25  LEU n 
1 26  PRO n 
1 27  ILE n 
1 28  GLN n 
1 29  GLU n 
1 30  SER n 
1 31  THR n 
1 32  ALA n 
1 33  ILE n 
1 34  GLN n 
1 35  ILE n 
1 36  LYS n 
1 37  ALA n 
1 38  PRO n 
1 39  GLU n 
1 40  ILE n 
1 41  ALA n 
1 42  GLU n 
1 43  ASN n 
1 44  GLY n 
1 45  ALA n 
1 46  PHE n 
1 47  VAL n 
1 48  PRO n 
1 49  VAL n 
1 50  THR n 
1 51  VAL n 
1 52  ALA n 
1 53  THR n 
1 54  SER n 
1 55  ILE n 
1 56  PRO n 
1 57  GLY n 
1 58  ALA n 
1 59  THR n 
1 60  ASN n 
1 61  ILE n 
1 62  SER n 
1 63  ILE n 
1 64  PHE n 
1 65  THR n 
1 66  PRO n 
1 67  ALA n 
1 68  ASN n 
1 69  PHE n 
1 70  SER n 
1 71  PRO n 
1 72  MET n 
1 73  VAL n 
1 74  ALA n 
1 75  SER n 
1 76  PHE n 
1 77  ASP n 
1 78  VAL n 
1 79  LEU n 
1 80  PRO n 
1 81  ARG n 
1 82  MET n 
1 83  LYS n 
1 84  PRO n 
1 85  GLU n 
1 86  VAL n 
1 87  SER n 
1 88  LEU n 
1 89  ARG n 
1 90  MET n 
1 91  ARG n 
1 92  MET n 
1 93  ALA n 
1 94  LYS n 
1 95  THR n 
1 96  GLU n 
1 97  ASN n 
1 98  LEU n 
1 99  VAL n 
1 100 VAL n 
1 101 VAL n 
1 102 VAL n 
1 103 GLN n 
1 104 ALA n 
1 105 GLY n 
1 106 GLY n 
1 107 LYS n 
1 108 LEU n 
1 109 TYR n 
1 110 ARG n 
1 111 ALA n 
1 112 VAL n 
1 113 ARG n 
1 114 GLU n 
1 115 VAL n 
1 116 LYS n 
1 117 VAL n 
1 118 THR n 
1 119 ILE n 
1 120 GLY n 
1 121 GLY n 
1 122 CYS n 
1 123 GLY n 
1 124 GLY n 
# 
_entity_src_gen.entity_id                          1 
_entity_src_gen.pdbx_src_id                        1 
_entity_src_gen.pdbx_alt_source_flag               sample 
_entity_src_gen.pdbx_seq_type                      ? 
_entity_src_gen.pdbx_beg_seq_num                   ? 
_entity_src_gen.pdbx_end_seq_num                   ? 
_entity_src_gen.gene_src_common_name               ? 
_entity_src_gen.gene_src_genus                     Chlorobium 
_entity_src_gen.pdbx_gene_src_gene                 ? 
_entity_src_gen.gene_src_species                   ? 
_entity_src_gen.gene_src_strain                    ? 
_entity_src_gen.gene_src_tissue                    ? 
_entity_src_gen.gene_src_tissue_fraction           ? 
_entity_src_gen.gene_src_details                   ? 
_entity_src_gen.pdbx_gene_src_fragment             ? 
_entity_src_gen.pdbx_gene_src_scientific_name      'Chlorobium limicola' 
_entity_src_gen.pdbx_gene_src_ncbi_taxonomy_id     1092 
_entity_src_gen.pdbx_gene_src_variant              ? 
_entity_src_gen.pdbx_gene_src_cell_line            ? 
_entity_src_gen.pdbx_gene_src_atcc                 ? 
_entity_src_gen.pdbx_gene_src_organ                ? 
_entity_src_gen.pdbx_gene_src_organelle            ? 
_entity_src_gen.pdbx_gene_src_cell                 ? 
_entity_src_gen.pdbx_gene_src_cellular_location    ? 
_entity_src_gen.host_org_common_name               ? 
_entity_src_gen.pdbx_host_org_scientific_name      'Escherichia coli' 
_entity_src_gen.pdbx_host_org_ncbi_taxonomy_id     562 
_entity_src_gen.host_org_genus                     Escherichia 
_entity_src_gen.pdbx_host_org_gene                 ? 
_entity_src_gen.pdbx_host_org_organ                ? 
_entity_src_gen.host_org_species                   ? 
_entity_src_gen.pdbx_host_org_tissue               ? 
_entity_src_gen.pdbx_host_org_tissue_fraction      ? 
_entity_src_gen.pdbx_host_org_strain               'C43(DE3)' 
_entity_src_gen.pdbx_host_org_variant              ? 
_entity_src_gen.pdbx_host_org_cell_line            ? 
_entity_src_gen.pdbx_host_org_atcc                 ? 
_entity_src_gen.pdbx_host_org_culture_collection   ? 
_entity_src_gen.pdbx_host_org_cell                 ? 
_entity_src_gen.pdbx_host_org_organelle            ? 
_entity_src_gen.pdbx_host_org_cellular_location    ? 
_entity_src_gen.pdbx_host_org_vector_type          plasmid 
_entity_src_gen.pdbx_host_org_vector               ? 
_entity_src_gen.host_org_details                   ? 
_entity_src_gen.expression_system_id               ? 
_entity_src_gen.plasmid_name                       pET20b 
_entity_src_gen.plasmid_details                    ? 
_entity_src_gen.pdbx_description                   ? 
# 
loop_
_chem_comp.id 
_chem_comp.type 
_chem_comp.mon_nstd_flag 
_chem_comp.name 
_chem_comp.pdbx_synonyms 
_chem_comp.formula 
_chem_comp.formula_weight 
ALA 'L-peptide linking' y ALANINE             ? 'C3 H7 N O2'     89.093  
ARG 'L-peptide linking' y ARGININE            ? 'C6 H15 N4 O2 1' 175.209 
ASN 'L-peptide linking' y ASPARAGINE          ? 'C4 H8 N2 O3'    132.118 
ASP 'L-peptide linking' y 'ASPARTIC ACID'     ? 'C4 H7 N O4'     133.103 
CL  non-polymer         . 'CHLORIDE ION'      ? 'Cl -1'          35.453  
CYS 'L-peptide linking' y CYSTEINE            ? 'C3 H7 N O2 S'   121.158 
GLN 'L-peptide linking' y GLUTAMINE           ? 'C5 H10 N2 O3'   146.144 
GLU 'L-peptide linking' y 'GLUTAMIC ACID'     ? 'C5 H9 N O4'     147.129 
GLY 'peptide linking'   y GLYCINE             ? 'C2 H5 N O2'     75.067  
HDZ non-polymer         . 'NITROGEN MOLECULE' ? N2               28.013  
HOH non-polymer         . WATER               ? 'H2 O'           18.015  
ILE 'L-peptide linking' y ISOLEUCINE          ? 'C6 H13 N O2'    131.173 
LEU 'L-peptide linking' y LEUCINE             ? 'C6 H13 N O2'    131.173 
LYS 'L-peptide linking' y LYSINE              ? 'C6 H15 N2 O2 1' 147.195 
MET 'L-peptide linking' y METHIONINE          ? 'C5 H11 N O2 S'  149.211 
PHE 'L-peptide linking' y PHENYLALANINE       ? 'C9 H11 N O2'    165.189 
PO4 non-polymer         . 'PHOSPHATE ION'     ? 'O4 P -3'        94.971  
PRO 'L-peptide linking' y PROLINE             ? 'C5 H9 N O2'     115.130 
SER 'L-peptide linking' y SERINE              ? 'C3 H7 N O3'     105.093 
THR 'L-peptide linking' y THREONINE           ? 'C4 H9 N O3'     119.119 
TRP 'L-peptide linking' y TRYPTOPHAN          ? 'C11 H12 N2 O2'  204.225 
TYR 'L-peptide linking' y TYROSINE            ? 'C9 H11 N O3'    181.189 
VAL 'L-peptide linking' y VALINE              ? 'C5 H11 N O2'    117.146 
# 
loop_
_pdbx_poly_seq_scheme.asym_id 
_pdbx_poly_seq_scheme.entity_id 
_pdbx_poly_seq_scheme.seq_id 
_pdbx_poly_seq_scheme.mon_id 
_pdbx_poly_seq_scheme.ndb_seq_num 
_pdbx_poly_seq_scheme.pdb_seq_num 
_pdbx_poly_seq_scheme.auth_seq_num 
_pdbx_poly_seq_scheme.pdb_mon_id 
_pdbx_poly_seq_scheme.auth_mon_id 
_pdbx_poly_seq_scheme.pdb_strand_id 
_pdbx_poly_seq_scheme.pdb_ins_code 
_pdbx_poly_seq_scheme.hetero 
A 1 1   MET 1   -1  ?   ?   ?   A . n 
A 1 2   GLY 2   0   ?   ?   ?   A . n 
A 1 3   SER 3   1   ?   ?   ?   A . n 
A 1 4   TRP 4   2   ?   ?   ?   A . n 
A 1 5   SER 5   3   ?   ?   ?   A . n 
A 1 6   GLU 6   4   ?   ?   ?   A . n 
A 1 7   LYS 7   5   ?   ?   ?   A . n 
A 1 8   ALA 8   6   ?   ?   ?   A . n 
A 1 9   PHE 9   7   ?   ?   ?   A . n 
A 1 10  SER 10  8   8   SER SER A . n 
A 1 11  ALA 11  9   9   ALA ALA A . n 
A 1 12  SER 12  10  10  SER SER A . n 
A 1 13  LYS 13  11  11  LYS LYS A . n 
A 1 14  LEU 14  12  12  LEU LEU A . n 
A 1 15  ASP 15  13  13  ASP ASP A . n 
A 1 16  ASP 16  14  14  ASP ASP A . n 
A 1 17  ALA 17  15  15  ALA ALA A . n 
A 1 18  ILE 18  16  16  ILE ILE A . n 
A 1 19  ALA 19  17  17  ALA ALA A . n 
A 1 20  ALA 20  18  18  ALA ALA A . n 
A 1 21  LYS 21  19  19  LYS LYS A . n 
A 1 22  PHE 22  20  20  PHE PHE A . n 
A 1 23  GLY 23  21  21  GLY GLY A . n 
A 1 24  SER 24  22  22  SER SER A . n 
A 1 25  LEU 25  23  23  LEU LEU A . n 
A 1 26  PRO 26  24  24  PRO PRO A . n 
A 1 27  ILE 27  25  25  ILE ILE A . n 
A 1 28  GLN 28  26  26  GLN GLN A . n 
A 1 29  GLU 29  27  27  GLU GLU A . n 
A 1 30  SER 30  28  28  SER SER A . n 
A 1 31  THR 31  29  29  THR THR A . n 
A 1 32  ALA 32  30  30  ALA ALA A . n 
A 1 33  ILE 33  31  31  ILE ILE A . n 
A 1 34  GLN 34  32  32  GLN GLN A . n 
A 1 35  ILE 35  33  33  ILE ILE A . n 
A 1 36  LYS 36  34  34  LYS LYS A . n 
A 1 37  ALA 37  35  35  ALA ALA A . n 
A 1 38  PRO 38  36  36  PRO PRO A . n 
A 1 39  GLU 39  37  37  GLU GLU A . n 
A 1 40  ILE 40  38  38  ILE ILE A . n 
A 1 41  ALA 41  39  39  ALA ALA A . n 
A 1 42  GLU 42  40  40  GLU GLU A . n 
A 1 43  ASN 43  41  41  ASN ASN A . n 
A 1 44  GLY 44  42  42  GLY GLY A . n 
A 1 45  ALA 45  43  43  ALA ALA A . n 
A 1 46  PHE 46  44  44  PHE PHE A . n 
A 1 47  VAL 47  45  45  VAL VAL A . n 
A 1 48  PRO 48  46  46  PRO PRO A . n 
A 1 49  VAL 49  47  47  VAL VAL A . n 
A 1 50  THR 50  48  48  THR THR A . n 
A 1 51  VAL 51  49  49  VAL VAL A . n 
A 1 52  ALA 52  50  50  ALA ALA A . n 
A 1 53  THR 53  51  51  THR THR A . n 
A 1 54  SER 54  52  52  SER SER A . n 
A 1 55  ILE 55  53  53  ILE ILE A . n 
A 1 56  PRO 56  54  54  PRO PRO A . n 
A 1 57  GLY 57  55  55  GLY GLY A . n 
A 1 58  ALA 58  56  56  ALA ALA A . n 
A 1 59  THR 59  57  57  THR THR A . n 
A 1 60  ASN 60  58  58  ASN ASN A . n 
A 1 61  ILE 61  59  59  ILE ILE A . n 
A 1 62  SER 62  60  60  SER SER A . n 
A 1 63  ILE 63  61  61  ILE ILE A . n 
A 1 64  PHE 64  62  62  PHE PHE A . n 
A 1 65  THR 65  63  63  THR THR A . n 
A 1 66  PRO 66  64  64  PRO PRO A . n 
A 1 67  ALA 67  65  65  ALA ALA A . n 
A 1 68  ASN 68  66  66  ASN ASN A . n 
A 1 69  PHE 69  67  67  PHE PHE A . n 
A 1 70  SER 70  68  68  SER SER A . n 
A 1 71  PRO 71  69  69  PRO PRO A . n 
A 1 72  MET 72  70  70  MET MET A . n 
A 1 73  VAL 73  71  71  VAL VAL A . n 
A 1 74  ALA 74  72  72  ALA ALA A . n 
A 1 75  SER 75  73  73  SER SER A . n 
A 1 76  PHE 76  74  74  PHE PHE A . n 
A 1 77  ASP 77  75  75  ASP ASP A . n 
A 1 78  VAL 78  76  76  VAL VAL A . n 
A 1 79  LEU 79  77  77  LEU LEU A . n 
A 1 80  PRO 80  78  78  PRO PRO A . n 
A 1 81  ARG 81  79  79  ARG ARG A . n 
A 1 82  MET 82  80  80  MET MET A . n 
A 1 83  LYS 83  81  81  LYS LYS A . n 
A 1 84  PRO 84  82  82  PRO PRO A . n 
A 1 85  GLU 85  83  83  GLU GLU A . n 
A 1 86  VAL 86  84  84  VAL VAL A . n 
A 1 87  SER 87  85  85  SER SER A . n 
A 1 88  LEU 88  86  86  LEU LEU A . n 
A 1 89  ARG 89  87  87  ARG ARG A . n 
A 1 90  MET 90  88  88  MET MET A . n 
A 1 91  ARG 91  89  89  ARG ARG A . n 
A 1 92  MET 92  90  90  MET MET A . n 
A 1 93  ALA 93  91  91  ALA ALA A . n 
A 1 94  LYS 94  92  92  LYS LYS A . n 
A 1 95  THR 95  93  93  THR THR A . n 
A 1 96  GLU 96  94  94  GLU GLU A . n 
A 1 97  ASN 97  95  95  ASN ASN A . n 
A 1 98  LEU 98  96  96  LEU LEU A . n 
A 1 99  VAL 99  97  97  VAL VAL A . n 
A 1 100 VAL 100 98  98  VAL VAL A . n 
A 1 101 VAL 101 99  99  VAL VAL A . n 
A 1 102 VAL 102 100 100 VAL VAL A . n 
A 1 103 GLN 103 101 101 GLN GLN A . n 
A 1 104 ALA 104 102 102 ALA ALA A . n 
A 1 105 GLY 105 103 103 GLY GLY A . n 
A 1 106 GLY 106 104 104 GLY GLY A . n 
A 1 107 LYS 107 105 105 LYS LYS A . n 
A 1 108 LEU 108 106 106 LEU LEU A . n 
A 1 109 TYR 109 107 107 TYR TYR A . n 
A 1 110 ARG 110 108 108 ARG ARG A . n 
A 1 111 ALA 111 109 109 ALA ALA A . n 
A 1 112 VAL 112 110 110 VAL VAL A . n 
A 1 113 ARG 113 111 111 ARG ARG A . n 
A 1 114 GLU 114 112 112 GLU GLU A . n 
A 1 115 VAL 115 113 113 VAL VAL A . n 
A 1 116 LYS 116 114 114 LYS LYS A . n 
A 1 117 VAL 117 115 115 VAL VAL A . n 
A 1 118 THR 118 116 116 THR THR A . n 
A 1 119 ILE 119 117 117 ILE ILE A . n 
A 1 120 GLY 120 118 ?   ?   ?   A . n 
A 1 121 GLY 121 119 ?   ?   ?   A . n 
A 1 122 CYS 122 120 ?   ?   ?   A . n 
A 1 123 GLY 123 121 ?   ?   ?   A . n 
A 1 124 GLY 124 122 ?   ?   ?   A . n 
B 1 1   MET 1   -1  ?   ?   ?   B . n 
B 1 2   GLY 2   0   ?   ?   ?   B . n 
B 1 3   SER 3   1   1   SER SER B . n 
B 1 4   TRP 4   2   2   TRP TRP B . n 
B 1 5   SER 5   3   3   SER SER B . n 
B 1 6   GLU 6   4   4   GLU GLU B . n 
B 1 7   LYS 7   5   5   LYS LYS B . n 
B 1 8   ALA 8   6   6   ALA ALA B . n 
B 1 9   PHE 9   7   7   PHE PHE B . n 
B 1 10  SER 10  8   8   SER SER B . n 
B 1 11  ALA 11  9   9   ALA ALA B . n 
B 1 12  SER 12  10  10  SER SER B . n 
B 1 13  LYS 13  11  11  LYS LYS B . n 
B 1 14  LEU 14  12  12  LEU LEU B . n 
B 1 15  ASP 15  13  13  ASP ASP B . n 
B 1 16  ASP 16  14  14  ASP ASP B . n 
B 1 17  ALA 17  15  15  ALA ALA B . n 
B 1 18  ILE 18  16  16  ILE ILE B . n 
B 1 19  ALA 19  17  17  ALA ALA B . n 
B 1 20  ALA 20  18  18  ALA ALA B . n 
B 1 21  LYS 21  19  19  LYS LYS B . n 
B 1 22  PHE 22  20  20  PHE PHE B . n 
B 1 23  GLY 23  21  21  GLY GLY B . n 
B 1 24  SER 24  22  22  SER SER B . n 
B 1 25  LEU 25  23  23  LEU LEU B . n 
B 1 26  PRO 26  24  24  PRO PRO B . n 
B 1 27  ILE 27  25  25  ILE ILE B . n 
B 1 28  GLN 28  26  26  GLN GLN B . n 
B 1 29  GLU 29  27  27  GLU GLU B . n 
B 1 30  SER 30  28  28  SER SER B . n 
B 1 31  THR 31  29  29  THR THR B . n 
B 1 32  ALA 32  30  30  ALA ALA B . n 
B 1 33  ILE 33  31  31  ILE ILE B . n 
B 1 34  GLN 34  32  32  GLN GLN B . n 
B 1 35  ILE 35  33  33  ILE ILE B . n 
B 1 36  LYS 36  34  34  LYS LYS B . n 
B 1 37  ALA 37  35  35  ALA ALA B . n 
B 1 38  PRO 38  36  36  PRO PRO B . n 
B 1 39  GLU 39  37  37  GLU GLU B . n 
B 1 40  ILE 40  38  38  ILE ILE B . n 
B 1 41  ALA 41  39  39  ALA ALA B . n 
B 1 42  GLU 42  40  40  GLU GLU B . n 
B 1 43  ASN 43  41  41  ASN ASN B . n 
B 1 44  GLY 44  42  42  GLY GLY B . n 
B 1 45  ALA 45  43  43  ALA ALA B . n 
B 1 46  PHE 46  44  44  PHE PHE B . n 
B 1 47  VAL 47  45  45  VAL VAL B . n 
B 1 48  PRO 48  46  46  PRO PRO B . n 
B 1 49  VAL 49  47  47  VAL VAL B . n 
B 1 50  THR 50  48  48  THR THR B . n 
B 1 51  VAL 51  49  49  VAL VAL B . n 
B 1 52  ALA 52  50  50  ALA ALA B . n 
B 1 53  THR 53  51  51  THR THR B . n 
B 1 54  SER 54  52  52  SER SER B . n 
B 1 55  ILE 55  53  53  ILE ILE B . n 
B 1 56  PRO 56  54  54  PRO PRO B . n 
B 1 57  GLY 57  55  55  GLY GLY B . n 
B 1 58  ALA 58  56  56  ALA ALA B . n 
B 1 59  THR 59  57  57  THR THR B . n 
B 1 60  ASN 60  58  58  ASN ASN B . n 
B 1 61  ILE 61  59  59  ILE ILE B . n 
B 1 62  SER 62  60  60  SER SER B . n 
B 1 63  ILE 63  61  61  ILE ILE B . n 
B 1 64  PHE 64  62  62  PHE PHE B . n 
B 1 65  THR 65  63  63  THR THR B . n 
B 1 66  PRO 66  64  64  PRO PRO B . n 
B 1 67  ALA 67  65  65  ALA ALA B . n 
B 1 68  ASN 68  66  66  ASN ASN B . n 
B 1 69  PHE 69  67  67  PHE PHE B . n 
B 1 70  SER 70  68  68  SER SER B . n 
B 1 71  PRO 71  69  69  PRO PRO B . n 
B 1 72  MET 72  70  70  MET MET B . n 
B 1 73  VAL 73  71  71  VAL VAL B . n 
B 1 74  ALA 74  72  72  ALA ALA B . n 
B 1 75  SER 75  73  73  SER SER B . n 
B 1 76  PHE 76  74  74  PHE PHE B . n 
B 1 77  ASP 77  75  75  ASP ASP B . n 
B 1 78  VAL 78  76  76  VAL VAL B . n 
B 1 79  LEU 79  77  77  LEU LEU B . n 
B 1 80  PRO 80  78  78  PRO PRO B . n 
B 1 81  ARG 81  79  79  ARG ARG B . n 
B 1 82  MET 82  80  80  MET MET B . n 
B 1 83  LYS 83  81  81  LYS LYS B . n 
B 1 84  PRO 84  82  82  PRO PRO B . n 
B 1 85  GLU 85  83  83  GLU GLU B . n 
B 1 86  VAL 86  84  84  VAL VAL B . n 
B 1 87  SER 87  85  85  SER SER B . n 
B 1 88  LEU 88  86  86  LEU LEU B . n 
B 1 89  ARG 89  87  87  ARG ARG B . n 
B 1 90  MET 90  88  88  MET MET B . n 
B 1 91  ARG 91  89  89  ARG ARG B . n 
B 1 92  MET 92  90  90  MET MET B . n 
B 1 93  ALA 93  91  91  ALA ALA B . n 
B 1 94  LYS 94  92  92  LYS LYS B . n 
B 1 95  THR 95  93  93  THR THR B . n 
B 1 96  GLU 96  94  94  GLU GLU B . n 
B 1 97  ASN 97  95  95  ASN ASN B . n 
B 1 98  LEU 98  96  96  LEU LEU B . n 
B 1 99  VAL 99  97  97  VAL VAL B . n 
B 1 100 VAL 100 98  98  VAL VAL B . n 
B 1 101 VAL 101 99  99  VAL VAL B . n 
B 1 102 VAL 102 100 100 VAL VAL B . n 
B 1 103 GLN 103 101 101 GLN GLN B . n 
B 1 104 ALA 104 102 102 ALA ALA B . n 
B 1 105 GLY 105 103 103 GLY GLY B . n 
B 1 106 GLY 106 104 104 GLY GLY B . n 
B 1 107 LYS 107 105 105 LYS LYS B . n 
B 1 108 LEU 108 106 106 LEU LEU B . n 
B 1 109 TYR 109 107 107 TYR TYR B . n 
B 1 110 ARG 110 108 108 ARG ARG B . n 
B 1 111 ALA 111 109 109 ALA ALA B . n 
B 1 112 VAL 112 110 110 VAL VAL B . n 
B 1 113 ARG 113 111 111 ARG ARG B . n 
B 1 114 GLU 114 112 112 GLU GLU B . n 
B 1 115 VAL 115 113 113 VAL VAL B . n 
B 1 116 LYS 116 114 114 LYS LYS B . n 
B 1 117 VAL 117 115 115 VAL VAL B . n 
B 1 118 THR 118 116 ?   ?   ?   B . n 
B 1 119 ILE 119 117 ?   ?   ?   B . n 
B 1 120 GLY 120 118 ?   ?   ?   B . n 
B 1 121 GLY 121 119 ?   ?   ?   B . n 
B 1 122 CYS 122 120 ?   ?   ?   B . n 
B 1 123 GLY 123 121 ?   ?   ?   B . n 
B 1 124 GLY 124 122 ?   ?   ?   B . n 
# 
loop_
_pdbx_nonpoly_scheme.asym_id 
_pdbx_nonpoly_scheme.entity_id 
_pdbx_nonpoly_scheme.mon_id 
_pdbx_nonpoly_scheme.ndb_seq_num 
_pdbx_nonpoly_scheme.pdb_seq_num 
_pdbx_nonpoly_scheme.auth_seq_num 
_pdbx_nonpoly_scheme.pdb_mon_id 
_pdbx_nonpoly_scheme.auth_mon_id 
_pdbx_nonpoly_scheme.pdb_strand_id 
_pdbx_nonpoly_scheme.pdb_ins_code 
C 2 CL  1  123  1  CL  CL  A . 
D 3 PO4 1  1004 4  PO4 PO4 A . 
E 4 HDZ 1  1005 5  HDZ HDZ A . 
F 4 HDZ 1  1006 6  HDZ HDZ A . 
G 4 HDZ 1  1007 7  HDZ HDZ A . 
H 5 HOH 1  1008 4  HOH HOH A . 
H 5 HOH 2  1009 5  HOH HOH A . 
H 5 HOH 3  1010 7  HOH HOH A . 
H 5 HOH 4  1011 8  HOH HOH A . 
H 5 HOH 5  1012 10 HOH HOH A . 
H 5 HOH 6  1013 11 HOH HOH A . 
H 5 HOH 7  1014 12 HOH HOH A . 
H 5 HOH 8  1015 13 HOH HOH A . 
H 5 HOH 9  1016 14 HOH HOH A . 
H 5 HOH 10 1017 15 HOH HOH A . 
H 5 HOH 11 1018 17 HOH HOH A . 
H 5 HOH 12 1019 22 HOH HOH A . 
H 5 HOH 13 1020 26 HOH HOH A . 
H 5 HOH 14 1021 27 HOH HOH A . 
H 5 HOH 15 1022 30 HOH HOH A . 
H 5 HOH 16 1023 35 HOH HOH A . 
H 5 HOH 17 1024 36 HOH HOH A . 
H 5 HOH 18 1025 37 HOH HOH A . 
H 5 HOH 19 1026 38 HOH HOH A . 
H 5 HOH 20 1027 40 HOH HOH A . 
H 5 HOH 21 1028 41 HOH HOH A . 
H 5 HOH 22 1029 45 HOH HOH A . 
H 5 HOH 23 1030 49 HOH HOH A . 
H 5 HOH 24 1031 50 HOH HOH A . 
H 5 HOH 25 1032 51 HOH HOH A . 
H 5 HOH 26 1033 52 HOH HOH A . 
H 5 HOH 27 1034 53 HOH HOH A . 
H 5 HOH 28 1035 55 HOH HOH A . 
H 5 HOH 29 1036 57 HOH HOH A . 
H 5 HOH 30 1037 60 HOH HOH A . 
H 5 HOH 31 1038 70 HOH HOH A . 
H 5 HOH 32 1039 72 HOH HOH A . 
I 5 HOH 1  123  3  HOH HOH B . 
I 5 HOH 2  124  9  HOH HOH B . 
I 5 HOH 3  125  16 HOH HOH B . 
I 5 HOH 4  126  18 HOH HOH B . 
I 5 HOH 5  127  19 HOH HOH B . 
I 5 HOH 6  128  24 HOH HOH B . 
I 5 HOH 7  129  25 HOH HOH B . 
I 5 HOH 8  130  29 HOH HOH B . 
I 5 HOH 9  131  31 HOH HOH B . 
I 5 HOH 10 132  33 HOH HOH B . 
I 5 HOH 11 133  43 HOH HOH B . 
I 5 HOH 12 134  54 HOH HOH B . 
I 5 HOH 13 135  58 HOH HOH B . 
I 5 HOH 14 136  61 HOH HOH B . 
I 5 HOH 15 137  71 HOH HOH B . 
# 
loop_
_pdbx_unobs_or_zero_occ_atoms.id 
_pdbx_unobs_or_zero_occ_atoms.PDB_model_num 
_pdbx_unobs_or_zero_occ_atoms.polymer_flag 
_pdbx_unobs_or_zero_occ_atoms.occupancy_flag 
_pdbx_unobs_or_zero_occ_atoms.auth_asym_id 
_pdbx_unobs_or_zero_occ_atoms.auth_comp_id 
_pdbx_unobs_or_zero_occ_atoms.auth_seq_id 
_pdbx_unobs_or_zero_occ_atoms.PDB_ins_code 
_pdbx_unobs_or_zero_occ_atoms.auth_atom_id 
_pdbx_unobs_or_zero_occ_atoms.label_alt_id 
_pdbx_unobs_or_zero_occ_atoms.label_asym_id 
_pdbx_unobs_or_zero_occ_atoms.label_comp_id 
_pdbx_unobs_or_zero_occ_atoms.label_seq_id 
_pdbx_unobs_or_zero_occ_atoms.label_atom_id 
1  1 Y 1 A LYS 11  ? CE  ? A LYS 13  CE  
2  1 Y 1 A LYS 11  ? NZ  ? A LYS 13  NZ  
3  1 Y 1 A LYS 34  ? CE  ? A LYS 36  CE  
4  1 Y 1 A LYS 34  ? NZ  ? A LYS 36  NZ  
5  1 Y 1 A ILE 38  ? CD1 ? A ILE 40  CD1 
6  1 Y 1 A ARG 79  ? CG  ? A ARG 81  CG  
7  1 Y 1 A ARG 79  ? CD  ? A ARG 81  CD  
8  1 Y 1 A ARG 79  ? NE  ? A ARG 81  NE  
9  1 Y 1 A ARG 79  ? CZ  ? A ARG 81  CZ  
10 1 Y 1 A ARG 79  ? NH1 ? A ARG 81  NH1 
11 1 Y 1 A ARG 79  ? NH2 ? A ARG 81  NH2 
12 1 Y 1 A LYS 92  ? NZ  ? A LYS 94  NZ  
13 1 Y 1 A LYS 105 ? CD  ? A LYS 107 CD  
14 1 Y 1 A LYS 105 ? CE  ? A LYS 107 CE  
15 1 Y 1 A LYS 105 ? NZ  ? A LYS 107 NZ  
16 1 Y 1 A ILE 117 ? CD1 ? A ILE 119 CD1 
17 1 Y 1 B GLU 4   ? CG  ? B GLU 6   CG  
18 1 Y 1 B GLU 4   ? CD  ? B GLU 6   CD  
19 1 Y 1 B GLU 4   ? OE1 ? B GLU 6   OE1 
20 1 Y 1 B GLU 4   ? OE2 ? B GLU 6   OE2 
21 1 Y 1 B LYS 5   ? CE  ? B LYS 7   CE  
22 1 Y 1 B LYS 5   ? NZ  ? B LYS 7   NZ  
23 1 Y 1 B LYS 11  ? CE  ? B LYS 13  CE  
24 1 Y 1 B LYS 11  ? NZ  ? B LYS 13  NZ  
25 1 Y 1 B ILE 25  ? CD1 ? B ILE 27  CD1 
26 1 Y 1 B LYS 34  ? CE  ? B LYS 36  CE  
27 1 Y 1 B LYS 34  ? NZ  ? B LYS 36  NZ  
28 1 Y 1 B GLU 37  ? CG  ? B GLU 39  CG  
29 1 Y 1 B GLU 37  ? CD  ? B GLU 39  CD  
30 1 Y 1 B GLU 37  ? OE1 ? B GLU 39  OE1 
31 1 Y 1 B GLU 37  ? OE2 ? B GLU 39  OE2 
32 1 Y 1 B ILE 38  ? CD1 ? B ILE 40  CD1 
33 1 Y 1 B GLU 40  ? CG  ? B GLU 42  CG  
34 1 Y 1 B GLU 40  ? CD  ? B GLU 42  CD  
35 1 Y 1 B GLU 40  ? OE1 ? B GLU 42  OE1 
36 1 Y 1 B GLU 40  ? OE2 ? B GLU 42  OE2 
37 1 Y 1 B ASN 41  ? CG  ? B ASN 43  CG  
38 1 Y 1 B ASN 41  ? OD1 ? B ASN 43  OD1 
39 1 Y 1 B ASN 41  ? ND2 ? B ASN 43  ND2 
40 1 Y 1 B PHE 67  ? CG  ? B PHE 69  CG  
41 1 Y 1 B PHE 67  ? CD1 ? B PHE 69  CD1 
42 1 Y 1 B PHE 67  ? CD2 ? B PHE 69  CD2 
43 1 Y 1 B PHE 67  ? CE1 ? B PHE 69  CE1 
44 1 Y 1 B PHE 67  ? CE2 ? B PHE 69  CE2 
45 1 Y 1 B PHE 67  ? CZ  ? B PHE 69  CZ  
46 1 Y 1 B ARG 79  ? CD  ? B ARG 81  CD  
47 1 Y 1 B ARG 79  ? NE  ? B ARG 81  NE  
48 1 Y 1 B ARG 79  ? CZ  ? B ARG 81  CZ  
49 1 Y 1 B ARG 79  ? NH1 ? B ARG 81  NH1 
50 1 Y 1 B ARG 79  ? NH2 ? B ARG 81  NH2 
51 1 Y 1 B ARG 87  ? NE  ? B ARG 89  NE  
52 1 Y 1 B ARG 87  ? CZ  ? B ARG 89  CZ  
53 1 Y 1 B ARG 87  ? NH1 ? B ARG 89  NH1 
54 1 Y 1 B ARG 87  ? NH2 ? B ARG 89  NH2 
55 1 Y 1 B ARG 89  ? CG  ? B ARG 91  CG  
56 1 Y 1 B ARG 89  ? CD  ? B ARG 91  CD  
57 1 Y 1 B ARG 89  ? NE  ? B ARG 91  NE  
58 1 Y 1 B ARG 89  ? CZ  ? B ARG 91  CZ  
59 1 Y 1 B ARG 89  ? NH1 ? B ARG 91  NH1 
60 1 Y 1 B ARG 89  ? NH2 ? B ARG 91  NH2 
61 1 Y 1 B LYS 92  ? CG  ? B LYS 94  CG  
62 1 Y 1 B LYS 92  ? CD  ? B LYS 94  CD  
63 1 Y 1 B LYS 92  ? CE  ? B LYS 94  CE  
64 1 Y 1 B LYS 92  ? NZ  ? B LYS 94  NZ  
65 1 Y 1 B LYS 114 ? CG  ? B LYS 116 CG  
66 1 Y 1 B LYS 114 ? CD  ? B LYS 116 CD  
67 1 Y 1 B LYS 114 ? CE  ? B LYS 116 CE  
68 1 Y 1 B LYS 114 ? NZ  ? B LYS 116 NZ  
69 1 Y 1 B VAL 115 ? CG1 ? B VAL 117 CG1 
70 1 Y 1 B VAL 115 ? CG2 ? B VAL 117 CG2 
# 
loop_
_software.name 
_software.version 
_software.date 
_software.type 
_software.contact_author 
_software.contact_author_email 
_software.classification 
_software.location 
_software.language 
_software.citation_id 
_software.pdbx_ordinal 
SOLVE       2.08   14-Sept-2004    program 'Tom Terwilliger'   terwilliger@LANL.gov     phasing           
http://www.solve.lanl.gov/       ?       ? 1 
RESOLVE     .      ?               program 'Terwilliger, T. C' terwilliger@LANL.gov     phasing           
http://www.solve.lanl.gov/       ?       ? 2 
REFMAC      .      ?               program 'Murshudov, G.N.'   ccp4@dl.ac.uk            refinement        
http://www.ccp4.ac.uk/main.html  Fortran ? 3 
PDB_EXTRACT 1.401  'March 3, 2004' program H.Yang              sw-help@rcsb.rutgers.edu 'data extraction' 
http://pdb.rutgers.edu/software/ C/C++   ? 4 
MAR345      345DTB ?               ?       ?                   ?                        'data collection' ? ?       ? 5 
DENZO       .      ?               ?       ?                   ?                        'data reduction'  ? ?       ? 6 
SCALEPACK   .      ?               ?       ?                   ?                        'data scaling'    ? ?       ? 7 
# 
_cell.length_a           40.725 
_cell.length_b           120.114 
_cell.length_c           95.303 
_cell.angle_alpha        90.00 
_cell.angle_beta         90.00 
_cell.angle_gamma        90.00 
_cell.entry_id           2NNC 
_cell.pdbx_unique_axis   ? 
_cell.Z_PDB              16 
_cell.length_a_esd       ? 
_cell.length_b_esd       ? 
_cell.length_c_esd       ? 
_cell.angle_alpha_esd    ? 
_cell.angle_beta_esd     ? 
_cell.angle_gamma_esd    ? 
# 
_symmetry.space_group_name_H-M             'C 2 2 21' 
_symmetry.Int_Tables_number                20 
_symmetry.entry_id                         2NNC 
_symmetry.pdbx_full_space_group_name_H-M   ? 
_symmetry.cell_setting                     ? 
_symmetry.space_group_name_Hall            ? 
# 
_exptl.crystals_number   2 
_exptl.method            'X-RAY DIFFRACTION' 
_exptl.entry_id          2NNC 
# 
loop_
_exptl_crystal.id 
_exptl_crystal.density_percent_sol 
_exptl_crystal.density_Matthews 
_exptl_crystal.density_meas 
_exptl_crystal.description 
_exptl_crystal.F_000 
_exptl_crystal.preparation 
1 42.8 2.23 ? ? ? ? 
2 47.0 2.41 ? ? ? ? 
# 
_exptl_crystal_grow.crystal_id      1 
_exptl_crystal_grow.method          'VAPOR DIFFUSION, HANGING DROP' 
_exptl_crystal_grow.pH              4.0 
_exptl_crystal_grow.temp            294 
_exptl_crystal_grow.pdbx_details    
'Ammonium phosphate, sodium acetate, DTT, pH 4.0, VAPOR DIFFUSION, HANGING DROP, temperature 294K' 
_exptl_crystal_grow.temp_details    ? 
_exptl_crystal_grow.pdbx_pH_range   . 
# 
loop_
_diffrn.id 
_diffrn.ambient_temp 
_diffrn.ambient_temp_details 
_diffrn.crystal_id 
1   100 ? 1 
2   293 ? 1 
1,2 ?   ? 1 
# 
loop_
_diffrn_detector.diffrn_id 
_diffrn_detector.detector 
_diffrn_detector.type 
_diffrn_detector.pdbx_collection_date 
_diffrn_detector.details 
1 CCD MARRESEARCH 2005-02-02 ? 
2 CCD MARRESEARCH 2005-05-26 ? 
# 
loop_
_diffrn_radiation.diffrn_id 
_diffrn_radiation.pdbx_diffrn_protocol 
_diffrn_radiation.wavelength_id 
_diffrn_radiation.monochromator 
_diffrn_radiation.pdbx_monochromatic_or_laue_m_l 
_diffrn_radiation.pdbx_scattering_type 
1 'SINGLE WAVELENGTH' 1 ? ? x-ray 
2 'SINGLE WAVELENGTH' 1 ? ? x-ray 
# 
loop_
_diffrn_radiation_wavelength.id 
_diffrn_radiation_wavelength.wavelength 
_diffrn_radiation_wavelength.wt 
1 1.06 1.0 
2 1.04 1.0 
# 
loop_
_diffrn_source.diffrn_id 
_diffrn_source.source 
_diffrn_source.type 
_diffrn_source.pdbx_wavelength_list 
_diffrn_source.pdbx_wavelength 
_diffrn_source.pdbx_synchrotron_site 
_diffrn_source.pdbx_synchrotron_beamline 
1 SYNCHROTRON 'EMBL/DESY, HAMBURG BEAMLINE BW7A' 1.06 ? 'EMBL/DESY, HAMBURG' BW7A 
2 SYNCHROTRON 'EMBL/DESY, HAMBURG BEAMLINE BW7A' 1.04 ? 'EMBL/DESY, HAMBURG' BW7A 
# 
_reflns.entry_id                     2NNC 
_reflns.observed_criterion_sigma_F   ? 
_reflns.observed_criterion_sigma_I   5.6 
_reflns.d_resolution_high            2.14 
_reflns.d_resolution_low             99.0 
_reflns.number_all                   ? 
_reflns.number_obs                   13122 
_reflns.percent_possible_obs         98.1 
_reflns.pdbx_Rmerge_I_obs            0.055 
_reflns.pdbx_Rsym_value              ? 
_reflns.pdbx_netI_over_sigmaI        33.4 
_reflns.B_iso_Wilson_estimate        ? 
_reflns.pdbx_redundancy              7.81 
_reflns.R_free_details               ? 
_reflns.limit_h_max                  ? 
_reflns.limit_h_min                  ? 
_reflns.limit_k_max                  ? 
_reflns.limit_k_min                  ? 
_reflns.limit_l_max                  ? 
_reflns.limit_l_min                  ? 
_reflns.observed_criterion_F_max     ? 
_reflns.observed_criterion_F_min     ? 
_reflns.pdbx_chi_squared             ? 
_reflns.pdbx_scaling_rejects         ? 
_reflns.pdbx_ordinal                 1 
_reflns.pdbx_diffrn_id               1,2 
# 
_reflns_shell.d_res_high             2.14 
_reflns_shell.d_res_low              2.20 
_reflns_shell.percent_possible_obs   ? 
_reflns_shell.percent_possible_all   97.8 
_reflns_shell.Rmerge_I_obs           0.393 
_reflns_shell.meanI_over_sigI_obs    5.6 
_reflns_shell.pdbx_Rsym_value        ? 
_reflns_shell.pdbx_redundancy        ? 
_reflns_shell.number_unique_all      831 
_reflns_shell.number_measured_all    ? 
_reflns_shell.number_measured_obs    ? 
_reflns_shell.number_unique_obs      ? 
_reflns_shell.pdbx_chi_squared       ? 
_reflns_shell.pdbx_ordinal           1 
_reflns_shell.pdbx_diffrn_id         1,2 
# 
_refine.ls_d_res_high                            2.140 
_refine.ls_d_res_low                             20.000 
_refine.pdbx_ls_sigma_F                          ? 
_refine.ls_percent_reflns_obs                    94.380 
_refine.ls_number_reflns_obs                     12527 
_refine.pdbx_ls_cross_valid_method               THROUGHOUT 
_refine.pdbx_R_Free_selection_details            RANDOM 
_refine.ls_R_factor_all                          0.218 
_refine.ls_R_factor_R_work                       0.216 
_refine.ls_R_factor_R_free                       0.256 
_refine.ls_percent_reflns_R_free                 4.900 
_refine.ls_number_reflns_R_free                  619 
_refine.B_iso_mean                               45.075 
_refine.aniso_B[1][1]                            -1.350 
_refine.aniso_B[2][2]                            1.140 
_refine.aniso_B[3][3]                            0.220 
_refine.aniso_B[1][2]                            0.000 
_refine.aniso_B[1][3]                            0.000 
_refine.aniso_B[2][3]                            0.000 
_refine.correlation_coeff_Fo_to_Fc               0.947 
_refine.correlation_coeff_Fo_to_Fc_free          0.934 
_refine.overall_SU_R_Cruickshank_DPI             0.272 
_refine.pdbx_overall_ESU_R_Free                  0.213 
_refine.overall_SU_ML                            0.189 
_refine.overall_SU_B                             14.828 
_refine.solvent_model_details                    'BABINET MODEL WITH MASK' 
_refine.pdbx_solvent_vdw_probe_radii             1.200 
_refine.pdbx_solvent_ion_probe_radii             0.800 
_refine.pdbx_solvent_shrinkage_radii             0.800 
_refine.entry_id                                 2NNC 
_refine.pdbx_ls_sigma_I                          ? 
_refine.ls_number_reflns_all                     ? 
_refine.ls_R_factor_obs                          ? 
_refine.ls_redundancy_reflns_obs                 ? 
_refine.pdbx_data_cutoff_high_absF               ? 
_refine.pdbx_data_cutoff_low_absF                ? 
_refine.ls_number_parameters                     ? 
_refine.ls_number_restraints                     ? 
_refine.ls_R_factor_R_free_error                 ? 
_refine.ls_R_factor_R_free_error_details         ? 
_refine.pdbx_method_to_determine_struct          MIR 
_refine.pdbx_starting_model                      ? 
_refine.pdbx_stereochem_target_val_spec_case     ? 
_refine.pdbx_stereochemistry_target_values       'Engh & Huber' 
_refine.solvent_model_param_bsol                 ? 
_refine.solvent_model_param_ksol                 ? 
_refine.occupancy_max                            ? 
_refine.occupancy_min                            ? 
_refine.pdbx_isotropic_thermal_model             ? 
_refine.details                                  ? 
_refine.B_iso_min                                ? 
_refine.B_iso_max                                ? 
_refine.overall_SU_R_free                        ? 
_refine.pdbx_data_cutoff_high_rms_absF           ? 
_refine.pdbx_overall_ESU_R                       ? 
_refine.ls_wR_factor_R_free                      ? 
_refine.ls_wR_factor_R_work                      ? 
_refine.overall_FOM_free_R_set                   ? 
_refine.overall_FOM_work_R_set                   ? 
_refine.pdbx_refine_id                           'X-RAY DIFFRACTION' 
_refine.pdbx_TLS_residual_ADP_flag               'LIKELY RESIDUAL' 
_refine.pdbx_diffrn_id                           1 
_refine.pdbx_overall_phase_error                 ? 
_refine.pdbx_overall_SU_R_free_Cruickshank_DPI   ? 
_refine.pdbx_overall_SU_R_Blow_DPI               ? 
_refine.pdbx_overall_SU_R_free_Blow_DPI          ? 
# 
_refine_hist.pdbx_refine_id                   'X-RAY DIFFRACTION' 
_refine_hist.cycle_id                         LAST 
_refine_hist.pdbx_number_atoms_protein        1613 
_refine_hist.pdbx_number_atoms_nucleic_acid   0 
_refine_hist.pdbx_number_atoms_ligand         12 
_refine_hist.number_atoms_solvent             47 
_refine_hist.number_atoms_total               1672 
_refine_hist.d_res_high                       2.140 
_refine_hist.d_res_low                        20.000 
# 
loop_
_refine_ls_restr.type 
_refine_ls_restr.number 
_refine_ls_restr.dev_ideal 
_refine_ls_restr.weight 
_refine_ls_restr.dev_ideal_target 
_refine_ls_restr.pdbx_refine_id 
_refine_ls_restr.pdbx_restraint_function 
r_bond_refined_d         1648 0.011  0.022  ? 'X-RAY DIFFRACTION' ? 
r_bond_other_d           1576 0.001  0.020  ? 'X-RAY DIFFRACTION' ? 
r_angle_refined_deg      2248 1.317  1.975  ? 'X-RAY DIFFRACTION' ? 
r_angle_other_deg        3637 0.717  3.000  ? 'X-RAY DIFFRACTION' ? 
r_dihedral_angle_1_deg   223  6.364  5.000  ? 'X-RAY DIFFRACTION' ? 
r_dihedral_angle_2_deg   48   40.415 24.792 ? 'X-RAY DIFFRACTION' ? 
r_dihedral_angle_3_deg   253  13.338 15.000 ? 'X-RAY DIFFRACTION' ? 
r_dihedral_angle_4_deg   6    19.826 15.000 ? 'X-RAY DIFFRACTION' ? 
r_chiral_restr           282  0.069  0.200  ? 'X-RAY DIFFRACTION' ? 
r_gen_planes_refined     1819 0.004  0.020  ? 'X-RAY DIFFRACTION' ? 
r_gen_planes_other       294  0.001  0.020  ? 'X-RAY DIFFRACTION' ? 
r_nbd_refined            276  0.179  0.200  ? 'X-RAY DIFFRACTION' ? 
r_nbd_other              1454 0.192  0.200  ? 'X-RAY DIFFRACTION' ? 
r_nbtor_refined          789  0.171  0.200  ? 'X-RAY DIFFRACTION' ? 
r_nbtor_other            987  0.086  0.200  ? 'X-RAY DIFFRACTION' ? 
r_xyhbond_nbd_refined    45   0.138  0.200  ? 'X-RAY DIFFRACTION' ? 
r_symmetry_vdw_refined   10   0.130  0.200  ? 'X-RAY DIFFRACTION' ? 
r_symmetry_vdw_other     43   0.189  0.200  ? 'X-RAY DIFFRACTION' ? 
r_symmetry_hbond_refined 1    0.039  0.200  ? 'X-RAY DIFFRACTION' ? 
r_mcbond_it              1165 0.571  1.500  ? 'X-RAY DIFFRACTION' ? 
r_mcbond_other           448  0.118  1.500  ? 'X-RAY DIFFRACTION' ? 
r_mcangle_it             1826 0.788  2.000  ? 'X-RAY DIFFRACTION' ? 
r_scbond_it              546  1.354  3.000  ? 'X-RAY DIFFRACTION' ? 
r_scangle_it             422  2.155  4.500  ? 'X-RAY DIFFRACTION' ? 
# 
_refine_ls_shell.d_res_high                       2.141 
_refine_ls_shell.d_res_low                        2.196 
_refine_ls_shell.pdbx_total_number_of_bins_used   20 
_refine_ls_shell.percent_reflns_obs               33.090 
_refine_ls_shell.number_reflns_R_work             302 
_refine_ls_shell.R_factor_R_work                  0.257 
_refine_ls_shell.R_factor_R_free                  0.281 
_refine_ls_shell.percent_reflns_R_free            ? 
_refine_ls_shell.number_reflns_R_free             16 
_refine_ls_shell.R_factor_R_free_error            ? 
_refine_ls_shell.number_reflns_obs                ? 
_refine_ls_shell.redundancy_reflns_obs            ? 
_refine_ls_shell.number_reflns_all                ? 
_refine_ls_shell.R_factor_all                     ? 
_refine_ls_shell.pdbx_refine_id                   'X-RAY DIFFRACTION' 
# 
_struct.entry_id                  2NNC 
_struct.title                     'Structure of the sulfur carrier protein SoxY from Chlorobium limicola f thiosulfatophilum' 
_struct.pdbx_model_details        ? 
_struct.pdbx_CASP_flag            ? 
_struct.pdbx_model_type_details   ? 
# 
_struct_keywords.text            'sulfur binding protein, SoxY, beta sandwich, green sulfur bacterium, LIGAND BINDING PROTEIN' 
_struct_keywords.entry_id        2NNC 
_struct_keywords.pdbx_keywords   'LIGAND BINDING PROTEIN' 
# 
loop_
_struct_asym.id 
_struct_asym.pdbx_blank_PDB_chainid_flag 
_struct_asym.pdbx_modified 
_struct_asym.entity_id 
_struct_asym.details 
A N N 1 ? 
B N N 1 ? 
C N N 2 ? 
D N N 3 ? 
E N N 4 ? 
F N N 4 ? 
G N N 4 ? 
H N N 5 ? 
I N N 5 ? 
# 
_struct_ref.id                         1 
_struct_ref.db_name                    UNP 
_struct_ref.db_code                    Q8RLX2_CHLLI 
_struct_ref.pdbx_db_accession          Q8RLX2 
_struct_ref.entity_id                  1 
_struct_ref.pdbx_seq_one_letter_code   
;SWSEKAFSASKLDEAIAAKFGSLPIQESTAIQIKAPEIAENGAFVPVTVATSIPGATNISIFTPANFSPMVASFDVLPRM
KPEVSLRMRMAKTENLVVVVQAGGKLYRAVREVKVTIGGCGG
;
_struct_ref.pdbx_align_begin           33 
_struct_ref.pdbx_db_isoform            ? 
# 
loop_
_struct_ref_seq.align_id 
_struct_ref_seq.ref_id 
_struct_ref_seq.pdbx_PDB_id_code 
_struct_ref_seq.pdbx_strand_id 
_struct_ref_seq.seq_align_beg 
_struct_ref_seq.pdbx_seq_align_beg_ins_code 
_struct_ref_seq.seq_align_end 
_struct_ref_seq.pdbx_seq_align_end_ins_code 
_struct_ref_seq.pdbx_db_accession 
_struct_ref_seq.db_align_beg 
_struct_ref_seq.pdbx_db_align_beg_ins_code 
_struct_ref_seq.db_align_end 
_struct_ref_seq.pdbx_db_align_end_ins_code 
_struct_ref_seq.pdbx_auth_seq_align_beg 
_struct_ref_seq.pdbx_auth_seq_align_end 
1 1 2NNC A 3 ? 124 ? Q8RLX2 33 ? 154 ? 1 122 
2 1 2NNC B 3 ? 124 ? Q8RLX2 33 ? 154 ? 1 122 
# 
loop_
_struct_ref_seq_dif.align_id 
_struct_ref_seq_dif.pdbx_pdb_id_code 
_struct_ref_seq_dif.mon_id 
_struct_ref_seq_dif.pdbx_pdb_strand_id 
_struct_ref_seq_dif.seq_num 
_struct_ref_seq_dif.pdbx_pdb_ins_code 
_struct_ref_seq_dif.pdbx_seq_db_name 
_struct_ref_seq_dif.pdbx_seq_db_accession_code 
_struct_ref_seq_dif.db_mon_id 
_struct_ref_seq_dif.pdbx_seq_db_seq_num 
_struct_ref_seq_dif.details 
_struct_ref_seq_dif.pdbx_auth_seq_num 
_struct_ref_seq_dif.pdbx_ordinal 
1 2NNC MET A 1  ? UNP Q8RLX2 ?   ?  'cloning artifact' -1 1 
1 2NNC GLY A 2  ? UNP Q8RLX2 ?   ?  'cloning artifact' 0  2 
1 2NNC ASP A 16 ? UNP Q8RLX2 GLU 46 'SEE REMARK 999'   14 3 
2 2NNC MET B 1  ? UNP Q8RLX2 ?   ?  'cloning artifact' -1 4 
2 2NNC GLY B 2  ? UNP Q8RLX2 ?   ?  'cloning artifact' 0  5 
2 2NNC ASP B 16 ? UNP Q8RLX2 GLU 46 'SEE REMARK 999'   14 6 
# 
_pdbx_struct_assembly.id                   1 
_pdbx_struct_assembly.details              author_defined_assembly 
_pdbx_struct_assembly.method_details       ? 
_pdbx_struct_assembly.oligomeric_details   tetrameric 
_pdbx_struct_assembly.oligomeric_count     4 
# 
_pdbx_struct_assembly_gen.assembly_id       1 
_pdbx_struct_assembly_gen.oper_expression   1,2 
_pdbx_struct_assembly_gen.asym_id_list      A,B,C,D,E,F,G,H,I 
# 
loop_
_pdbx_struct_oper_list.id 
_pdbx_struct_oper_list.type 
_pdbx_struct_oper_list.name 
_pdbx_struct_oper_list.symmetry_operation 
_pdbx_struct_oper_list.matrix[1][1] 
_pdbx_struct_oper_list.matrix[1][2] 
_pdbx_struct_oper_list.matrix[1][3] 
_pdbx_struct_oper_list.vector[1] 
_pdbx_struct_oper_list.matrix[2][1] 
_pdbx_struct_oper_list.matrix[2][2] 
_pdbx_struct_oper_list.matrix[2][3] 
_pdbx_struct_oper_list.vector[2] 
_pdbx_struct_oper_list.matrix[3][1] 
_pdbx_struct_oper_list.matrix[3][2] 
_pdbx_struct_oper_list.matrix[3][3] 
_pdbx_struct_oper_list.vector[3] 
1 'identity operation'         1_555 x,y,z       1.0000000000 0.0000000000  0.0000000000  0.0000000000  0.0000000000  1.0000000000  0.0000000000 0.0000000000  0.0000000000  0.0000000000 1.0000000000  0.0000000000  
2 'crystal symmetry operation' 4_566 x,-y+1,-z+1 0.0635097109 -0.9712187041 -0.2295664293 21.3129285812 -0.9712187041 -0.1130633209 0.2096447336 20.2535144020 -0.2295664293 0.2096447336 -0.9504463900 13.0503162505 
# 
_struct_biol.id   1 
# 
loop_
_struct_conf.conf_type_id 
_struct_conf.id 
_struct_conf.pdbx_PDB_helix_id 
_struct_conf.beg_label_comp_id 
_struct_conf.beg_label_asym_id 
_struct_conf.beg_label_seq_id 
_struct_conf.pdbx_beg_PDB_ins_code 
_struct_conf.end_label_comp_id 
_struct_conf.end_label_asym_id 
_struct_conf.end_label_seq_id 
_struct_conf.pdbx_end_PDB_ins_code 
_struct_conf.beg_auth_comp_id 
_struct_conf.beg_auth_asym_id 
_struct_conf.beg_auth_seq_id 
_struct_conf.end_auth_comp_id 
_struct_conf.end_auth_asym_id 
_struct_conf.end_auth_seq_id 
_struct_conf.pdbx_PDB_helix_class 
_struct_conf.details 
_struct_conf.pdbx_PDB_helix_length 
HELX_P HELX_P1 1 SER A 10 ? GLY A 23 ? SER A 8 GLY A 21 1 ? 14 
HELX_P HELX_P2 2 SER B 3  ? GLY B 23 ? SER B 1 GLY B 21 1 ? 21 
# 
_struct_conf_type.id          HELX_P 
_struct_conf_type.criteria    ? 
_struct_conf_type.reference   ? 
# 
loop_
_struct_sheet.id 
_struct_sheet.type 
_struct_sheet.number_strands 
_struct_sheet.details 
A ? 3  ? 
B ? 10 ? 
C ? 6  ? 
# 
loop_
_struct_sheet_order.sheet_id 
_struct_sheet_order.range_id_1 
_struct_sheet_order.range_id_2 
_struct_sheet_order.offset 
_struct_sheet_order.sense 
A 1 2  ? parallel      
A 2 3  ? parallel      
B 1 2  ? parallel      
B 2 3  ? anti-parallel 
B 3 4  ? anti-parallel 
B 4 5  ? anti-parallel 
B 5 6  ? anti-parallel 
B 6 7  ? anti-parallel 
B 7 8  ? anti-parallel 
B 8 9  ? anti-parallel 
B 9 10 ? parallel      
C 1 2  ? anti-parallel 
C 2 3  ? anti-parallel 
C 3 4  ? anti-parallel 
C 4 5  ? anti-parallel 
C 5 6  ? anti-parallel 
# 
loop_
_struct_sheet_range.sheet_id 
_struct_sheet_range.id 
_struct_sheet_range.beg_label_comp_id 
_struct_sheet_range.beg_label_asym_id 
_struct_sheet_range.beg_label_seq_id 
_struct_sheet_range.pdbx_beg_PDB_ins_code 
_struct_sheet_range.end_label_comp_id 
_struct_sheet_range.end_label_asym_id 
_struct_sheet_range.end_label_seq_id 
_struct_sheet_range.pdbx_end_PDB_ins_code 
_struct_sheet_range.beg_auth_comp_id 
_struct_sheet_range.beg_auth_asym_id 
_struct_sheet_range.beg_auth_seq_id 
_struct_sheet_range.end_auth_comp_id 
_struct_sheet_range.end_auth_asym_id 
_struct_sheet_range.end_auth_seq_id 
A 1  ILE A 27  ? GLU A 29  ? ILE A 25  GLU A 27  
A 2  LYS A 107 ? VAL A 117 ? LYS A 105 VAL A 115 
A 3  ILE A 40  ? ALA A 41  ? ILE A 38  ALA A 39  
B 1  ILE A 27  ? GLU A 29  ? ILE A 25  GLU A 27  
B 2  LYS A 107 ? VAL A 117 ? LYS A 105 VAL A 115 
B 3  GLU A 96  ? ALA A 104 ? GLU A 94  ALA A 102 
B 4  ALA A 58  ? PHE A 64  ? ALA A 56  PHE A 62  
B 5  MET A 72  ? VAL A 78  ? MET A 70  VAL A 76  
B 6  MET B 72  ? VAL B 78  ? MET B 70  VAL B 76  
B 7  ALA B 58  ? PHE B 64  ? ALA B 56  PHE B 62  
B 8  GLU B 96  ? ALA B 104 ? GLU B 94  ALA B 102 
B 9  LYS B 107 ? VAL B 115 ? LYS B 105 VAL B 113 
B 10 ILE B 27  ? GLU B 29  ? ILE B 25  GLU B 27  
C 1  ILE A 33  ? LYS A 36  ? ILE A 31  LYS A 34  
C 2  PHE A 46  ? THR A 53  ? PHE A 44  THR A 51  
C 3  GLU A 85  ? ARG A 91  ? GLU A 83  ARG A 89  
C 4  GLU B 85  ? ARG B 91  ? GLU B 83  ARG B 89  
C 5  PHE B 46  ? THR B 53  ? PHE B 44  THR B 51  
C 6  ILE B 33  ? LYS B 36  ? ILE B 31  LYS B 34  
# 
loop_
_pdbx_struct_sheet_hbond.sheet_id 
_pdbx_struct_sheet_hbond.range_id_1 
_pdbx_struct_sheet_hbond.range_id_2 
_pdbx_struct_sheet_hbond.range_1_label_atom_id 
_pdbx_struct_sheet_hbond.range_1_label_comp_id 
_pdbx_struct_sheet_hbond.range_1_label_asym_id 
_pdbx_struct_sheet_hbond.range_1_label_seq_id 
_pdbx_struct_sheet_hbond.range_1_PDB_ins_code 
_pdbx_struct_sheet_hbond.range_1_auth_atom_id 
_pdbx_struct_sheet_hbond.range_1_auth_comp_id 
_pdbx_struct_sheet_hbond.range_1_auth_asym_id 
_pdbx_struct_sheet_hbond.range_1_auth_seq_id 
_pdbx_struct_sheet_hbond.range_2_label_atom_id 
_pdbx_struct_sheet_hbond.range_2_label_comp_id 
_pdbx_struct_sheet_hbond.range_2_label_asym_id 
_pdbx_struct_sheet_hbond.range_2_label_seq_id 
_pdbx_struct_sheet_hbond.range_2_PDB_ins_code 
_pdbx_struct_sheet_hbond.range_2_auth_atom_id 
_pdbx_struct_sheet_hbond.range_2_auth_comp_id 
_pdbx_struct_sheet_hbond.range_2_auth_asym_id 
_pdbx_struct_sheet_hbond.range_2_auth_seq_id 
A 1 2  N GLN A 28  ? N GLN A 26  O ARG A 110 ? O ARG A 108 
A 2 3  O LYS A 116 ? O LYS A 114 N ALA A 41  ? N ALA A 39  
B 1 2  N GLN A 28  ? N GLN A 26  O ARG A 110 ? O ARG A 108 
B 2 3  O ARG A 113 ? O ARG A 111 N LEU A 98  ? N LEU A 96  
B 3 4  O VAL A 99  ? O VAL A 97  N PHE A 64  ? N PHE A 62  
B 4 5  N ILE A 63  ? N ILE A 61  O ALA A 74  ? O ALA A 72  
B 5 6  N ASP A 77  ? N ASP A 75  O SER B 75  ? O SER B 73  
B 6 7  O PHE B 76  ? O PHE B 74  N ILE B 61  ? N ILE B 59  
B 7 8  N PHE B 64  ? N PHE B 62  O VAL B 99  ? O VAL B 97  
B 8 9  N VAL B 102 ? N VAL B 100 O TYR B 109 ? O TYR B 107 
B 9 10 O ARG B 110 ? O ARG B 108 N GLN B 28  ? N GLN B 26  
C 1 2  N LYS A 36  ? N LYS A 34  O THR A 50  ? O THR A 48  
C 2 3  N VAL A 51  ? N VAL A 49  O VAL A 86  ? O VAL A 84  
C 3 4  N GLU A 85  ? N GLU A 83  O SER B 87  ? O SER B 85  
C 4 5  O LEU B 88  ? O LEU B 86  N VAL B 49  ? N VAL B 47  
C 5 6  O THR B 50  ? O THR B 48  N LYS B 36  ? N LYS B 34  
# 
loop_
_struct_site.id 
_struct_site.pdbx_evidence_code 
_struct_site.pdbx_auth_asym_id 
_struct_site.pdbx_auth_comp_id 
_struct_site.pdbx_auth_seq_id 
_struct_site.pdbx_auth_ins_code 
_struct_site.pdbx_num_residues 
_struct_site.details 
AC1 Software A CL  123  ? 5 'BINDING SITE FOR RESIDUE CL A 123'   
AC2 Software A PO4 1004 ? 3 'BINDING SITE FOR RESIDUE PO4 A 1004' 
AC3 Software A HDZ 1005 ? 6 'BINDING SITE FOR RESIDUE HDZ A 1005' 
AC4 Software A HDZ 1006 ? 2 'BINDING SITE FOR RESIDUE HDZ A 1006' 
AC5 Software A HDZ 1007 ? 4 'BINDING SITE FOR RESIDUE HDZ A 1007' 
# 
loop_
_struct_site_gen.id 
_struct_site_gen.site_id 
_struct_site_gen.pdbx_num_res 
_struct_site_gen.label_comp_id 
_struct_site_gen.label_asym_id 
_struct_site_gen.label_seq_id 
_struct_site_gen.pdbx_auth_ins_code 
_struct_site_gen.auth_comp_id 
_struct_site_gen.auth_asym_id 
_struct_site_gen.auth_seq_id 
_struct_site_gen.label_atom_id 
_struct_site_gen.label_alt_id 
_struct_site_gen.symmetry 
_struct_site_gen.details 
1  AC1 5 PRO A 38 ? PRO A 36   . ? 3_555 ? 
2  AC1 5 PRO A 38 ? PRO A 36   . ? 1_555 ? 
3  AC1 5 GLU A 39 ? GLU A 37   . ? 3_555 ? 
4  AC1 5 HOH H .  ? HOH A 1009 . ? 1_555 ? 
5  AC1 5 HOH H .  ? HOH A 1016 . ? 1_555 ? 
6  AC2 3 LYS A 21 ? LYS A 19   . ? 1_555 ? 
7  AC2 3 ASP A 77 ? ASP A 75   . ? 1_555 ? 
8  AC2 3 TRP B 4  ? TRP B 2    . ? 8_556 ? 
9  AC3 6 PRO A 48 ? PRO A 46   . ? 1_555 ? 
10 AC3 6 VAL A 49 ? VAL A 47   . ? 1_555 ? 
11 AC3 6 THR A 50 ? THR A 48   . ? 1_555 ? 
12 AC3 6 SER A 87 ? SER A 85   . ? 1_555 ? 
13 AC3 6 LEU A 88 ? LEU A 86   . ? 1_555 ? 
14 AC3 6 HOH I .  ? HOH B 135  . ? 1_555 ? 
15 AC4 2 ALA A 37 ? ALA A 35   . ? 1_555 ? 
16 AC4 2 PRO A 48 ? PRO A 46   . ? 1_555 ? 
17 AC5 4 ASP A 15 ? ASP A 13   . ? 1_555 ? 
18 AC5 4 ILE A 18 ? ILE A 16   . ? 1_555 ? 
19 AC5 4 ALA A 19 ? ALA A 17   . ? 1_555 ? 
20 AC5 4 GLY A 23 ? GLY A 21   . ? 1_555 ? 
# 
loop_
_pdbx_validate_torsion.id 
_pdbx_validate_torsion.PDB_model_num 
_pdbx_validate_torsion.auth_comp_id 
_pdbx_validate_torsion.auth_asym_id 
_pdbx_validate_torsion.auth_seq_id 
_pdbx_validate_torsion.PDB_ins_code 
_pdbx_validate_torsion.label_alt_id 
_pdbx_validate_torsion.phi 
_pdbx_validate_torsion.psi 
1 1 LYS A 81 ? ? 37.57  72.53  
2 1 ALA B 30 ? ? -86.25 35.98  
3 1 PRO B 54 ? ? -49.12 -72.94 
# 
loop_
_pdbx_refine_tls.id 
_pdbx_refine_tls.details 
_pdbx_refine_tls.method 
_pdbx_refine_tls.origin_x 
_pdbx_refine_tls.origin_y 
_pdbx_refine_tls.origin_z 
_pdbx_refine_tls.T[1][1] 
_pdbx_refine_tls.T[2][2] 
_pdbx_refine_tls.T[3][3] 
_pdbx_refine_tls.T[1][2] 
_pdbx_refine_tls.T[1][3] 
_pdbx_refine_tls.T[2][3] 
_pdbx_refine_tls.L[1][1] 
_pdbx_refine_tls.L[2][2] 
_pdbx_refine_tls.L[3][3] 
_pdbx_refine_tls.L[1][2] 
_pdbx_refine_tls.L[1][3] 
_pdbx_refine_tls.L[2][3] 
_pdbx_refine_tls.S[1][1] 
_pdbx_refine_tls.S[2][2] 
_pdbx_refine_tls.S[3][3] 
_pdbx_refine_tls.S[1][2] 
_pdbx_refine_tls.S[1][3] 
_pdbx_refine_tls.S[2][3] 
_pdbx_refine_tls.S[2][1] 
_pdbx_refine_tls.S[3][1] 
_pdbx_refine_tls.S[3][2] 
_pdbx_refine_tls.pdbx_refine_id 
1 ? refined 19.0126  -0.1549 -0.5209 -0.1121 0.1014  -0.2915 0.2099  0.0342 0.0542 23.1598 9.6654  13.1727 12.2561 -5.5464  1.9382  -0.2350 0.6275  -0.3925 0.5433  0.3373  -0.0907 -0.1598 -0.2416 1.2845  'X-RAY DIFFRACTION' 
2 ? refined 8.5497   3.5275  -7.3049 -0.2729 -0.1507 -0.3085 -0.0102 0.0424 0.0198 3.6058  4.7814  7.7508  -0.5121 1.0675   -1.6161 -0.1228 0.0006  0.1223  0.2716  0.0981  0.2450  -0.0368 0.2129  0.6136  'X-RAY DIFFRACTION' 
3 ? refined -11.9419 -9.7007 14.9076 0.0163  0.2305  0.2785  0.1794  0.3655 0.4537 39.0288 17.6710 4.3054  25.6075 -12.5488 -7.7483 -0.6636 -0.2707 0.9343  -0.8145 -1.6577 -0.7156 -0.1200 0.4947  0.6028  'X-RAY DIFFRACTION' 
4 ? refined -8.8440  -0.3955 4.2524  -0.1936 -0.0390 -0.0142 -0.0344 0.1028 0.1502 13.1225 6.1521  5.7860  1.0821  -2.0560  -2.4099 -0.3243 0.4500  -0.1257 -0.1370 -0.5128 0.9874  -0.1844 0.5600  -0.8306 'X-RAY DIFFRACTION' 
# 
loop_
_pdbx_refine_tls_group.id 
_pdbx_refine_tls_group.refine_tls_id 
_pdbx_refine_tls_group.beg_label_asym_id 
_pdbx_refine_tls_group.beg_label_seq_id 
_pdbx_refine_tls_group.end_label_asym_id 
_pdbx_refine_tls_group.end_label_seq_id 
_pdbx_refine_tls_group.selection 
_pdbx_refine_tls_group.beg_auth_asym_id 
_pdbx_refine_tls_group.beg_auth_seq_id 
_pdbx_refine_tls_group.end_auth_asym_id 
_pdbx_refine_tls_group.end_auth_seq_id 
_pdbx_refine_tls_group.pdbx_refine_id 
_pdbx_refine_tls_group.selection_details 
1 1 A 10 A 23  ALL A 8  A 21  'X-RAY DIFFRACTION' ? 
2 2 A 24 A 119 ALL A 22 A 117 'X-RAY DIFFRACTION' ? 
3 3 B 3  B 23  ALL B 1  B 21  'X-RAY DIFFRACTION' ? 
4 4 B 24 B 117 ALL B 22 B 115 'X-RAY DIFFRACTION' ? 
# 
_phasing.method   MIRAS 
# 
_phasing_MIR.entry_id     2NNC 
_phasing_MIR.d_res_high   3.000 
_phasing_MIR.d_res_low    25.000 
_phasing_MIR.reflns       4946 
_phasing_MIR.FOM          0.49 
# 
loop_
_phasing_MIR_shell.d_res_low 
_phasing_MIR_shell.d_res_high 
_phasing_MIR_shell.reflns 
_phasing_MIR_shell.FOM 
25.000 10.28 275 0.66 
10.28  6.67  428 0.66 
6.67   5.27  533 0.61 
5.27   4.49  606 0.51 
4.49   3.97  680 0.49 
3.97   3.60  749 0.43 
3.60   3.32  815 0.40 
3.32   3.10  860 0.37 
# 
loop_
_pdbx_unobs_or_zero_occ_residues.id 
_pdbx_unobs_or_zero_occ_residues.PDB_model_num 
_pdbx_unobs_or_zero_occ_residues.polymer_flag 
_pdbx_unobs_or_zero_occ_residues.occupancy_flag 
_pdbx_unobs_or_zero_occ_residues.auth_asym_id 
_pdbx_unobs_or_zero_occ_residues.auth_comp_id 
_pdbx_unobs_or_zero_occ_residues.auth_seq_id 
_pdbx_unobs_or_zero_occ_residues.PDB_ins_code 
_pdbx_unobs_or_zero_occ_residues.label_asym_id 
_pdbx_unobs_or_zero_occ_residues.label_comp_id 
_pdbx_unobs_or_zero_occ_residues.label_seq_id 
1  1 Y 1 A MET -1  ? A MET 1   
2  1 Y 1 A GLY 0   ? A GLY 2   
3  1 Y 1 A SER 1   ? A SER 3   
4  1 Y 1 A TRP 2   ? A TRP 4   
5  1 Y 1 A SER 3   ? A SER 5   
6  1 Y 1 A GLU 4   ? A GLU 6   
7  1 Y 1 A LYS 5   ? A LYS 7   
8  1 Y 1 A ALA 6   ? A ALA 8   
9  1 Y 1 A PHE 7   ? A PHE 9   
10 1 Y 1 A GLY 118 ? A GLY 120 
11 1 Y 1 A GLY 119 ? A GLY 121 
12 1 Y 1 A CYS 120 ? A CYS 122 
13 1 Y 1 A GLY 121 ? A GLY 123 
14 1 Y 1 A GLY 122 ? A GLY 124 
15 1 Y 1 B MET -1  ? B MET 1   
16 1 Y 1 B GLY 0   ? B GLY 2   
17 1 Y 1 B THR 116 ? B THR 118 
18 1 Y 1 B ILE 117 ? B ILE 119 
19 1 Y 1 B GLY 118 ? B GLY 120 
20 1 Y 1 B GLY 119 ? B GLY 121 
21 1 Y 1 B CYS 120 ? B CYS 122 
22 1 Y 1 B GLY 121 ? B GLY 123 
23 1 Y 1 B GLY 122 ? B GLY 124 
# 
loop_
_chem_comp_atom.comp_id 
_chem_comp_atom.atom_id 
_chem_comp_atom.type_symbol 
_chem_comp_atom.pdbx_aromatic_flag 
_chem_comp_atom.pdbx_stereo_config 
_chem_comp_atom.pdbx_ordinal 
ALA N    N  N N 1   
ALA CA   C  N S 2   
ALA C    C  N N 3   
ALA O    O  N N 4   
ALA CB   C  N N 5   
ALA OXT  O  N N 6   
ALA H    H  N N 7   
ALA H2   H  N N 8   
ALA HA   H  N N 9   
ALA HB1  H  N N 10  
ALA HB2  H  N N 11  
ALA HB3  H  N N 12  
ALA HXT  H  N N 13  
ARG N    N  N N 14  
ARG CA   C  N S 15  
ARG C    C  N N 16  
ARG O    O  N N 17  
ARG CB   C  N N 18  
ARG CG   C  N N 19  
ARG CD   C  N N 20  
ARG NE   N  N N 21  
ARG CZ   C  N N 22  
ARG NH1  N  N N 23  
ARG NH2  N  N N 24  
ARG OXT  O  N N 25  
ARG H    H  N N 26  
ARG H2   H  N N 27  
ARG HA   H  N N 28  
ARG HB2  H  N N 29  
ARG HB3  H  N N 30  
ARG HG2  H  N N 31  
ARG HG3  H  N N 32  
ARG HD2  H  N N 33  
ARG HD3  H  N N 34  
ARG HE   H  N N 35  
ARG HH11 H  N N 36  
ARG HH12 H  N N 37  
ARG HH21 H  N N 38  
ARG HH22 H  N N 39  
ARG HXT  H  N N 40  
ASN N    N  N N 41  
ASN CA   C  N S 42  
ASN C    C  N N 43  
ASN O    O  N N 44  
ASN CB   C  N N 45  
ASN CG   C  N N 46  
ASN OD1  O  N N 47  
ASN ND2  N  N N 48  
ASN OXT  O  N N 49  
ASN H    H  N N 50  
ASN H2   H  N N 51  
ASN HA   H  N N 52  
ASN HB2  H  N N 53  
ASN HB3  H  N N 54  
ASN HD21 H  N N 55  
ASN HD22 H  N N 56  
ASN HXT  H  N N 57  
ASP N    N  N N 58  
ASP CA   C  N S 59  
ASP C    C  N N 60  
ASP O    O  N N 61  
ASP CB   C  N N 62  
ASP CG   C  N N 63  
ASP OD1  O  N N 64  
ASP OD2  O  N N 65  
ASP OXT  O  N N 66  
ASP H    H  N N 67  
ASP H2   H  N N 68  
ASP HA   H  N N 69  
ASP HB2  H  N N 70  
ASP HB3  H  N N 71  
ASP HD2  H  N N 72  
ASP HXT  H  N N 73  
CL  CL   CL N N 74  
CYS N    N  N N 75  
CYS CA   C  N R 76  
CYS C    C  N N 77  
CYS O    O  N N 78  
CYS CB   C  N N 79  
CYS SG   S  N N 80  
CYS OXT  O  N N 81  
CYS H    H  N N 82  
CYS H2   H  N N 83  
CYS HA   H  N N 84  
CYS HB2  H  N N 85  
CYS HB3  H  N N 86  
CYS HG   H  N N 87  
CYS HXT  H  N N 88  
GLN N    N  N N 89  
GLN CA   C  N S 90  
GLN C    C  N N 91  
GLN O    O  N N 92  
GLN CB   C  N N 93  
GLN CG   C  N N 94  
GLN CD   C  N N 95  
GLN OE1  O  N N 96  
GLN NE2  N  N N 97  
GLN OXT  O  N N 98  
GLN H    H  N N 99  
GLN H2   H  N N 100 
GLN HA   H  N N 101 
GLN HB2  H  N N 102 
GLN HB3  H  N N 103 
GLN HG2  H  N N 104 
GLN HG3  H  N N 105 
GLN HE21 H  N N 106 
GLN HE22 H  N N 107 
GLN HXT  H  N N 108 
GLU N    N  N N 109 
GLU CA   C  N S 110 
GLU C    C  N N 111 
GLU O    O  N N 112 
GLU CB   C  N N 113 
GLU CG   C  N N 114 
GLU CD   C  N N 115 
GLU OE1  O  N N 116 
GLU OE2  O  N N 117 
GLU OXT  O  N N 118 
GLU H    H  N N 119 
GLU H2   H  N N 120 
GLU HA   H  N N 121 
GLU HB2  H  N N 122 
GLU HB3  H  N N 123 
GLU HG2  H  N N 124 
GLU HG3  H  N N 125 
GLU HE2  H  N N 126 
GLU HXT  H  N N 127 
GLY N    N  N N 128 
GLY CA   C  N N 129 
GLY C    C  N N 130 
GLY O    O  N N 131 
GLY OXT  O  N N 132 
GLY H    H  N N 133 
GLY H2   H  N N 134 
GLY HA2  H  N N 135 
GLY HA3  H  N N 136 
GLY HXT  H  N N 137 
HDZ N6A  N  N N 138 
HDZ N6B  N  N N 139 
HOH O    O  N N 140 
HOH H1   H  N N 141 
HOH H2   H  N N 142 
ILE N    N  N N 143 
ILE CA   C  N S 144 
ILE C    C  N N 145 
ILE O    O  N N 146 
ILE CB   C  N S 147 
ILE CG1  C  N N 148 
ILE CG2  C  N N 149 
ILE CD1  C  N N 150 
ILE OXT  O  N N 151 
ILE H    H  N N 152 
ILE H2   H  N N 153 
ILE HA   H  N N 154 
ILE HB   H  N N 155 
ILE HG12 H  N N 156 
ILE HG13 H  N N 157 
ILE HG21 H  N N 158 
ILE HG22 H  N N 159 
ILE HG23 H  N N 160 
ILE HD11 H  N N 161 
ILE HD12 H  N N 162 
ILE HD13 H  N N 163 
ILE HXT  H  N N 164 
LEU N    N  N N 165 
LEU CA   C  N S 166 
LEU C    C  N N 167 
LEU O    O  N N 168 
LEU CB   C  N N 169 
LEU CG   C  N N 170 
LEU CD1  C  N N 171 
LEU CD2  C  N N 172 
LEU OXT  O  N N 173 
LEU H    H  N N 174 
LEU H2   H  N N 175 
LEU HA   H  N N 176 
LEU HB2  H  N N 177 
LEU HB3  H  N N 178 
LEU HG   H  N N 179 
LEU HD11 H  N N 180 
LEU HD12 H  N N 181 
LEU HD13 H  N N 182 
LEU HD21 H  N N 183 
LEU HD22 H  N N 184 
LEU HD23 H  N N 185 
LEU HXT  H  N N 186 
LYS N    N  N N 187 
LYS CA   C  N S 188 
LYS C    C  N N 189 
LYS O    O  N N 190 
LYS CB   C  N N 191 
LYS CG   C  N N 192 
LYS CD   C  N N 193 
LYS CE   C  N N 194 
LYS NZ   N  N N 195 
LYS OXT  O  N N 196 
LYS H    H  N N 197 
LYS H2   H  N N 198 
LYS HA   H  N N 199 
LYS HB2  H  N N 200 
LYS HB3  H  N N 201 
LYS HG2  H  N N 202 
LYS HG3  H  N N 203 
LYS HD2  H  N N 204 
LYS HD3  H  N N 205 
LYS HE2  H  N N 206 
LYS HE3  H  N N 207 
LYS HZ1  H  N N 208 
LYS HZ2  H  N N 209 
LYS HZ3  H  N N 210 
LYS HXT  H  N N 211 
MET N    N  N N 212 
MET CA   C  N S 213 
MET C    C  N N 214 
MET O    O  N N 215 
MET CB   C  N N 216 
MET CG   C  N N 217 
MET SD   S  N N 218 
MET CE   C  N N 219 
MET OXT  O  N N 220 
MET H    H  N N 221 
MET H2   H  N N 222 
MET HA   H  N N 223 
MET HB2  H  N N 224 
MET HB3  H  N N 225 
MET HG2  H  N N 226 
MET HG3  H  N N 227 
MET HE1  H  N N 228 
MET HE2  H  N N 229 
MET HE3  H  N N 230 
MET HXT  H  N N 231 
PHE N    N  N N 232 
PHE CA   C  N S 233 
PHE C    C  N N 234 
PHE O    O  N N 235 
PHE CB   C  N N 236 
PHE CG   C  Y N 237 
PHE CD1  C  Y N 238 
PHE CD2  C  Y N 239 
PHE CE1  C  Y N 240 
PHE CE2  C  Y N 241 
PHE CZ   C  Y N 242 
PHE OXT  O  N N 243 
PHE H    H  N N 244 
PHE H2   H  N N 245 
PHE HA   H  N N 246 
PHE HB2  H  N N 247 
PHE HB3  H  N N 248 
PHE HD1  H  N N 249 
PHE HD2  H  N N 250 
PHE HE1  H  N N 251 
PHE HE2  H  N N 252 
PHE HZ   H  N N 253 
PHE HXT  H  N N 254 
PO4 P    P  N N 255 
PO4 O1   O  N N 256 
PO4 O2   O  N N 257 
PO4 O3   O  N N 258 
PO4 O4   O  N N 259 
PRO N    N  N N 260 
PRO CA   C  N S 261 
PRO C    C  N N 262 
PRO O    O  N N 263 
PRO CB   C  N N 264 
PRO CG   C  N N 265 
PRO CD   C  N N 266 
PRO OXT  O  N N 267 
PRO H    H  N N 268 
PRO HA   H  N N 269 
PRO HB2  H  N N 270 
PRO HB3  H  N N 271 
PRO HG2  H  N N 272 
PRO HG3  H  N N 273 
PRO HD2  H  N N 274 
PRO HD3  H  N N 275 
PRO HXT  H  N N 276 
SER N    N  N N 277 
SER CA   C  N S 278 
SER C    C  N N 279 
SER O    O  N N 280 
SER CB   C  N N 281 
SER OG   O  N N 282 
SER OXT  O  N N 283 
SER H    H  N N 284 
SER H2   H  N N 285 
SER HA   H  N N 286 
SER HB2  H  N N 287 
SER HB3  H  N N 288 
SER HG   H  N N 289 
SER HXT  H  N N 290 
THR N    N  N N 291 
THR CA   C  N S 292 
THR C    C  N N 293 
THR O    O  N N 294 
THR CB   C  N R 295 
THR OG1  O  N N 296 
THR CG2  C  N N 297 
THR OXT  O  N N 298 
THR H    H  N N 299 
THR H2   H  N N 300 
THR HA   H  N N 301 
THR HB   H  N N 302 
THR HG1  H  N N 303 
THR HG21 H  N N 304 
THR HG22 H  N N 305 
THR HG23 H  N N 306 
THR HXT  H  N N 307 
TRP N    N  N N 308 
TRP CA   C  N S 309 
TRP C    C  N N 310 
TRP O    O  N N 311 
TRP CB   C  N N 312 
TRP CG   C  Y N 313 
TRP CD1  C  Y N 314 
TRP CD2  C  Y N 315 
TRP NE1  N  Y N 316 
TRP CE2  C  Y N 317 
TRP CE3  C  Y N 318 
TRP CZ2  C  Y N 319 
TRP CZ3  C  Y N 320 
TRP CH2  C  Y N 321 
TRP OXT  O  N N 322 
TRP H    H  N N 323 
TRP H2   H  N N 324 
TRP HA   H  N N 325 
TRP HB2  H  N N 326 
TRP HB3  H  N N 327 
TRP HD1  H  N N 328 
TRP HE1  H  N N 329 
TRP HE3  H  N N 330 
TRP HZ2  H  N N 331 
TRP HZ3  H  N N 332 
TRP HH2  H  N N 333 
TRP HXT  H  N N 334 
TYR N    N  N N 335 
TYR CA   C  N S 336 
TYR C    C  N N 337 
TYR O    O  N N 338 
TYR CB   C  N N 339 
TYR CG   C  Y N 340 
TYR CD1  C  Y N 341 
TYR CD2  C  Y N 342 
TYR CE1  C  Y N 343 
TYR CE2  C  Y N 344 
TYR CZ   C  Y N 345 
TYR OH   O  N N 346 
TYR OXT  O  N N 347 
TYR H    H  N N 348 
TYR H2   H  N N 349 
TYR HA   H  N N 350 
TYR HB2  H  N N 351 
TYR HB3  H  N N 352 
TYR HD1  H  N N 353 
TYR HD2  H  N N 354 
TYR HE1  H  N N 355 
TYR HE2  H  N N 356 
TYR HH   H  N N 357 
TYR HXT  H  N N 358 
VAL N    N  N N 359 
VAL CA   C  N S 360 
VAL C    C  N N 361 
VAL O    O  N N 362 
VAL CB   C  N N 363 
VAL CG1  C  N N 364 
VAL CG2  C  N N 365 
VAL OXT  O  N N 366 
VAL H    H  N N 367 
VAL H2   H  N N 368 
VAL HA   H  N N 369 
VAL HB   H  N N 370 
VAL HG11 H  N N 371 
VAL HG12 H  N N 372 
VAL HG13 H  N N 373 
VAL HG21 H  N N 374 
VAL HG22 H  N N 375 
VAL HG23 H  N N 376 
VAL HXT  H  N N 377 
# 
loop_
_chem_comp_bond.comp_id 
_chem_comp_bond.atom_id_1 
_chem_comp_bond.atom_id_2 
_chem_comp_bond.value_order 
_chem_comp_bond.pdbx_aromatic_flag 
_chem_comp_bond.pdbx_stereo_config 
_chem_comp_bond.pdbx_ordinal 
ALA N   CA   sing N N 1   
ALA N   H    sing N N 2   
ALA N   H2   sing N N 3   
ALA CA  C    sing N N 4   
ALA CA  CB   sing N N 5   
ALA CA  HA   sing N N 6   
ALA C   O    doub N N 7   
ALA C   OXT  sing N N 8   
ALA CB  HB1  sing N N 9   
ALA CB  HB2  sing N N 10  
ALA CB  HB3  sing N N 11  
ALA OXT HXT  sing N N 12  
ARG N   CA   sing N N 13  
ARG N   H    sing N N 14  
ARG N   H2   sing N N 15  
ARG CA  C    sing N N 16  
ARG CA  CB   sing N N 17  
ARG CA  HA   sing N N 18  
ARG C   O    doub N N 19  
ARG C   OXT  sing N N 20  
ARG CB  CG   sing N N 21  
ARG CB  HB2  sing N N 22  
ARG CB  HB3  sing N N 23  
ARG CG  CD   sing N N 24  
ARG CG  HG2  sing N N 25  
ARG CG  HG3  sing N N 26  
ARG CD  NE   sing N N 27  
ARG CD  HD2  sing N N 28  
ARG CD  HD3  sing N N 29  
ARG NE  CZ   sing N N 30  
ARG NE  HE   sing N N 31  
ARG CZ  NH1  sing N N 32  
ARG CZ  NH2  doub N N 33  
ARG NH1 HH11 sing N N 34  
ARG NH1 HH12 sing N N 35  
ARG NH2 HH21 sing N N 36  
ARG NH2 HH22 sing N N 37  
ARG OXT HXT  sing N N 38  
ASN N   CA   sing N N 39  
ASN N   H    sing N N 40  
ASN N   H2   sing N N 41  
ASN CA  C    sing N N 42  
ASN CA  CB   sing N N 43  
ASN CA  HA   sing N N 44  
ASN C   O    doub N N 45  
ASN C   OXT  sing N N 46  
ASN CB  CG   sing N N 47  
ASN CB  HB2  sing N N 48  
ASN CB  HB3  sing N N 49  
ASN CG  OD1  doub N N 50  
ASN CG  ND2  sing N N 51  
ASN ND2 HD21 sing N N 52  
ASN ND2 HD22 sing N N 53  
ASN OXT HXT  sing N N 54  
ASP N   CA   sing N N 55  
ASP N   H    sing N N 56  
ASP N   H2   sing N N 57  
ASP CA  C    sing N N 58  
ASP CA  CB   sing N N 59  
ASP CA  HA   sing N N 60  
ASP C   O    doub N N 61  
ASP C   OXT  sing N N 62  
ASP CB  CG   sing N N 63  
ASP CB  HB2  sing N N 64  
ASP CB  HB3  sing N N 65  
ASP CG  OD1  doub N N 66  
ASP CG  OD2  sing N N 67  
ASP OD2 HD2  sing N N 68  
ASP OXT HXT  sing N N 69  
CYS N   CA   sing N N 70  
CYS N   H    sing N N 71  
CYS N   H2   sing N N 72  
CYS CA  C    sing N N 73  
CYS CA  CB   sing N N 74  
CYS CA  HA   sing N N 75  
CYS C   O    doub N N 76  
CYS C   OXT  sing N N 77  
CYS CB  SG   sing N N 78  
CYS CB  HB2  sing N N 79  
CYS CB  HB3  sing N N 80  
CYS SG  HG   sing N N 81  
CYS OXT HXT  sing N N 82  
GLN N   CA   sing N N 83  
GLN N   H    sing N N 84  
GLN N   H2   sing N N 85  
GLN CA  C    sing N N 86  
GLN CA  CB   sing N N 87  
GLN CA  HA   sing N N 88  
GLN C   O    doub N N 89  
GLN C   OXT  sing N N 90  
GLN CB  CG   sing N N 91  
GLN CB  HB2  sing N N 92  
GLN CB  HB3  sing N N 93  
GLN CG  CD   sing N N 94  
GLN CG  HG2  sing N N 95  
GLN CG  HG3  sing N N 96  
GLN CD  OE1  doub N N 97  
GLN CD  NE2  sing N N 98  
GLN NE2 HE21 sing N N 99  
GLN NE2 HE22 sing N N 100 
GLN OXT HXT  sing N N 101 
GLU N   CA   sing N N 102 
GLU N   H    sing N N 103 
GLU N   H2   sing N N 104 
GLU CA  C    sing N N 105 
GLU CA  CB   sing N N 106 
GLU CA  HA   sing N N 107 
GLU C   O    doub N N 108 
GLU C   OXT  sing N N 109 
GLU CB  CG   sing N N 110 
GLU CB  HB2  sing N N 111 
GLU CB  HB3  sing N N 112 
GLU CG  CD   sing N N 113 
GLU CG  HG2  sing N N 114 
GLU CG  HG3  sing N N 115 
GLU CD  OE1  doub N N 116 
GLU CD  OE2  sing N N 117 
GLU OE2 HE2  sing N N 118 
GLU OXT HXT  sing N N 119 
GLY N   CA   sing N N 120 
GLY N   H    sing N N 121 
GLY N   H2   sing N N 122 
GLY CA  C    sing N N 123 
GLY CA  HA2  sing N N 124 
GLY CA  HA3  sing N N 125 
GLY C   O    doub N N 126 
GLY C   OXT  sing N N 127 
GLY OXT HXT  sing N N 128 
HDZ N6A N6B  trip N N 129 
HOH O   H1   sing N N 130 
HOH O   H2   sing N N 131 
ILE N   CA   sing N N 132 
ILE N   H    sing N N 133 
ILE N   H2   sing N N 134 
ILE CA  C    sing N N 135 
ILE CA  CB   sing N N 136 
ILE CA  HA   sing N N 137 
ILE C   O    doub N N 138 
ILE C   OXT  sing N N 139 
ILE CB  CG1  sing N N 140 
ILE CB  CG2  sing N N 141 
ILE CB  HB   sing N N 142 
ILE CG1 CD1  sing N N 143 
ILE CG1 HG12 sing N N 144 
ILE CG1 HG13 sing N N 145 
ILE CG2 HG21 sing N N 146 
ILE CG2 HG22 sing N N 147 
ILE CG2 HG23 sing N N 148 
ILE CD1 HD11 sing N N 149 
ILE CD1 HD12 sing N N 150 
ILE CD1 HD13 sing N N 151 
ILE OXT HXT  sing N N 152 
LEU N   CA   sing N N 153 
LEU N   H    sing N N 154 
LEU N   H2   sing N N 155 
LEU CA  C    sing N N 156 
LEU CA  CB   sing N N 157 
LEU CA  HA   sing N N 158 
LEU C   O    doub N N 159 
LEU C   OXT  sing N N 160 
LEU CB  CG   sing N N 161 
LEU CB  HB2  sing N N 162 
LEU CB  HB3  sing N N 163 
LEU CG  CD1  sing N N 164 
LEU CG  CD2  sing N N 165 
LEU CG  HG   sing N N 166 
LEU CD1 HD11 sing N N 167 
LEU CD1 HD12 sing N N 168 
LEU CD1 HD13 sing N N 169 
LEU CD2 HD21 sing N N 170 
LEU CD2 HD22 sing N N 171 
LEU CD2 HD23 sing N N 172 
LEU OXT HXT  sing N N 173 
LYS N   CA   sing N N 174 
LYS N   H    sing N N 175 
LYS N   H2   sing N N 176 
LYS CA  C    sing N N 177 
LYS CA  CB   sing N N 178 
LYS CA  HA   sing N N 179 
LYS C   O    doub N N 180 
LYS C   OXT  sing N N 181 
LYS CB  CG   sing N N 182 
LYS CB  HB2  sing N N 183 
LYS CB  HB3  sing N N 184 
LYS CG  CD   sing N N 185 
LYS CG  HG2  sing N N 186 
LYS CG  HG3  sing N N 187 
LYS CD  CE   sing N N 188 
LYS CD  HD2  sing N N 189 
LYS CD  HD3  sing N N 190 
LYS CE  NZ   sing N N 191 
LYS CE  HE2  sing N N 192 
LYS CE  HE3  sing N N 193 
LYS NZ  HZ1  sing N N 194 
LYS NZ  HZ2  sing N N 195 
LYS NZ  HZ3  sing N N 196 
LYS OXT HXT  sing N N 197 
MET N   CA   sing N N 198 
MET N   H    sing N N 199 
MET N   H2   sing N N 200 
MET CA  C    sing N N 201 
MET CA  CB   sing N N 202 
MET CA  HA   sing N N 203 
MET C   O    doub N N 204 
MET C   OXT  sing N N 205 
MET CB  CG   sing N N 206 
MET CB  HB2  sing N N 207 
MET CB  HB3  sing N N 208 
MET CG  SD   sing N N 209 
MET CG  HG2  sing N N 210 
MET CG  HG3  sing N N 211 
MET SD  CE   sing N N 212 
MET CE  HE1  sing N N 213 
MET CE  HE2  sing N N 214 
MET CE  HE3  sing N N 215 
MET OXT HXT  sing N N 216 
PHE N   CA   sing N N 217 
PHE N   H    sing N N 218 
PHE N   H2   sing N N 219 
PHE CA  C    sing N N 220 
PHE CA  CB   sing N N 221 
PHE CA  HA   sing N N 222 
PHE C   O    doub N N 223 
PHE C   OXT  sing N N 224 
PHE CB  CG   sing N N 225 
PHE CB  HB2  sing N N 226 
PHE CB  HB3  sing N N 227 
PHE CG  CD1  doub Y N 228 
PHE CG  CD2  sing Y N 229 
PHE CD1 CE1  sing Y N 230 
PHE CD1 HD1  sing N N 231 
PHE CD2 CE2  doub Y N 232 
PHE CD2 HD2  sing N N 233 
PHE CE1 CZ   doub Y N 234 
PHE CE1 HE1  sing N N 235 
PHE CE2 CZ   sing Y N 236 
PHE CE2 HE2  sing N N 237 
PHE CZ  HZ   sing N N 238 
PHE OXT HXT  sing N N 239 
PO4 P   O1   doub N N 240 
PO4 P   O2   sing N N 241 
PO4 P   O3   sing N N 242 
PO4 P   O4   sing N N 243 
PRO N   CA   sing N N 244 
PRO N   CD   sing N N 245 
PRO N   H    sing N N 246 
PRO CA  C    sing N N 247 
PRO CA  CB   sing N N 248 
PRO CA  HA   sing N N 249 
PRO C   O    doub N N 250 
PRO C   OXT  sing N N 251 
PRO CB  CG   sing N N 252 
PRO CB  HB2  sing N N 253 
PRO CB  HB3  sing N N 254 
PRO CG  CD   sing N N 255 
PRO CG  HG2  sing N N 256 
PRO CG  HG3  sing N N 257 
PRO CD  HD2  sing N N 258 
PRO CD  HD3  sing N N 259 
PRO OXT HXT  sing N N 260 
SER N   CA   sing N N 261 
SER N   H    sing N N 262 
SER N   H2   sing N N 263 
SER CA  C    sing N N 264 
SER CA  CB   sing N N 265 
SER CA  HA   sing N N 266 
SER C   O    doub N N 267 
SER C   OXT  sing N N 268 
SER CB  OG   sing N N 269 
SER CB  HB2  sing N N 270 
SER CB  HB3  sing N N 271 
SER OG  HG   sing N N 272 
SER OXT HXT  sing N N 273 
THR N   CA   sing N N 274 
THR N   H    sing N N 275 
THR N   H2   sing N N 276 
THR CA  C    sing N N 277 
THR CA  CB   sing N N 278 
THR CA  HA   sing N N 279 
THR C   O    doub N N 280 
THR C   OXT  sing N N 281 
THR CB  OG1  sing N N 282 
THR CB  CG2  sing N N 283 
THR CB  HB   sing N N 284 
THR OG1 HG1  sing N N 285 
THR CG2 HG21 sing N N 286 
THR CG2 HG22 sing N N 287 
THR CG2 HG23 sing N N 288 
THR OXT HXT  sing N N 289 
TRP N   CA   sing N N 290 
TRP N   H    sing N N 291 
TRP N   H2   sing N N 292 
TRP CA  C    sing N N 293 
TRP CA  CB   sing N N 294 
TRP CA  HA   sing N N 295 
TRP C   O    doub N N 296 
TRP C   OXT  sing N N 297 
TRP CB  CG   sing N N 298 
TRP CB  HB2  sing N N 299 
TRP CB  HB3  sing N N 300 
TRP CG  CD1  doub Y N 301 
TRP CG  CD2  sing Y N 302 
TRP CD1 NE1  sing Y N 303 
TRP CD1 HD1  sing N N 304 
TRP CD2 CE2  doub Y N 305 
TRP CD2 CE3  sing Y N 306 
TRP NE1 CE2  sing Y N 307 
TRP NE1 HE1  sing N N 308 
TRP CE2 CZ2  sing Y N 309 
TRP CE3 CZ3  doub Y N 310 
TRP CE3 HE3  sing N N 311 
TRP CZ2 CH2  doub Y N 312 
TRP CZ2 HZ2  sing N N 313 
TRP CZ3 CH2  sing Y N 314 
TRP CZ3 HZ3  sing N N 315 
TRP CH2 HH2  sing N N 316 
TRP OXT HXT  sing N N 317 
TYR N   CA   sing N N 318 
TYR N   H    sing N N 319 
TYR N   H2   sing N N 320 
TYR CA  C    sing N N 321 
TYR CA  CB   sing N N 322 
TYR CA  HA   sing N N 323 
TYR C   O    doub N N 324 
TYR C   OXT  sing N N 325 
TYR CB  CG   sing N N 326 
TYR CB  HB2  sing N N 327 
TYR CB  HB3  sing N N 328 
TYR CG  CD1  doub Y N 329 
TYR CG  CD2  sing Y N 330 
TYR CD1 CE1  sing Y N 331 
TYR CD1 HD1  sing N N 332 
TYR CD2 CE2  doub Y N 333 
TYR CD2 HD2  sing N N 334 
TYR CE1 CZ   doub Y N 335 
TYR CE1 HE1  sing N N 336 
TYR CE2 CZ   sing Y N 337 
TYR CE2 HE2  sing N N 338 
TYR CZ  OH   sing N N 339 
TYR OH  HH   sing N N 340 
TYR OXT HXT  sing N N 341 
VAL N   CA   sing N N 342 
VAL N   H    sing N N 343 
VAL N   H2   sing N N 344 
VAL CA  C    sing N N 345 
VAL CA  CB   sing N N 346 
VAL CA  HA   sing N N 347 
VAL C   O    doub N N 348 
VAL C   OXT  sing N N 349 
VAL CB  CG1  sing N N 350 
VAL CB  CG2  sing N N 351 
VAL CB  HB   sing N N 352 
VAL CG1 HG11 sing N N 353 
VAL CG1 HG12 sing N N 354 
VAL CG1 HG13 sing N N 355 
VAL CG2 HG21 sing N N 356 
VAL CG2 HG22 sing N N 357 
VAL CG2 HG23 sing N N 358 
VAL OXT HXT  sing N N 359 
# 
_atom_sites.entry_id                    2NNC 
_atom_sites.fract_transf_matrix[1][1]   0.01793869 
_atom_sites.fract_transf_matrix[1][2]   -0.01638198 
_atom_sites.fract_transf_matrix[1][3]   -0.00387220 
_atom_sites.fract_transf_matrix[2][1]   0.00542574 
_atom_sites.fract_transf_matrix[2][2]   0.00619133 
_atom_sites.fract_transf_matrix[2][3]   -0.00105771 
_atom_sites.fract_transf_matrix[3][1]   0.00212394 
_atom_sites.fract_transf_matrix[3][2]   -0.00010468 
_atom_sites.fract_transf_matrix[3][3]   0.01028241 
_atom_sites.fract_transf_vector[1]      0.121268 
_atom_sites.fract_transf_vector[2]      0.384857 
_atom_sites.fract_transf_vector[3]      0.411673 
# 
loop_
_atom_type.symbol 
C  
CL 
N  
O  
P  
S  
# 
loop_
_atom_site.group_PDB 
_atom_site.id 
_atom_site.type_symbol 
_atom_site.label_atom_id 
_atom_site.label_alt_id 
_atom_site.label_comp_id 
_atom_site.label_asym_id 
_atom_site.label_entity_id 
_atom_site.label_seq_id 
_atom_site.pdbx_PDB_ins_code 
_atom_site.Cartn_x 
_atom_site.Cartn_y 
_atom_site.Cartn_z 
_atom_site.occupancy 
_atom_site.B_iso_or_equiv 
_atom_site.pdbx_formal_charge 
_atom_site.auth_seq_id 
_atom_site.auth_comp_id 
_atom_site.auth_asym_id 
_atom_site.auth_atom_id 
_atom_site.pdbx_PDB_model_num 
ATOM   1    N  N   . SER A 1 10  ? 25.448  7.100   -3.421  1.00 49.62 ? 8    SER A N   1 
ATOM   2    C  CA  . SER A 1 10  ? 24.566  7.141   -4.636  1.00 49.69 ? 8    SER A CA  1 
ATOM   3    C  C   . SER A 1 10  ? 23.928  5.763   -4.876  1.00 49.78 ? 8    SER A C   1 
ATOM   4    O  O   . SER A 1 10  ? 22.791  5.515   -4.432  1.00 49.61 ? 8    SER A O   1 
ATOM   5    C  CB  . SER A 1 10  ? 25.349  7.647   -5.869  1.00 49.96 ? 8    SER A CB  1 
ATOM   6    O  OG  . SER A 1 10  ? 24.553  7.667   -7.051  1.00 49.72 ? 8    SER A OG  1 
ATOM   7    N  N   . ALA A 1 11  ? 24.655  4.870   -5.553  1.00 49.84 ? 9    ALA A N   1 
ATOM   8    C  CA  . ALA A 1 11  ? 24.198  3.493   -5.761  1.00 49.90 ? 9    ALA A CA  1 
ATOM   9    C  C   . ALA A 1 11  ? 24.271  2.716   -4.442  1.00 49.84 ? 9    ALA A C   1 
ATOM   10   O  O   . ALA A 1 11  ? 23.360  1.949   -4.110  1.00 49.02 ? 9    ALA A O   1 
ATOM   11   C  CB  . ALA A 1 11  ? 25.033  2.805   -6.862  1.00 50.03 ? 9    ALA A CB  1 
ATOM   12   N  N   . SER A 1 12  ? 25.350  2.948   -3.686  1.00 50.32 ? 10   SER A N   1 
ATOM   13   C  CA  . SER A 1 12  ? 25.565  2.304   -2.393  1.00 50.30 ? 10   SER A CA  1 
ATOM   14   C  C   . SER A 1 12  ? 24.401  2.601   -1.471  1.00 50.24 ? 10   SER A C   1 
ATOM   15   O  O   . SER A 1 12  ? 23.879  1.691   -0.819  1.00 50.51 ? 10   SER A O   1 
ATOM   16   C  CB  . SER A 1 12  ? 26.878  2.786   -1.741  1.00 50.61 ? 10   SER A CB  1 
ATOM   17   O  OG  . SER A 1 12  ? 28.008  2.461   -2.540  1.00 51.43 ? 10   SER A OG  1 
ATOM   18   N  N   . LYS A 1 13  ? 23.986  3.873   -1.443  1.00 50.03 ? 11   LYS A N   1 
ATOM   19   C  CA  . LYS A 1 13  ? 22.868  4.330   -0.600  1.00 49.41 ? 11   LYS A CA  1 
ATOM   20   C  C   . LYS A 1 13  ? 21.575  3.643   -0.963  1.00 49.09 ? 11   LYS A C   1 
ATOM   21   O  O   . LYS A 1 13  ? 20.854  3.140   -0.078  1.00 48.61 ? 11   LYS A O   1 
ATOM   22   C  CB  . LYS A 1 13  ? 22.660  5.841   -0.711  1.00 49.48 ? 11   LYS A CB  1 
ATOM   23   C  CG  . LYS A 1 13  ? 23.804  6.664   -0.128  1.00 50.10 ? 11   LYS A CG  1 
ATOM   24   C  CD  . LYS A 1 13  ? 23.360  8.097   0.153   1.00 50.98 ? 11   LYS A CD  1 
ATOM   25   N  N   . LEU A 1 14  ? 21.263  3.632   -2.257  1.00 47.97 ? 12   LEU A N   1 
ATOM   26   C  CA  . LEU A 1 14  ? 20.067  2.943   -2.709  1.00 48.04 ? 12   LEU A CA  1 
ATOM   27   C  C   . LEU A 1 14  ? 20.082  1.494   -2.241  1.00 47.77 ? 12   LEU A C   1 
ATOM   28   O  O   . LEU A 1 14  ? 19.072  0.960   -1.768  1.00 47.33 ? 12   LEU A O   1 
ATOM   29   C  CB  . LEU A 1 14  ? 19.931  2.984   -4.241  1.00 48.14 ? 12   LEU A CB  1 
ATOM   30   C  CG  . LEU A 1 14  ? 18.841  2.068   -4.806  1.00 48.52 ? 12   LEU A CG  1 
ATOM   31   C  CD1 . LEU A 1 14  ? 17.471  2.425   -4.172  1.00 51.00 ? 12   LEU A CD1 1 
ATOM   32   C  CD2 . LEU A 1 14  ? 18.779  2.111   -6.340  1.00 47.76 ? 12   LEU A CD2 1 
ATOM   33   N  N   . ASP A 1 15  ? 21.233  0.851   -2.400  1.00 47.48 ? 13   ASP A N   1 
ATOM   34   C  CA  . ASP A 1 15  ? 21.328  -0.565  -2.112  1.00 47.53 ? 13   ASP A CA  1 
ATOM   35   C  C   . ASP A 1 15  ? 21.204  -0.775  -0.611  1.00 46.92 ? 13   ASP A C   1 
ATOM   36   O  O   . ASP A 1 15  ? 20.569  -1.728  -0.185  1.00 46.97 ? 13   ASP A O   1 
ATOM   37   C  CB  . ASP A 1 15  ? 22.629  -1.167  -2.679  1.00 47.56 ? 13   ASP A CB  1 
ATOM   38   C  CG  . ASP A 1 15  ? 22.619  -1.259  -4.199  1.00 49.14 ? 13   ASP A CG  1 
ATOM   39   O  OD1 . ASP A 1 15  ? 21.544  -1.530  -4.780  1.00 52.81 ? 13   ASP A OD1 1 
ATOM   40   O  OD2 . ASP A 1 15  ? 23.681  -1.050  -4.824  1.00 49.45 ? 13   ASP A OD2 1 
ATOM   41   N  N   . ASP A 1 16  ? 21.802  0.116   0.177   1.00 46.66 ? 14   ASP A N   1 
ATOM   42   C  CA  . ASP A 1 16  ? 21.660  0.078   1.641   1.00 46.45 ? 14   ASP A CA  1 
ATOM   43   C  C   . ASP A 1 16  ? 20.199  0.201   2.066   1.00 46.94 ? 14   ASP A C   1 
ATOM   44   O  O   . ASP A 1 16  ? 19.723  -0.571  2.904   1.00 46.79 ? 14   ASP A O   1 
ATOM   45   C  CB  . ASP A 1 16  ? 22.455  1.208   2.305   1.00 46.32 ? 14   ASP A CB  1 
ATOM   46   C  CG  . ASP A 1 16  ? 23.962  1.082   2.107   1.00 45.40 ? 14   ASP A CG  1 
ATOM   47   O  OD1 . ASP A 1 16  ? 24.459  -0.024  1.827   1.00 44.00 ? 14   ASP A OD1 1 
ATOM   48   O  OD2 . ASP A 1 16  ? 24.655  2.101   2.249   1.00 43.46 ? 14   ASP A OD2 1 
ATOM   49   N  N   . ALA A 1 17  ? 19.499  1.176   1.482   1.00 47.46 ? 15   ALA A N   1 
ATOM   50   C  CA  . ALA A 1 17  ? 18.066  1.373   1.717   1.00 48.14 ? 15   ALA A CA  1 
ATOM   51   C  C   . ALA A 1 17  ? 17.243  0.140   1.347   1.00 48.58 ? 15   ALA A C   1 
ATOM   52   O  O   . ALA A 1 17  ? 16.345  -0.268  2.080   1.00 49.17 ? 15   ALA A O   1 
ATOM   53   C  CB  . ALA A 1 17  ? 17.565  2.582   0.932   1.00 47.99 ? 15   ALA A CB  1 
ATOM   54   N  N   . ILE A 1 18  ? 17.544  -0.439  0.201   1.00 48.80 ? 16   ILE A N   1 
ATOM   55   C  CA  . ILE A 1 18  ? 16.818  -1.609  -0.276  1.00 49.37 ? 16   ILE A CA  1 
ATOM   56   C  C   . ILE A 1 18  ? 17.047  -2.805  0.665   1.00 49.66 ? 16   ILE A C   1 
ATOM   57   O  O   . ILE A 1 18  ? 16.117  -3.561  1.001   1.00 50.00 ? 16   ILE A O   1 
ATOM   58   C  CB  . ILE A 1 18  ? 17.245  -1.952  -1.736  1.00 49.59 ? 16   ILE A CB  1 
ATOM   59   C  CG1 . ILE A 1 18  ? 16.656  -0.935  -2.717  1.00 49.03 ? 16   ILE A CG1 1 
ATOM   60   C  CG2 . ILE A 1 18  ? 16.830  -3.375  -2.115  1.00 51.59 ? 16   ILE A CG2 1 
ATOM   61   C  CD1 . ILE A 1 18  ? 17.125  -1.103  -4.143  1.00 49.43 ? 16   ILE A CD1 1 
ATOM   62   N  N   . ALA A 1 19  ? 18.300  -2.966  1.079   1.00 49.22 ? 17   ALA A N   1 
ATOM   63   C  CA  . ALA A 1 19  ? 18.684  -4.013  1.979   1.00 48.83 ? 17   ALA A CA  1 
ATOM   64   C  C   . ALA A 1 19  ? 17.961  -3.939  3.332   1.00 48.55 ? 17   ALA A C   1 
ATOM   65   O  O   . ALA A 1 19  ? 17.643  -4.985  3.899   1.00 48.09 ? 17   ALA A O   1 
ATOM   66   C  CB  . ALA A 1 19  ? 20.193  -4.003  2.174   1.00 48.97 ? 17   ALA A CB  1 
ATOM   67   N  N   . ALA A 1 20  ? 17.721  -2.736  3.849   1.00 48.26 ? 18   ALA A N   1 
ATOM   68   C  CA  . ALA A 1 20  ? 17.054  -2.581  5.153   1.00 48.65 ? 18   ALA A CA  1 
ATOM   69   C  C   . ALA A 1 20  ? 15.591  -2.987  5.072   1.00 48.52 ? 18   ALA A C   1 
ATOM   70   O  O   . ALA A 1 20  ? 15.033  -3.506  6.046   1.00 48.98 ? 18   ALA A O   1 
ATOM   71   C  CB  . ALA A 1 20  ? 17.154  -1.154  5.673   1.00 48.55 ? 18   ALA A CB  1 
ATOM   72   N  N   . LYS A 1 21  ? 14.973  -2.718  3.931   1.00 47.65 ? 19   LYS A N   1 
ATOM   73   C  CA  . LYS A 1 21  ? 13.622  -3.159  3.693   1.00 47.64 ? 19   LYS A CA  1 
ATOM   74   C  C   . LYS A 1 21  ? 13.544  -4.666  3.505   1.00 47.67 ? 19   LYS A C   1 
ATOM   75   O  O   . LYS A 1 21  ? 12.732  -5.350  4.165   1.00 45.70 ? 19   LYS A O   1 
ATOM   76   C  CB  . LYS A 1 21  ? 13.056  -2.485  2.451   1.00 48.26 ? 19   LYS A CB  1 
ATOM   77   C  CG  . LYS A 1 21  ? 11.575  -2.820  2.122   1.00 49.32 ? 19   LYS A CG  1 
ATOM   78   C  CD  . LYS A 1 21  ? 10.625  -2.864  3.357   1.00 48.32 ? 19   LYS A CD  1 
ATOM   79   C  CE  . LYS A 1 21  ? 9.333   -3.583  2.978   1.00 49.03 ? 19   LYS A CE  1 
ATOM   80   N  NZ  . LYS A 1 21  ? 8.223   -3.409  3.951   1.00 48.95 ? 19   LYS A NZ  1 
ATOM   81   N  N   . PHE A 1 22  ? 14.391  -5.177  2.605   1.00 47.22 ? 20   PHE A N   1 
ATOM   82   C  CA  . PHE A 1 22  ? 14.191  -6.517  2.068   1.00 47.68 ? 20   PHE A CA  1 
ATOM   83   C  C   . PHE A 1 22  ? 15.197  -7.572  2.528   1.00 47.78 ? 20   PHE A C   1 
ATOM   84   O  O   . PHE A 1 22  ? 14.978  -8.737  2.272   1.00 47.28 ? 20   PHE A O   1 
ATOM   85   C  CB  . PHE A 1 22  ? 14.230  -6.485  0.545   1.00 47.79 ? 20   PHE A CB  1 
ATOM   86   C  CG  . PHE A 1 22  ? 13.151  -5.659  -0.079  1.00 47.93 ? 20   PHE A CG  1 
ATOM   87   C  CD1 . PHE A 1 22  ? 13.446  -4.420  -0.634  1.00 46.85 ? 20   PHE A CD1 1 
ATOM   88   C  CD2 . PHE A 1 22  ? 11.840  -6.139  -0.150  1.00 47.53 ? 20   PHE A CD2 1 
ATOM   89   C  CE1 . PHE A 1 22  ? 12.470  -3.675  -1.230  1.00 46.09 ? 20   PHE A CE1 1 
ATOM   90   C  CE2 . PHE A 1 22  ? 10.845  -5.392  -0.742  1.00 46.01 ? 20   PHE A CE2 1 
ATOM   91   C  CZ  . PHE A 1 22  ? 11.155  -4.159  -1.287  1.00 47.31 ? 20   PHE A CZ  1 
ATOM   92   N  N   . GLY A 1 23  ? 16.275  -7.167  3.192   1.00 48.19 ? 21   GLY A N   1 
ATOM   93   C  CA  . GLY A 1 23  ? 17.406  -8.038  3.427   1.00 48.74 ? 21   GLY A CA  1 
ATOM   94   C  C   . GLY A 1 23  ? 18.247  -8.201  2.174   1.00 49.73 ? 21   GLY A C   1 
ATOM   95   O  O   . GLY A 1 23  ? 18.096  -7.436  1.209   1.00 50.01 ? 21   GLY A O   1 
ATOM   96   N  N   . SER A 1 24  ? 19.129  -9.211  2.204   1.00 50.33 ? 22   SER A N   1 
ATOM   97   C  CA  . SER A 1 24  ? 20.050  -9.532  1.123   1.00 51.19 ? 22   SER A CA  1 
ATOM   98   C  C   . SER A 1 24  ? 19.420  -10.531 0.154   1.00 51.44 ? 22   SER A C   1 
ATOM   99   O  O   . SER A 1 24  ? 19.746  -11.723 0.177   1.00 52.54 ? 22   SER A O   1 
ATOM   100  C  CB  . SER A 1 24  ? 21.350  -10.152 1.676   1.00 51.51 ? 22   SER A CB  1 
ATOM   101  O  OG  . SER A 1 24  ? 22.157  -9.204  2.352   1.00 53.41 ? 22   SER A OG  1 
ATOM   102  N  N   . LEU A 1 25  ? 18.532  -10.054 -0.703  1.00 51.37 ? 23   LEU A N   1 
ATOM   103  C  CA  . LEU A 1 25  ? 17.935  -10.909 -1.699  1.00 51.22 ? 23   LEU A CA  1 
ATOM   104  C  C   . LEU A 1 25  ? 18.486  -10.476 -3.047  1.00 51.54 ? 23   LEU A C   1 
ATOM   105  O  O   . LEU A 1 25  ? 18.961  -9.344  -3.173  1.00 52.20 ? 23   LEU A O   1 
ATOM   106  C  CB  . LEU A 1 25  ? 16.412  -10.814 -1.639  1.00 50.85 ? 23   LEU A CB  1 
ATOM   107  C  CG  . LEU A 1 25  ? 15.782  -11.384 -0.360  1.00 50.62 ? 23   LEU A CG  1 
ATOM   108  C  CD1 . LEU A 1 25  ? 14.326  -11.009 -0.272  1.00 49.35 ? 23   LEU A CD1 1 
ATOM   109  C  CD2 . LEU A 1 25  ? 15.950  -12.925 -0.253  1.00 50.49 ? 23   LEU A CD2 1 
ATOM   110  N  N   . PRO A 1 26  ? 18.449  -11.372 -4.051  1.00 51.26 ? 24   PRO A N   1 
ATOM   111  C  CA  . PRO A 1 26  ? 18.944  -10.956 -5.342  1.00 51.56 ? 24   PRO A CA  1 
ATOM   112  C  C   . PRO A 1 26  ? 17.979  -9.951  -5.979  1.00 51.73 ? 24   PRO A C   1 
ATOM   113  O  O   . PRO A 1 26  ? 16.762  -10.129 -5.897  1.00 52.75 ? 24   PRO A O   1 
ATOM   114  C  CB  . PRO A 1 26  ? 18.994  -12.258 -6.160  1.00 51.31 ? 24   PRO A CB  1 
ATOM   115  C  CG  . PRO A 1 26  ? 18.558  -13.347 -5.271  1.00 51.29 ? 24   PRO A CG  1 
ATOM   116  C  CD  . PRO A 1 26  ? 17.909  -12.741 -4.080  1.00 51.31 ? 24   PRO A CD  1 
ATOM   117  N  N   . ILE A 1 27  ? 18.539  -8.900  -6.571  1.00 51.51 ? 25   ILE A N   1 
ATOM   118  C  CA  . ILE A 1 27  ? 17.787  -7.896  -7.315  1.00 51.35 ? 25   ILE A CA  1 
ATOM   119  C  C   . ILE A 1 27  ? 18.107  -7.994  -8.814  1.00 51.04 ? 25   ILE A C   1 
ATOM   120  O  O   . ILE A 1 27  ? 19.235  -8.311  -9.205  1.00 51.39 ? 25   ILE A O   1 
ATOM   121  C  CB  . ILE A 1 27  ? 18.082  -6.487  -6.775  1.00 51.57 ? 25   ILE A CB  1 
ATOM   122  C  CG1 . ILE A 1 27  ? 17.216  -5.449  -7.486  1.00 53.13 ? 25   ILE A CG1 1 
ATOM   123  C  CG2 . ILE A 1 27  ? 19.571  -6.137  -6.899  1.00 51.54 ? 25   ILE A CG2 1 
ATOM   124  C  CD1 . ILE A 1 27  ? 16.993  -4.227  -6.652  1.00 55.40 ? 25   ILE A CD1 1 
ATOM   125  N  N   . GLN A 1 28  ? 17.093  -7.762  -9.643  1.00 50.35 ? 26   GLN A N   1 
ATOM   126  C  CA  . GLN A 1 28  ? 17.242  -7.760  -11.087 1.00 49.74 ? 26   GLN A CA  1 
ATOM   127  C  C   . GLN A 1 28  ? 16.279  -6.705  -11.654 1.00 48.78 ? 26   GLN A C   1 
ATOM   128  O  O   . GLN A 1 28  ? 15.198  -6.524  -11.114 1.00 48.18 ? 26   GLN A O   1 
ATOM   129  C  CB  . GLN A 1 28  ? 16.912  -9.153  -11.652 1.00 49.79 ? 26   GLN A CB  1 
ATOM   130  C  CG  . GLN A 1 28  ? 15.435  -9.572  -11.471 1.00 50.19 ? 26   GLN A CG  1 
ATOM   131  C  CD  . GLN A 1 28  ? 15.175  -11.031 -11.815 1.00 51.01 ? 26   GLN A CD  1 
ATOM   132  O  OE1 . GLN A 1 28  ? 15.376  -11.916 -10.988 1.00 54.43 ? 26   GLN A OE1 1 
ATOM   133  N  NE2 . GLN A 1 28  ? 14.706  -11.285 -13.033 1.00 51.21 ? 26   GLN A NE2 1 
ATOM   134  N  N   . GLU A 1 29  ? 16.666  -6.012  -12.730 1.00 47.89 ? 27   GLU A N   1 
ATOM   135  C  CA  . GLU A 1 29  ? 15.737  -5.104  -13.403 1.00 47.60 ? 27   GLU A CA  1 
ATOM   136  C  C   . GLU A 1 29  ? 14.547  -5.880  -13.932 1.00 46.55 ? 27   GLU A C   1 
ATOM   137  O  O   . GLU A 1 29  ? 14.668  -7.042  -14.354 1.00 46.75 ? 27   GLU A O   1 
ATOM   138  C  CB  . GLU A 1 29  ? 16.378  -4.326  -14.566 1.00 47.69 ? 27   GLU A CB  1 
ATOM   139  C  CG  . GLU A 1 29  ? 17.494  -3.328  -14.194 1.00 49.68 ? 27   GLU A CG  1 
ATOM   140  C  CD  . GLU A 1 29  ? 17.111  -2.257  -13.158 1.00 51.05 ? 27   GLU A CD  1 
ATOM   141  O  OE1 . GLU A 1 29  ? 16.249  -1.381  -13.409 1.00 52.48 ? 27   GLU A OE1 1 
ATOM   142  O  OE2 . GLU A 1 29  ? 17.729  -2.277  -12.083 1.00 54.05 ? 27   GLU A OE2 1 
ATOM   143  N  N   . SER A 1 30  ? 13.401  -5.224  -13.930 1.00 45.50 ? 28   SER A N   1 
ATOM   144  C  CA  . SER A 1 30  ? 12.173  -5.815  -14.435 1.00 45.36 ? 28   SER A CA  1 
ATOM   145  C  C   . SER A 1 30  ? 11.343  -4.756  -15.149 1.00 45.53 ? 28   SER A C   1 
ATOM   146  O  O   . SER A 1 30  ? 11.220  -3.632  -14.653 1.00 45.19 ? 28   SER A O   1 
ATOM   147  C  CB  . SER A 1 30  ? 11.384  -6.426  -13.281 1.00 45.00 ? 28   SER A CB  1 
ATOM   148  O  OG  . SER A 1 30  ? 10.067  -6.760  -13.672 1.00 44.16 ? 28   SER A OG  1 
ATOM   149  N  N   . THR A 1 31  ? 10.808  -5.110  -16.323 1.00 45.59 ? 29   THR A N   1 
ATOM   150  C  CA  . THR A 1 31  ? 9.776   -4.296  -16.986 1.00 45.54 ? 29   THR A CA  1 
ATOM   151  C  C   . THR A 1 31  ? 8.351   -4.668  -16.558 1.00 45.55 ? 29   THR A C   1 
ATOM   152  O  O   . THR A 1 31  ? 7.399   -4.109  -17.080 1.00 45.17 ? 29   THR A O   1 
ATOM   153  C  CB  . THR A 1 31  ? 9.829   -4.421  -18.520 1.00 45.31 ? 29   THR A CB  1 
ATOM   154  O  OG1 . THR A 1 31  ? 9.742   -5.803  -18.888 1.00 44.42 ? 29   THR A OG1 1 
ATOM   155  C  CG2 . THR A 1 31  ? 11.095  -3.822  -19.052 1.00 46.40 ? 29   THR A CG2 1 
ATOM   156  N  N   . ALA A 1 32  ? 8.209   -5.621  -15.633 1.00 46.34 ? 30   ALA A N   1 
ATOM   157  C  CA  . ALA A 1 32  ? 6.898   -6.019  -15.077 1.00 46.46 ? 30   ALA A CA  1 
ATOM   158  C  C   . ALA A 1 32  ? 6.473   -5.130  -13.886 1.00 46.88 ? 30   ALA A C   1 
ATOM   159  O  O   . ALA A 1 32  ? 5.582   -5.493  -13.120 1.00 46.35 ? 30   ALA A O   1 
ATOM   160  C  CB  . ALA A 1 32  ? 6.917   -7.490  -14.675 1.00 46.34 ? 30   ALA A CB  1 
ATOM   161  N  N   . ILE A 1 33  ? 7.143   -3.978  -13.768 1.00 47.31 ? 31   ILE A N   1 
ATOM   162  C  CA  . ILE A 1 33  ? 6.859   -2.932  -12.810 1.00 47.27 ? 31   ILE A CA  1 
ATOM   163  C  C   . ILE A 1 33  ? 6.604   -1.684  -13.647 1.00 47.59 ? 31   ILE A C   1 
ATOM   164  O  O   . ILE A 1 33  ? 7.454   -1.298  -14.416 1.00 47.55 ? 31   ILE A O   1 
ATOM   165  C  CB  . ILE A 1 33  ? 8.082   -2.672  -11.900 1.00 47.34 ? 31   ILE A CB  1 
ATOM   166  C  CG1 . ILE A 1 33  ? 8.490   -3.952  -11.153 1.00 47.90 ? 31   ILE A CG1 1 
ATOM   167  C  CG2 . ILE A 1 33  ? 7.792   -1.525  -10.919 1.00 47.73 ? 31   ILE A CG2 1 
ATOM   168  C  CD1 . ILE A 1 33  ? 9.678   -3.803  -10.168 1.00 46.95 ? 31   ILE A CD1 1 
ATOM   169  N  N   . GLN A 1 34  ? 5.433   -1.071  -13.514 1.00 48.42 ? 32   GLN A N   1 
ATOM   170  C  CA  . GLN A 1 34  ? 5.078   0.145   -14.265 1.00 49.49 ? 32   GLN A CA  1 
ATOM   171  C  C   . GLN A 1 34  ? 5.195   1.381   -13.340 1.00 49.71 ? 32   GLN A C   1 
ATOM   172  O  O   . GLN A 1 34  ? 4.730   1.376   -12.208 1.00 50.26 ? 32   GLN A O   1 
ATOM   173  C  CB  . GLN A 1 34  ? 3.658   0.025   -14.826 1.00 50.04 ? 32   GLN A CB  1 
ATOM   174  C  CG  . GLN A 1 34  ? 3.420   -1.104  -15.871 1.00 52.67 ? 32   GLN A CG  1 
ATOM   175  C  CD  . GLN A 1 34  ? 3.399   -2.563  -15.311 1.00 56.21 ? 32   GLN A CD  1 
ATOM   176  O  OE1 . GLN A 1 34  ? 2.716   -2.884  -14.311 1.00 57.15 ? 32   GLN A OE1 1 
ATOM   177  N  NE2 . GLN A 1 34  ? 4.121   -3.458  -16.010 1.00 57.27 ? 32   GLN A NE2 1 
ATOM   178  N  N   . ILE A 1 35  ? 5.890   2.413   -13.805 1.00 50.18 ? 33   ILE A N   1 
ATOM   179  C  CA  . ILE A 1 35  ? 6.003   3.690   -13.090 1.00 49.26 ? 33   ILE A CA  1 
ATOM   180  C  C   . ILE A 1 35  ? 5.518   4.832   -13.979 1.00 48.31 ? 33   ILE A C   1 
ATOM   181  O  O   . ILE A 1 35  ? 6.089   5.066   -15.032 1.00 47.45 ? 33   ILE A O   1 
ATOM   182  C  CB  . ILE A 1 35  ? 7.432   4.027   -12.723 1.00 49.74 ? 33   ILE A CB  1 
ATOM   183  C  CG1 . ILE A 1 35  ? 8.071   2.911   -11.878 1.00 49.39 ? 33   ILE A CG1 1 
ATOM   184  C  CG2 . ILE A 1 35  ? 7.453   5.413   -12.017 1.00 50.39 ? 33   ILE A CG2 1 
ATOM   185  C  CD1 . ILE A 1 35  ? 9.541   3.130   -11.640 1.00 49.24 ? 33   ILE A CD1 1 
ATOM   186  N  N   . LYS A 1 36  ? 4.484   5.544   -13.528 1.00 47.78 ? 34   LYS A N   1 
ATOM   187  C  CA  . LYS A 1 36  ? 3.937   6.701   -14.242 1.00 47.16 ? 34   LYS A CA  1 
ATOM   188  C  C   . LYS A 1 36  ? 4.267   7.937   -13.414 1.00 46.03 ? 34   LYS A C   1 
ATOM   189  O  O   . LYS A 1 36  ? 3.958   7.971   -12.221 1.00 45.41 ? 34   LYS A O   1 
ATOM   190  C  CB  . LYS A 1 36  ? 2.427   6.587   -14.378 1.00 47.40 ? 34   LYS A CB  1 
ATOM   191  C  CG  . LYS A 1 36  ? 1.970   5.404   -15.172 1.00 49.74 ? 34   LYS A CG  1 
ATOM   192  C  CD  . LYS A 1 36  ? 0.449   5.257   -15.099 1.00 52.85 ? 34   LYS A CD  1 
ATOM   193  N  N   . ALA A 1 37  ? 4.919   8.911   -14.054 1.00 43.91 ? 35   ALA A N   1 
ATOM   194  C  CA  . ALA A 1 37  ? 5.280   10.192  -13.475 1.00 43.80 ? 35   ALA A CA  1 
ATOM   195  C  C   . ALA A 1 37  ? 5.546   11.086  -14.657 1.00 43.70 ? 35   ALA A C   1 
ATOM   196  O  O   . ALA A 1 37  ? 5.903   10.576  -15.716 1.00 44.10 ? 35   ALA A O   1 
ATOM   197  C  CB  . ALA A 1 37  ? 6.576   10.086  -12.597 1.00 43.63 ? 35   ALA A CB  1 
ATOM   198  N  N   . PRO A 1 38  ? 5.383   12.410  -14.498 1.00 43.26 ? 36   PRO A N   1 
ATOM   199  C  CA  . PRO A 1 38  ? 5.677   13.313  -15.585 1.00 43.46 ? 36   PRO A CA  1 
ATOM   200  C  C   . PRO A 1 38  ? 7.159   13.281  -15.929 1.00 44.01 ? 36   PRO A C   1 
ATOM   201  O  O   . PRO A 1 38  ? 8.008   13.109  -15.034 1.00 42.92 ? 36   PRO A O   1 
ATOM   202  C  CB  . PRO A 1 38  ? 5.329   14.691  -15.002 1.00 43.36 ? 36   PRO A CB  1 
ATOM   203  C  CG  . PRO A 1 38  ? 5.523   14.522  -13.558 1.00 43.12 ? 36   PRO A CG  1 
ATOM   204  C  CD  . PRO A 1 38  ? 4.969   13.151  -13.295 1.00 43.39 ? 36   PRO A CD  1 
ATOM   205  N  N   . GLU A 1 39  ? 7.457   13.443  -17.210 1.00 44.15 ? 37   GLU A N   1 
ATOM   206  C  CA  . GLU A 1 39  ? 8.841   13.486  -17.681 1.00 45.19 ? 37   GLU A CA  1 
ATOM   207  C  C   . GLU A 1 39  ? 9.605   14.663  -17.060 1.00 44.84 ? 37   GLU A C   1 
ATOM   208  O  O   . GLU A 1 39  ? 10.752  14.527  -16.663 1.00 44.36 ? 37   GLU A O   1 
ATOM   209  C  CB  . GLU A 1 39  ? 8.860   13.597  -19.203 1.00 44.95 ? 37   GLU A CB  1 
ATOM   210  C  CG  . GLU A 1 39  ? 10.246  13.657  -19.806 1.00 46.77 ? 37   GLU A CG  1 
ATOM   211  C  CD  . GLU A 1 39  ? 10.214  13.925  -21.296 1.00 48.57 ? 37   GLU A CD  1 
ATOM   212  O  OE1 . GLU A 1 39  ? 9.138   13.756  -21.938 1.00 53.06 ? 37   GLU A OE1 1 
ATOM   213  O  OE2 . GLU A 1 39  ? 11.271  14.326  -21.828 1.00 54.22 ? 37   GLU A OE2 1 
ATOM   214  N  N   . ILE A 1 40  ? 8.953   15.822  -17.008 1.00 44.89 ? 38   ILE A N   1 
ATOM   215  C  CA  . ILE A 1 40  ? 9.527   17.021  -16.404 1.00 44.84 ? 38   ILE A CA  1 
ATOM   216  C  C   . ILE A 1 40  ? 8.501   17.668  -15.443 1.00 44.46 ? 38   ILE A C   1 
ATOM   217  O  O   . ILE A 1 40  ? 7.271   17.585  -15.648 1.00 43.35 ? 38   ILE A O   1 
ATOM   218  C  CB  . ILE A 1 40  ? 10.038  18.011  -17.493 1.00 44.80 ? 38   ILE A CB  1 
ATOM   219  C  CG1 . ILE A 1 40  ? 10.899  19.121  -16.880 1.00 46.20 ? 38   ILE A CG1 1 
ATOM   220  C  CG2 . ILE A 1 40  ? 8.894   18.618  -18.278 1.00 45.51 ? 38   ILE A CG2 1 
ATOM   221  N  N   . ALA A 1 41  ? 9.031   18.282  -14.386 1.00 43.93 ? 39   ALA A N   1 
ATOM   222  C  CA  . ALA A 1 41  ? 8.229   18.860  -13.312 1.00 43.62 ? 39   ALA A CA  1 
ATOM   223  C  C   . ALA A 1 41  ? 8.789   20.218  -12.844 1.00 43.65 ? 39   ALA A C   1 
ATOM   224  O  O   . ALA A 1 41  ? 9.980   20.466  -12.923 1.00 42.25 ? 39   ALA A O   1 
ATOM   225  C  CB  . ALA A 1 41  ? 8.140   17.873  -12.153 1.00 43.47 ? 39   ALA A CB  1 
ATOM   226  N  N   . GLU A 1 42  ? 7.900   21.090  -12.379 1.00 44.45 ? 40   GLU A N   1 
ATOM   227  C  CA  . GLU A 1 42  ? 8.286   22.360  -11.787 1.00 45.98 ? 40   GLU A CA  1 
ATOM   228  C  C   . GLU A 1 42  ? 8.907   22.170  -10.404 1.00 46.19 ? 40   GLU A C   1 
ATOM   229  O  O   . GLU A 1 42  ? 8.457   21.327  -9.608  1.00 46.16 ? 40   GLU A O   1 
ATOM   230  C  CB  . GLU A 1 42  ? 7.068   23.281  -11.664 1.00 46.23 ? 40   GLU A CB  1 
ATOM   231  C  CG  . GLU A 1 42  ? 6.469   23.708  -12.985 1.00 47.42 ? 40   GLU A CG  1 
ATOM   232  C  CD  . GLU A 1 42  ? 5.314   24.696  -12.835 1.00 48.48 ? 40   GLU A CD  1 
ATOM   233  O  OE1 . GLU A 1 42  ? 5.261   25.401  -11.800 1.00 51.99 ? 40   GLU A OE1 1 
ATOM   234  O  OE2 . GLU A 1 42  ? 4.465   24.782  -13.761 1.00 51.40 ? 40   GLU A OE2 1 
ATOM   235  N  N   . ASN A 1 43  ? 9.946   22.950  -10.125 1.00 46.76 ? 41   ASN A N   1 
ATOM   236  C  CA  . ASN A 1 43  ? 10.566  22.971  -8.797  1.00 47.35 ? 41   ASN A CA  1 
ATOM   237  C  C   . ASN A 1 43  ? 9.488   23.219  -7.738  1.00 47.32 ? 41   ASN A C   1 
ATOM   238  O  O   . ASN A 1 43  ? 8.748   24.208  -7.810  1.00 47.01 ? 41   ASN A O   1 
ATOM   239  C  CB  . ASN A 1 43  ? 11.655  24.061  -8.706  1.00 47.66 ? 41   ASN A CB  1 
ATOM   240  C  CG  . ASN A 1 43  ? 12.782  23.698  -7.731  1.00 49.17 ? 41   ASN A CG  1 
ATOM   241  O  OD1 . ASN A 1 43  ? 13.929  24.105  -7.920  1.00 51.41 ? 41   ASN A OD1 1 
ATOM   242  N  ND2 . ASN A 1 43  ? 12.460  22.927  -6.692  1.00 51.26 ? 41   ASN A ND2 1 
ATOM   243  N  N   . GLY A 1 44  ? 9.374   22.293  -6.790  1.00 47.63 ? 42   GLY A N   1 
ATOM   244  C  CA  . GLY A 1 44  ? 8.487   22.468  -5.655  1.00 47.83 ? 42   GLY A CA  1 
ATOM   245  C  C   . GLY A 1 44  ? 7.085   21.926  -5.852  1.00 48.30 ? 42   GLY A C   1 
ATOM   246  O  O   . GLY A 1 44  ? 6.307   21.861  -4.894  1.00 48.82 ? 42   GLY A O   1 
ATOM   247  N  N   . ALA A 1 45  ? 6.755   21.511  -7.073  1.00 48.12 ? 43   ALA A N   1 
ATOM   248  C  CA  . ALA A 1 45  ? 5.396   21.109  -7.383  1.00 47.66 ? 43   ALA A CA  1 
ATOM   249  C  C   . ALA A 1 45  ? 5.129   19.726  -6.833  1.00 47.24 ? 43   ALA A C   1 
ATOM   250  O  O   . ALA A 1 45  ? 6.009   18.880  -6.828  1.00 47.26 ? 43   ALA A O   1 
ATOM   251  C  CB  . ALA A 1 45  ? 5.166   21.135  -8.884  1.00 47.71 ? 43   ALA A CB  1 
ATOM   252  N  N   . PHE A 1 46  ? 3.908   19.509  -6.357  1.00 47.37 ? 44   PHE A N   1 
ATOM   253  C  CA  . PHE A 1 46  ? 3.394   18.164  -6.121  1.00 47.81 ? 44   PHE A CA  1 
ATOM   254  C  C   . PHE A 1 46  ? 3.088   17.560  -7.470  1.00 47.80 ? 44   PHE A C   1 
ATOM   255  O  O   . PHE A 1 46  ? 2.509   18.225  -8.344  1.00 48.22 ? 44   PHE A O   1 
ATOM   256  C  CB  . PHE A 1 46  ? 2.114   18.193  -5.303  1.00 48.40 ? 44   PHE A CB  1 
ATOM   257  C  CG  . PHE A 1 46  ? 2.338   18.381  -3.849  1.00 48.57 ? 44   PHE A CG  1 
ATOM   258  C  CD1 . PHE A 1 46  ? 1.931   19.540  -3.215  1.00 49.83 ? 44   PHE A CD1 1 
ATOM   259  C  CD2 . PHE A 1 46  ? 2.961   17.393  -3.112  1.00 49.77 ? 44   PHE A CD2 1 
ATOM   260  C  CE1 . PHE A 1 46  ? 2.135   19.713  -1.853  1.00 50.27 ? 44   PHE A CE1 1 
ATOM   261  C  CE2 . PHE A 1 46  ? 3.164   17.549  -1.756  1.00 50.27 ? 44   PHE A CE2 1 
ATOM   262  C  CZ  . PHE A 1 46  ? 2.754   18.716  -1.123  1.00 49.61 ? 44   PHE A CZ  1 
ATOM   263  N  N   . VAL A 1 47  ? 3.492   16.315  -7.635  1.00 47.50 ? 45   VAL A N   1 
ATOM   264  C  CA  . VAL A 1 47  ? 3.424   15.617  -8.909  1.00 47.66 ? 45   VAL A CA  1 
ATOM   265  C  C   . VAL A 1 47  ? 2.730   14.263  -8.692  1.00 46.24 ? 45   VAL A C   1 
ATOM   266  O  O   . VAL A 1 47  ? 3.019   13.582  -7.719  1.00 45.97 ? 45   VAL A O   1 
ATOM   267  C  CB  . VAL A 1 47  ? 4.884   15.459  -9.431  1.00 48.80 ? 45   VAL A CB  1 
ATOM   268  C  CG1 . VAL A 1 47  ? 5.057   14.288  -10.320 1.00 49.09 ? 45   VAL A CG1 1 
ATOM   269  C  CG2 . VAL A 1 47  ? 5.307   16.753  -10.153 1.00 50.34 ? 45   VAL A CG2 1 
ATOM   270  N  N   . PRO A 1 48  ? 1.784   13.895  -9.565  1.00 45.05 ? 46   PRO A N   1 
ATOM   271  C  CA  . PRO A 1 48  ? 1.183   12.567  -9.417  1.00 44.76 ? 46   PRO A CA  1 
ATOM   272  C  C   . PRO A 1 48  ? 2.158   11.481  -9.851  1.00 43.93 ? 46   PRO A C   1 
ATOM   273  O  O   . PRO A 1 48  ? 2.746   11.570  -10.912 1.00 43.00 ? 46   PRO A O   1 
ATOM   274  C  CB  . PRO A 1 48  ? -0.048  12.594  -10.354 1.00 44.60 ? 46   PRO A CB  1 
ATOM   275  C  CG  . PRO A 1 48  ? 0.103   13.821  -11.211 1.00 45.58 ? 46   PRO A CG  1 
ATOM   276  C  CD  . PRO A 1 48  ? 1.225   14.662  -10.698 1.00 45.48 ? 46   PRO A CD  1 
ATOM   277  N  N   . VAL A 1 49  ? 2.327   10.489  -9.004  1.00 43.60 ? 47   VAL A N   1 
ATOM   278  C  CA  . VAL A 1 49  ? 3.133   9.327   -9.307  1.00 44.21 ? 47   VAL A CA  1 
ATOM   279  C  C   . VAL A 1 49  ? 2.278   8.096   -9.024  1.00 44.70 ? 47   VAL A C   1 
ATOM   280  O  O   . VAL A 1 49  ? 1.605   8.023   -7.983  1.00 44.46 ? 47   VAL A O   1 
ATOM   281  C  CB  . VAL A 1 49  ? 4.410   9.348   -8.452  1.00 44.10 ? 47   VAL A CB  1 
ATOM   282  C  CG1 . VAL A 1 49  ? 5.230   8.098   -8.629  1.00 45.12 ? 47   VAL A CG1 1 
ATOM   283  C  CG2 . VAL A 1 49  ? 5.249   10.607  -8.808  1.00 44.64 ? 47   VAL A CG2 1 
ATOM   284  N  N   . THR A 1 50  ? 2.251   7.161   -9.963  1.00 45.00 ? 48   THR A N   1 
ATOM   285  C  CA  . THR A 1 50  ? 1.633   5.869   -9.706  1.00 45.65 ? 48   THR A CA  1 
ATOM   286  C  C   . THR A 1 50  ? 2.603   4.754   -10.039 1.00 45.68 ? 48   THR A C   1 
ATOM   287  O  O   . THR A 1 50  ? 3.391   4.852   -10.997 1.00 45.35 ? 48   THR A O   1 
ATOM   288  C  CB  . THR A 1 50  ? 0.293   5.657   -10.480 1.00 45.93 ? 48   THR A CB  1 
ATOM   289  O  OG1 . THR A 1 50  ? 0.588   5.376   -11.845 1.00 49.25 ? 48   THR A OG1 1 
ATOM   290  C  CG2 . THR A 1 50  ? -0.586  6.861   -10.418 1.00 44.84 ? 48   THR A CG2 1 
ATOM   291  N  N   . VAL A 1 51  ? 2.592   3.720   -9.204  1.00 45.98 ? 49   VAL A N   1 
ATOM   292  C  CA  . VAL A 1 51  ? 3.402   2.533   -9.430  1.00 46.70 ? 49   VAL A CA  1 
ATOM   293  C  C   . VAL A 1 51  ? 2.497   1.299   -9.400  1.00 47.40 ? 49   VAL A C   1 
ATOM   294  O  O   . VAL A 1 51  ? 1.539   1.257   -8.642  1.00 48.08 ? 49   VAL A O   1 
ATOM   295  C  CB  . VAL A 1 51  ? 4.617   2.418   -8.432  1.00 46.86 ? 49   VAL A CB  1 
ATOM   296  C  CG1 . VAL A 1 51  ? 5.414   3.723   -8.406  1.00 46.29 ? 49   VAL A CG1 1 
ATOM   297  C  CG2 . VAL A 1 51  ? 4.208   2.071   -7.017  1.00 46.31 ? 49   VAL A CG2 1 
ATOM   298  N  N   . ALA A 1 52  ? 2.799   0.316   -10.242 1.00 47.81 ? 50   ALA A N   1 
ATOM   299  C  CA  . ALA A 1 52  ? 2.054   -0.931  -10.300 1.00 48.17 ? 50   ALA A CA  1 
ATOM   300  C  C   . ALA A 1 52  ? 2.976   -2.122  -10.658 1.00 48.53 ? 50   ALA A C   1 
ATOM   301  O  O   . ALA A 1 52  ? 4.107   -1.937  -11.120 1.00 48.22 ? 50   ALA A O   1 
ATOM   302  C  CB  . ALA A 1 52  ? 0.941   -0.798  -11.326 1.00 47.93 ? 50   ALA A CB  1 
ATOM   303  N  N   . THR A 1 53  ? 2.483   -3.344  -10.454 1.00 48.71 ? 51   THR A N   1 
ATOM   304  C  CA  . THR A 1 53  ? 3.202   -4.517  -10.957 1.00 48.58 ? 51   THR A CA  1 
ATOM   305  C  C   . THR A 1 53  ? 2.316   -5.690  -11.308 1.00 48.99 ? 51   THR A C   1 
ATOM   306  O  O   . THR A 1 53  ? 1.285   -5.934  -10.671 1.00 49.22 ? 51   THR A O   1 
ATOM   307  C  CB  . THR A 1 53  ? 4.280   -5.008  -9.990  1.00 48.31 ? 51   THR A CB  1 
ATOM   308  O  OG1 . THR A 1 53  ? 4.988   -6.094  -10.589 1.00 47.59 ? 51   THR A OG1 1 
ATOM   309  C  CG2 . THR A 1 53  ? 3.681   -5.464  -8.680  1.00 48.49 ? 51   THR A CG2 1 
ATOM   310  N  N   . SER A 1 54  ? 2.756   -6.429  -12.323 1.00 49.22 ? 52   SER A N   1 
ATOM   311  C  CA  . SER A 1 54  ? 2.032   -7.597  -12.811 1.00 49.23 ? 52   SER A CA  1 
ATOM   312  C  C   . SER A 1 54  ? 2.640   -8.904  -12.306 1.00 49.04 ? 52   SER A C   1 
ATOM   313  O  O   . SER A 1 54  ? 2.086   -9.974  -12.550 1.00 49.48 ? 52   SER A O   1 
ATOM   314  C  CB  . SER A 1 54  ? 2.012   -7.591  -14.339 1.00 49.14 ? 52   SER A CB  1 
ATOM   315  O  OG  . SER A 1 54  ? 3.313   -7.374  -14.845 1.00 49.95 ? 52   SER A OG  1 
ATOM   316  N  N   . ILE A 1 55  ? 3.748   -8.813  -11.577 1.00 48.88 ? 53   ILE A N   1 
ATOM   317  C  CA  . ILE A 1 55  ? 4.457   -9.988  -11.074 1.00 48.54 ? 53   ILE A CA  1 
ATOM   318  C  C   . ILE A 1 55  ? 3.547   -10.786 -10.136 1.00 48.56 ? 53   ILE A C   1 
ATOM   319  O  O   . ILE A 1 55  ? 3.193   -10.301 -9.055  1.00 49.04 ? 53   ILE A O   1 
ATOM   320  C  CB  . ILE A 1 55  ? 5.756   -9.599  -10.339 1.00 48.41 ? 53   ILE A CB  1 
ATOM   321  C  CG1 . ILE A 1 55  ? 6.733   -8.935  -11.309 1.00 48.61 ? 53   ILE A CG1 1 
ATOM   322  C  CG2 . ILE A 1 55  ? 6.416   -10.835 -9.752  1.00 47.97 ? 53   ILE A CG2 1 
ATOM   323  C  CD1 . ILE A 1 55  ? 7.769   -8.066  -10.654 1.00 50.16 ? 53   ILE A CD1 1 
ATOM   324  N  N   . PRO A 1 56  ? 3.166   -12.013 -10.548 1.00 48.44 ? 54   PRO A N   1 
ATOM   325  C  CA  . PRO A 1 56  ? 2.131   -12.778 -9.843  1.00 48.36 ? 54   PRO A CA  1 
ATOM   326  C  C   . PRO A 1 56  ? 2.376   -12.965 -8.343  1.00 48.03 ? 54   PRO A C   1 
ATOM   327  O  O   . PRO A 1 56  ? 1.497   -12.656 -7.522  1.00 48.43 ? 54   PRO A O   1 
ATOM   328  C  CB  . PRO A 1 56  ? 2.127   -14.125 -10.576 1.00 48.31 ? 54   PRO A CB  1 
ATOM   329  C  CG  . PRO A 1 56  ? 2.681   -13.837 -11.924 1.00 48.25 ? 54   PRO A CG  1 
ATOM   330  C  CD  . PRO A 1 56  ? 3.672   -12.743 -11.729 1.00 48.56 ? 54   PRO A CD  1 
ATOM   331  N  N   . GLY A 1 57  ? 3.566   -13.431 -7.982  1.00 47.40 ? 55   GLY A N   1 
ATOM   332  C  CA  . GLY A 1 57  ? 3.875   -13.680 -6.580  1.00 46.90 ? 55   GLY A CA  1 
ATOM   333  C  C   . GLY A 1 57  ? 4.200   -12.470 -5.722  1.00 46.50 ? 55   GLY A C   1 
ATOM   334  O  O   . GLY A 1 57  ? 4.656   -12.640 -4.605  1.00 46.29 ? 55   GLY A O   1 
ATOM   335  N  N   . ALA A 1 58  ? 3.982   -11.249 -6.216  1.00 46.83 ? 56   ALA A N   1 
ATOM   336  C  CA  . ALA A 1 58  ? 4.419   -10.036 -5.486  1.00 46.49 ? 56   ALA A CA  1 
ATOM   337  C  C   . ALA A 1 58  ? 3.739   -9.903  -4.115  1.00 46.30 ? 56   ALA A C   1 
ATOM   338  O  O   . ALA A 1 58  ? 2.511   -9.928  -4.022  1.00 46.89 ? 56   ALA A O   1 
ATOM   339  C  CB  . ALA A 1 58  ? 4.186   -8.792  -6.315  1.00 46.76 ? 56   ALA A CB  1 
ATOM   340  N  N   . THR A 1 59  ? 4.556   -9.818  -3.066  1.00 45.67 ? 57   THR A N   1 
ATOM   341  C  CA  . THR A 1 59  ? 4.105   -9.605  -1.705  1.00 45.77 ? 57   THR A CA  1 
ATOM   342  C  C   . THR A 1 59  ? 4.456   -8.210  -1.154  1.00 45.80 ? 57   THR A C   1 
ATOM   343  O  O   . THR A 1 59  ? 4.064   -7.879  -0.034  1.00 44.99 ? 57   THR A O   1 
ATOM   344  C  CB  . THR A 1 59  ? 4.703   -10.663 -0.758  1.00 45.78 ? 57   THR A CB  1 
ATOM   345  O  OG1 . THR A 1 59  ? 6.135   -10.688 -0.900  1.00 45.78 ? 57   THR A OG1 1 
ATOM   346  C  CG2 . THR A 1 59  ? 4.141   -12.015 -1.086  1.00 46.18 ? 57   THR A CG2 1 
ATOM   347  N  N   . ASN A 1 60  ? 5.219   -7.429  -1.927  1.00 45.51 ? 58   ASN A N   1 
ATOM   348  C  CA  . ASN A 1 60  ? 5.550   -6.047  -1.588  1.00 45.85 ? 58   ASN A CA  1 
ATOM   349  C  C   . ASN A 1 60  ? 5.921   -5.250  -2.824  1.00 46.17 ? 58   ASN A C   1 
ATOM   350  O  O   . ASN A 1 60  ? 6.546   -5.766  -3.737  1.00 45.85 ? 58   ASN A O   1 
ATOM   351  C  CB  . ASN A 1 60  ? 6.728   -5.966  -0.592  1.00 45.90 ? 58   ASN A CB  1 
ATOM   352  C  CG  . ASN A 1 60  ? 7.118   -4.524  -0.247  1.00 45.70 ? 58   ASN A CG  1 
ATOM   353  O  OD1 . ASN A 1 60  ? 7.889   -3.860  -0.981  1.00 44.58 ? 58   ASN A OD1 1 
ATOM   354  N  ND2 . ASN A 1 60  ? 6.565   -4.019  0.857   1.00 45.17 ? 58   ASN A ND2 1 
ATOM   355  N  N   . ILE A 1 61  ? 5.503   -3.998  -2.831  1.00 46.78 ? 59   ILE A N   1 
ATOM   356  C  CA  . ILE A 1 61  ? 6.005   -2.997  -3.735  1.00 47.50 ? 59   ILE A CA  1 
ATOM   357  C  C   . ILE A 1 61  ? 6.383   -1.761  -2.924  1.00 47.22 ? 59   ILE A C   1 
ATOM   358  O  O   . ILE A 1 61  ? 5.559   -1.238  -2.167  1.00 47.62 ? 59   ILE A O   1 
ATOM   359  C  CB  . ILE A 1 61  ? 5.015   -2.686  -4.877  1.00 48.14 ? 59   ILE A CB  1 
ATOM   360  C  CG1 . ILE A 1 61  ? 5.600   -1.614  -5.813  1.00 49.36 ? 59   ILE A CG1 1 
ATOM   361  C  CG2 . ILE A 1 61  ? 3.665   -2.250  -4.370  1.00 48.13 ? 59   ILE A CG2 1 
ATOM   362  C  CD1 . ILE A 1 61  ? 4.948   -1.614  -7.183  1.00 49.24 ? 59   ILE A CD1 1 
ATOM   363  N  N   . SER A 1 62  ? 7.656   -1.365  -3.046  1.00 47.08 ? 60   SER A N   1 
ATOM   364  C  CA  . SER A 1 62  ? 8.237   -0.232  -2.330  1.00 47.12 ? 60   SER A CA  1 
ATOM   365  C  C   . SER A 1 62  ? 8.785   0.843   -3.294  1.00 47.10 ? 60   SER A C   1 
ATOM   366  O  O   . SER A 1 62  ? 9.266   0.527   -4.389  1.00 46.99 ? 60   SER A O   1 
ATOM   367  C  CB  . SER A 1 62  ? 9.355   -0.707  -1.417  1.00 47.00 ? 60   SER A CB  1 
ATOM   368  O  OG  . SER A 1 62  ? 8.847   -1.518  -0.362  1.00 46.87 ? 60   SER A OG  1 
ATOM   369  N  N   . ILE A 1 63  ? 8.719   2.100   -2.867  1.00 46.24 ? 61   ILE A N   1 
ATOM   370  C  CA  . ILE A 1 63  ? 9.135   3.255   -3.682  1.00 45.62 ? 61   ILE A CA  1 
ATOM   371  C  C   . ILE A 1 63  ? 10.265  3.987   -2.956  1.00 45.05 ? 61   ILE A C   1 
ATOM   372  O  O   . ILE A 1 63  ? 10.112  4.385   -1.790  1.00 45.81 ? 61   ILE A O   1 
ATOM   373  C  CB  . ILE A 1 63  ? 7.978   4.245   -3.912  1.00 45.13 ? 61   ILE A CB  1 
ATOM   374  C  CG1 . ILE A 1 63  ? 6.740   3.534   -4.473  1.00 45.70 ? 61   ILE A CG1 1 
ATOM   375  C  CG2 . ILE A 1 63  ? 8.419   5.423   -4.792  1.00 45.10 ? 61   ILE A CG2 1 
ATOM   376  C  CD1 . ILE A 1 63  ? 5.473   4.402   -4.488  1.00 46.94 ? 61   ILE A CD1 1 
ATOM   377  N  N   . PHE A 1 64  ? 11.391  4.123   -3.650  1.00 44.83 ? 62   PHE A N   1 
ATOM   378  C  CA  . PHE A 1 64  ? 12.583  4.768   -3.134  1.00 44.66 ? 62   PHE A CA  1 
ATOM   379  C  C   . PHE A 1 64  ? 12.873  6.017   -3.925  1.00 44.99 ? 62   PHE A C   1 
ATOM   380  O  O   . PHE A 1 64  ? 12.653  6.055   -5.135  1.00 44.10 ? 62   PHE A O   1 
ATOM   381  C  CB  . PHE A 1 64  ? 13.795  3.834   -3.209  1.00 44.54 ? 62   PHE A CB  1 
ATOM   382  C  CG  . PHE A 1 64  ? 13.615  2.576   -2.438  1.00 44.33 ? 62   PHE A CG  1 
ATOM   383  C  CD1 . PHE A 1 64  ? 12.985  1.484   -3.001  1.00 46.68 ? 62   PHE A CD1 1 
ATOM   384  C  CD2 . PHE A 1 64  ? 14.026  2.491   -1.136  1.00 45.68 ? 62   PHE A CD2 1 
ATOM   385  C  CE1 . PHE A 1 64  ? 12.787  0.317   -2.269  1.00 47.00 ? 62   PHE A CE1 1 
ATOM   386  C  CE2 . PHE A 1 64  ? 13.820  1.335   -0.410  1.00 47.43 ? 62   PHE A CE2 1 
ATOM   387  C  CZ  . PHE A 1 64  ? 13.196  0.252   -0.984  1.00 45.82 ? 62   PHE A CZ  1 
ATOM   388  N  N   . THR A 1 65  ? 13.356  7.031   -3.218  1.00 44.94 ? 63   THR A N   1 
ATOM   389  C  CA  . THR A 1 65  ? 13.882  8.245   -3.806  1.00 46.01 ? 63   THR A CA  1 
ATOM   390  C  C   . THR A 1 65  ? 15.262  8.445   -3.176  1.00 46.47 ? 63   THR A C   1 
ATOM   391  O  O   . THR A 1 65  ? 15.403  9.164   -2.179  1.00 45.18 ? 63   THR A O   1 
ATOM   392  C  CB  . THR A 1 65  ? 12.989  9.437   -3.485  1.00 46.56 ? 63   THR A CB  1 
ATOM   393  O  OG1 . THR A 1 65  ? 12.676  9.450   -2.080  1.00 48.21 ? 63   THR A OG1 1 
ATOM   394  C  CG2 . THR A 1 65  ? 11.724  9.329   -4.241  1.00 47.05 ? 63   THR A CG2 1 
ATOM   395  N  N   . PRO A 1 66  ? 16.282  7.767   -3.739  1.00 47.27 ? 64   PRO A N   1 
ATOM   396  C  CA  . PRO A 1 66  ? 17.549  7.608   -3.060  1.00 47.82 ? 64   PRO A CA  1 
ATOM   397  C  C   . PRO A 1 66  ? 18.315  8.908   -2.878  1.00 47.99 ? 64   PRO A C   1 
ATOM   398  O  O   . PRO A 1 66  ? 19.216  8.978   -2.037  1.00 48.16 ? 64   PRO A O   1 
ATOM   399  C  CB  . PRO A 1 66  ? 18.307  6.632   -3.965  1.00 48.43 ? 64   PRO A CB  1 
ATOM   400  C  CG  . PRO A 1 66  ? 17.724  6.825   -5.303  1.00 48.40 ? 64   PRO A CG  1 
ATOM   401  C  CD  . PRO A 1 66  ? 16.274  7.075   -5.038  1.00 47.80 ? 64   PRO A CD  1 
ATOM   402  N  N   . ALA A 1 67  ? 17.953  9.938   -3.631  1.00 47.61 ? 65   ALA A N   1 
ATOM   403  C  CA  . ALA A 1 67  ? 18.590  11.236  -3.454  1.00 47.65 ? 65   ALA A CA  1 
ATOM   404  C  C   . ALA A 1 67  ? 18.079  11.980  -2.208  1.00 47.33 ? 65   ALA A C   1 
ATOM   405  O  O   . ALA A 1 67  ? 18.721  12.901  -1.737  1.00 47.55 ? 65   ALA A O   1 
ATOM   406  C  CB  . ALA A 1 67  ? 18.372  12.080  -4.707  1.00 48.02 ? 65   ALA A CB  1 
ATOM   407  N  N   . ASN A 1 68  ? 16.920  11.591  -1.682  1.00 46.97 ? 66   ASN A N   1 
ATOM   408  C  CA  . ASN A 1 68  ? 16.272  12.350  -0.606  1.00 46.55 ? 66   ASN A CA  1 
ATOM   409  C  C   . ASN A 1 68  ? 16.699  11.914  0.807   1.00 45.06 ? 66   ASN A C   1 
ATOM   410  O  O   . ASN A 1 68  ? 17.276  10.856  0.996   1.00 45.00 ? 66   ASN A O   1 
ATOM   411  C  CB  . ASN A 1 68  ? 14.756  12.272  -0.764  1.00 46.68 ? 66   ASN A CB  1 
ATOM   412  C  CG  . ASN A 1 68  ? 14.290  12.778  -2.131  1.00 49.45 ? 66   ASN A CG  1 
ATOM   413  O  OD1 . ASN A 1 68  ? 15.109  13.215  -2.952  1.00 50.67 ? 66   ASN A OD1 1 
ATOM   414  N  ND2 . ASN A 1 68  ? 12.979  12.686  -2.394  1.00 50.24 ? 66   ASN A ND2 1 
ATOM   415  N  N   . PHE A 1 69  ? 16.432  12.761  1.791   1.00 43.53 ? 67   PHE A N   1 
ATOM   416  C  CA  . PHE A 1 69  ? 16.764  12.464  3.176   1.00 41.89 ? 67   PHE A CA  1 
ATOM   417  C  C   . PHE A 1 69  ? 16.134  11.137  3.653   1.00 41.97 ? 67   PHE A C   1 
ATOM   418  O  O   . PHE A 1 69  ? 16.750  10.389  4.394   1.00 41.70 ? 67   PHE A O   1 
ATOM   419  C  CB  . PHE A 1 69  ? 16.283  13.602  4.064   1.00 40.51 ? 67   PHE A CB  1 
ATOM   420  C  CG  . PHE A 1 69  ? 16.558  13.397  5.516   1.00 38.76 ? 67   PHE A CG  1 
ATOM   421  C  CD1 . PHE A 1 69  ? 17.850  13.474  6.008   1.00 37.20 ? 67   PHE A CD1 1 
ATOM   422  C  CD2 . PHE A 1 69  ? 15.527  13.153  6.404   1.00 37.37 ? 67   PHE A CD2 1 
ATOM   423  C  CE1 . PHE A 1 69  ? 18.104  13.309  7.359   1.00 35.82 ? 67   PHE A CE1 1 
ATOM   424  C  CE2 . PHE A 1 69  ? 15.790  12.980  7.756   1.00 34.83 ? 67   PHE A CE2 1 
ATOM   425  C  CZ  . PHE A 1 69  ? 17.076  13.060  8.219   1.00 35.49 ? 67   PHE A CZ  1 
ATOM   426  N  N   . SER A 1 70  ? 14.887  10.901  3.261   1.00 42.47 ? 68   SER A N   1 
ATOM   427  C  CA  . SER A 1 70  ? 14.188  9.647   3.550   1.00 43.17 ? 68   SER A CA  1 
ATOM   428  C  C   . SER A 1 70  ? 14.157  8.892   2.265   1.00 44.25 ? 68   SER A C   1 
ATOM   429  O  O   . SER A 1 70  ? 13.324  9.190   1.418   1.00 45.47 ? 68   SER A O   1 
ATOM   430  C  CB  . SER A 1 70  ? 12.759  9.898   4.026   1.00 43.30 ? 68   SER A CB  1 
ATOM   431  O  OG  . SER A 1 70  ? 12.771  10.605  5.242   1.00 41.75 ? 68   SER A OG  1 
ATOM   432  N  N   . PRO A 1 71  ? 15.101  7.954   2.071   1.00 45.00 ? 69   PRO A N   1 
ATOM   433  C  CA  . PRO A 1 71  ? 15.147  7.306   0.754   1.00 45.27 ? 69   PRO A CA  1 
ATOM   434  C  C   . PRO A 1 71  ? 13.953  6.406   0.456   1.00 45.79 ? 69   PRO A C   1 
ATOM   435  O  O   . PRO A 1 71  ? 13.631  6.219   -0.693  1.00 46.99 ? 69   PRO A O   1 
ATOM   436  C  CB  . PRO A 1 71  ? 16.460  6.500   0.768   1.00 45.51 ? 69   PRO A CB  1 
ATOM   437  C  CG  . PRO A 1 71  ? 17.115  6.794   2.084   1.00 46.22 ? 69   PRO A CG  1 
ATOM   438  C  CD  . PRO A 1 71  ? 16.144  7.464   2.989   1.00 44.35 ? 69   PRO A CD  1 
ATOM   439  N  N   . MET A 1 72  ? 13.281  5.873   1.456   1.00 45.56 ? 70   MET A N   1 
ATOM   440  C  CA  . MET A 1 72  ? 12.079  5.123   1.197   1.00 46.98 ? 70   MET A CA  1 
ATOM   441  C  C   . MET A 1 72  ? 10.798  5.919   1.469   1.00 46.32 ? 70   MET A C   1 
ATOM   442  O  O   . MET A 1 72  ? 10.536  6.359   2.571   1.00 45.54 ? 70   MET A O   1 
ATOM   443  C  CB  . MET A 1 72  ? 12.058  3.827   1.973   1.00 47.33 ? 70   MET A CB  1 
ATOM   444  C  CG  . MET A 1 72  ? 11.093  2.865   1.350   1.00 49.61 ? 70   MET A CG  1 
ATOM   445  S  SD  . MET A 1 72  ? 10.871  1.384   2.245   1.00 52.01 ? 70   MET A SD  1 
ATOM   446  C  CE  . MET A 1 72  ? 12.458  0.702   2.472   1.00 56.05 ? 70   MET A CE  1 
ATOM   447  N  N   . VAL A 1 73  ? 10.012  6.071   0.416   1.00 46.66 ? 71   VAL A N   1 
ATOM   448  C  CA  . VAL A 1 73  ? 8.830   6.947   0.389   1.00 47.14 ? 71   VAL A CA  1 
ATOM   449  C  C   . VAL A 1 73  ? 7.543   6.174   0.809   1.00 45.95 ? 71   VAL A C   1 
ATOM   450  O  O   . VAL A 1 73  ? 6.652   6.715   1.476   1.00 44.94 ? 71   VAL A O   1 
ATOM   451  C  CB  . VAL A 1 73  ? 8.757   7.567   -1.052  1.00 48.13 ? 71   VAL A CB  1 
ATOM   452  C  CG1 . VAL A 1 73  ? 7.379   7.825   -1.502  1.00 49.52 ? 71   VAL A CG1 1 
ATOM   453  C  CG2 . VAL A 1 73  ? 9.657   8.858   -1.113  1.00 49.83 ? 71   VAL A CG2 1 
ATOM   454  N  N   . ALA A 1 74  ? 7.499   4.907   0.439   1.00 44.94 ? 72   ALA A N   1 
ATOM   455  C  CA  . ALA A 1 74  ? 6.330   4.066   0.630   1.00 45.46 ? 72   ALA A CA  1 
ATOM   456  C  C   . ALA A 1 74  ? 6.637   2.587   0.476   1.00 45.18 ? 72   ALA A C   1 
ATOM   457  O  O   . ALA A 1 74  ? 7.510   2.200   -0.308  1.00 45.32 ? 72   ALA A O   1 
ATOM   458  C  CB  . ALA A 1 74  ? 5.242   4.461   -0.357  1.00 45.15 ? 72   ALA A CB  1 
ATOM   459  N  N   . SER A 1 75  ? 5.858   1.780   1.188   1.00 46.23 ? 73   SER A N   1 
ATOM   460  C  CA  . SER A 1 75  ? 5.973   0.323   1.206   1.00 46.71 ? 73   SER A CA  1 
ATOM   461  C  C   . SER A 1 75  ? 4.599   -0.331  1.348   1.00 46.52 ? 73   SER A C   1 
ATOM   462  O  O   . SER A 1 75  ? 3.901   -0.111  2.344   1.00 45.91 ? 73   SER A O   1 
ATOM   463  C  CB  . SER A 1 75  ? 6.820   -0.129  2.392   1.00 47.24 ? 73   SER A CB  1 
ATOM   464  O  OG  . SER A 1 75  ? 7.206   -1.473  2.230   1.00 49.29 ? 73   SER A OG  1 
ATOM   465  N  N   . PHE A 1 76  ? 4.226   -1.121  0.343   1.00 46.16 ? 74   PHE A N   1 
ATOM   466  C  CA  . PHE A 1 76  ? 2.926   -1.758  0.289   1.00 46.11 ? 74   PHE A CA  1 
ATOM   467  C  C   . PHE A 1 76  ? 3.068   -3.273  0.380   1.00 45.43 ? 74   PHE A C   1 
ATOM   468  O  O   . PHE A 1 76  ? 3.398   -3.936  -0.606  1.00 45.45 ? 74   PHE A O   1 
ATOM   469  C  CB  . PHE A 1 76  ? 2.207   -1.369  -1.013  1.00 46.41 ? 74   PHE A CB  1 
ATOM   470  C  CG  . PHE A 1 76  ? 0.722   -1.682  -1.031  1.00 46.94 ? 74   PHE A CG  1 
ATOM   471  C  CD1 . PHE A 1 76  ? -0.008  -1.845  0.136   1.00 47.18 ? 74   PHE A CD1 1 
ATOM   472  C  CD2 . PHE A 1 76  ? 0.044   -1.768  -2.250  1.00 47.47 ? 74   PHE A CD2 1 
ATOM   473  C  CE1 . PHE A 1 76  ? -1.380  -2.097  0.080   1.00 46.95 ? 74   PHE A CE1 1 
ATOM   474  C  CE2 . PHE A 1 76  ? -1.305  -2.032  -2.305  1.00 45.99 ? 74   PHE A CE2 1 
ATOM   475  C  CZ  . PHE A 1 76  ? -2.020  -2.192  -1.138  1.00 46.35 ? 74   PHE A CZ  1 
ATOM   476  N  N   . ASP A 1 77  ? 2.852   -3.793  1.579   1.00 44.79 ? 75   ASP A N   1 
ATOM   477  C  CA  . ASP A 1 77  ? 2.779   -5.224  1.825   1.00 44.45 ? 75   ASP A CA  1 
ATOM   478  C  C   . ASP A 1 77  ? 1.417   -5.757  1.403   1.00 44.29 ? 75   ASP A C   1 
ATOM   479  O  O   . ASP A 1 77  ? 0.386   -5.239  1.817   1.00 44.03 ? 75   ASP A O   1 
ATOM   480  C  CB  . ASP A 1 77  ? 2.954   -5.525  3.313   1.00 44.47 ? 75   ASP A CB  1 
ATOM   481  C  CG  . ASP A 1 77  ? 4.357   -5.313  3.799   1.00 42.85 ? 75   ASP A CG  1 
ATOM   482  O  OD1 . ASP A 1 77  ? 5.290   -5.408  2.995   1.00 44.40 ? 75   ASP A OD1 1 
ATOM   483  O  OD2 . ASP A 1 77  ? 4.530   -5.067  5.012   1.00 42.89 ? 75   ASP A OD2 1 
ATOM   484  N  N   . VAL A 1 78  ? 1.436   -6.809  0.603   1.00 44.58 ? 76   VAL A N   1 
ATOM   485  C  CA  . VAL A 1 78  ? 0.235   -7.418  0.066   1.00 45.20 ? 76   VAL A CA  1 
ATOM   486  C  C   . VAL A 1 78  ? 0.352   -8.939  -0.031  1.00 45.17 ? 76   VAL A C   1 
ATOM   487  O  O   . VAL A 1 78  ? 1.441   -9.496  -0.101  1.00 44.21 ? 76   VAL A O   1 
ATOM   488  C  CB  . VAL A 1 78  ? -0.050  -6.892  -1.331  1.00 45.38 ? 76   VAL A CB  1 
ATOM   489  C  CG1 . VAL A 1 78  ? -0.698  -5.522  -1.238  1.00 47.05 ? 76   VAL A CG1 1 
ATOM   490  C  CG2 . VAL A 1 78  ? 1.228   -6.869  -2.176  1.00 45.68 ? 76   VAL A CG2 1 
ATOM   491  N  N   . LEU A 1 79  ? -0.793  -9.599  -0.039  1.00 45.76 ? 77   LEU A N   1 
ATOM   492  C  CA  . LEU A 1 79  ? -0.837  -11.028 -0.289  1.00 46.28 ? 77   LEU A CA  1 
ATOM   493  C  C   . LEU A 1 79  ? -0.575  -11.199 -1.775  1.00 46.88 ? 77   LEU A C   1 
ATOM   494  O  O   . LEU A 1 79  ? -0.798  -10.262 -2.531  1.00 47.17 ? 77   LEU A O   1 
ATOM   495  C  CB  . LEU A 1 79  ? -2.195  -11.606 0.110   1.00 45.85 ? 77   LEU A CB  1 
ATOM   496  C  CG  . LEU A 1 79  ? -2.568  -11.464 1.589   1.00 45.13 ? 77   LEU A CG  1 
ATOM   497  C  CD1 . LEU A 1 79  ? -3.947  -12.048 1.827   1.00 45.37 ? 77   LEU A CD1 1 
ATOM   498  C  CD2 . LEU A 1 79  ? -1.544  -12.134 2.497   1.00 44.13 ? 77   LEU A CD2 1 
ATOM   499  N  N   . PRO A 1 80  ? -0.075  -12.375 -2.199  1.00 47.55 ? 78   PRO A N   1 
ATOM   500  C  CA  . PRO A 1 80  ? 0.201   -12.568 -3.628  1.00 47.92 ? 78   PRO A CA  1 
ATOM   501  C  C   . PRO A 1 80  ? -1.049  -12.576 -4.514  1.00 48.30 ? 78   PRO A C   1 
ATOM   502  O  O   . PRO A 1 80  ? -2.145  -12.858 -4.040  1.00 48.28 ? 78   PRO A O   1 
ATOM   503  C  CB  . PRO A 1 80  ? 0.925   -13.929 -3.683  1.00 47.93 ? 78   PRO A CB  1 
ATOM   504  C  CG  . PRO A 1 80  ? 1.297   -14.257 -2.265  1.00 48.14 ? 78   PRO A CG  1 
ATOM   505  C  CD  . PRO A 1 80  ? 0.274   -13.571 -1.406  1.00 47.89 ? 78   PRO A CD  1 
ATOM   506  N  N   . ARG A 1 81  ? -0.859  -12.249 -5.791  1.00 48.97 ? 79   ARG A N   1 
ATOM   507  C  CA  . ARG A 1 81  ? -1.934  -12.212 -6.791  1.00 49.54 ? 79   ARG A CA  1 
ATOM   508  C  C   . ARG A 1 81  ? -2.940  -11.042 -6.680  1.00 50.11 ? 79   ARG A C   1 
ATOM   509  O  O   . ARG A 1 81  ? -4.003  -11.085 -7.304  1.00 50.55 ? 79   ARG A O   1 
ATOM   510  C  CB  . ARG A 1 81  ? -2.683  -13.552 -6.813  1.00 49.44 ? 79   ARG A CB  1 
ATOM   511  N  N   . MET A 1 82  ? -2.621  -9.999  -5.913  1.00 50.79 ? 80   MET A N   1 
ATOM   512  C  CA  . MET A 1 82  ? -3.538  -8.855  -5.770  1.00 51.34 ? 80   MET A CA  1 
ATOM   513  C  C   . MET A 1 82  ? -3.163  -7.672  -6.689  1.00 51.62 ? 80   MET A C   1 
ATOM   514  O  O   . MET A 1 82  ? -3.822  -6.618  -6.645  1.00 51.93 ? 80   MET A O   1 
ATOM   515  C  CB  . MET A 1 82  ? -3.620  -8.402  -4.301  1.00 51.37 ? 80   MET A CB  1 
ATOM   516  C  CG  . MET A 1 82  ? -4.278  -9.425  -3.335  1.00 51.57 ? 80   MET A CG  1 
ATOM   517  S  SD  . MET A 1 82  ? -4.542  -8.851  -1.618  1.00 52.69 ? 80   MET A SD  1 
ATOM   518  C  CE  . MET A 1 82  ? -3.289  -7.578  -1.542  1.00 49.85 ? 80   MET A CE  1 
ATOM   519  N  N   . LYS A 1 83  ? -2.133  -7.856  -7.526  1.00 51.34 ? 81   LYS A N   1 
ATOM   520  C  CA  . LYS A 1 83  ? -1.670  -6.824  -8.465  1.00 51.70 ? 81   LYS A CA  1 
ATOM   521  C  C   . LYS A 1 83  ? -1.766  -5.451  -7.817  1.00 50.92 ? 81   LYS A C   1 
ATOM   522  O  O   . LYS A 1 83  ? -2.641  -4.644  -8.155  1.00 50.85 ? 81   LYS A O   1 
ATOM   523  C  CB  . LYS A 1 83  ? -2.439  -6.866  -9.800  1.00 51.68 ? 81   LYS A CB  1 
ATOM   524  C  CG  . LYS A 1 83  ? -1.761  -7.706  -10.891 1.00 52.43 ? 81   LYS A CG  1 
ATOM   525  C  CD  . LYS A 1 83  ? -2.464  -7.542  -12.252 1.00 52.60 ? 81   LYS A CD  1 
ATOM   526  C  CE  . LYS A 1 83  ? -1.552  -7.891  -13.430 1.00 53.27 ? 81   LYS A CE  1 
ATOM   527  N  NZ  . LYS A 1 83  ? -2.328  -8.276  -14.657 1.00 54.40 ? 81   LYS A NZ  1 
ATOM   528  N  N   . PRO A 1 84  ? -0.867  -5.184  -6.865  1.00 50.47 ? 82   PRO A N   1 
ATOM   529  C  CA  . PRO A 1 84  ? -1.020  -3.964  -6.120  1.00 49.90 ? 82   PRO A CA  1 
ATOM   530  C  C   . PRO A 1 84  ? -0.697  -2.769  -6.998  1.00 49.31 ? 82   PRO A C   1 
ATOM   531  O  O   . PRO A 1 84  ? 0.119   -2.871  -7.899  1.00 47.80 ? 82   PRO A O   1 
ATOM   532  C  CB  . PRO A 1 84  ? 0.018   -4.105  -5.022  1.00 50.03 ? 82   PRO A CB  1 
ATOM   533  C  CG  . PRO A 1 84  ? 1.076   -4.944  -5.625  1.00 50.43 ? 82   PRO A CG  1 
ATOM   534  C  CD  . PRO A 1 84  ? 0.338   -5.930  -6.455  1.00 50.66 ? 82   PRO A CD  1 
ATOM   535  N  N   . GLU A 1 85  ? -1.361  -1.654  -6.724  1.00 49.60 ? 83   GLU A N   1 
ATOM   536  C  CA  . GLU A 1 85  ? -0.966  -0.363  -7.282  1.00 50.32 ? 83   GLU A CA  1 
ATOM   537  C  C   . GLU A 1 85  ? -0.946  0.640   -6.144  1.00 49.59 ? 83   GLU A C   1 
ATOM   538  O  O   . GLU A 1 85  ? -1.722  0.533   -5.170  1.00 50.13 ? 83   GLU A O   1 
ATOM   539  C  CB  . GLU A 1 85  ? -1.934  0.065   -8.393  1.00 50.09 ? 83   GLU A CB  1 
ATOM   540  C  CG  . GLU A 1 85  ? -1.560  1.372   -9.100  1.00 52.82 ? 83   GLU A CG  1 
ATOM   541  C  CD  . GLU A 1 85  ? -2.752  2.061   -9.747  1.00 53.20 ? 83   GLU A CD  1 
ATOM   542  O  OE1 . GLU A 1 85  ? -3.675  1.354   -10.218 1.00 58.13 ? 83   GLU A OE1 1 
ATOM   543  O  OE2 . GLU A 1 85  ? -2.786  3.313   -9.758  1.00 58.76 ? 83   GLU A OE2 1 
ATOM   544  N  N   . VAL A 1 86  ? -0.033  1.586   -6.257  1.00 48.72 ? 84   VAL A N   1 
ATOM   545  C  CA  . VAL A 1 86  ? 0.067   2.697   -5.353  1.00 48.82 ? 84   VAL A CA  1 
ATOM   546  C  C   . VAL A 1 86  ? 0.098   3.967   -6.168  1.00 49.22 ? 84   VAL A C   1 
ATOM   547  O  O   . VAL A 1 86  ? 0.807   4.074   -7.182  1.00 49.01 ? 84   VAL A O   1 
ATOM   548  C  CB  . VAL A 1 86  ? 1.360   2.665   -4.541  1.00 48.89 ? 84   VAL A CB  1 
ATOM   549  C  CG1 . VAL A 1 86  ? 1.382   3.822   -3.542  1.00 48.76 ? 84   VAL A CG1 1 
ATOM   550  C  CG2 . VAL A 1 86  ? 1.505   1.315   -3.818  1.00 50.02 ? 84   VAL A CG2 1 
ATOM   551  N  N   . SER A 1 87  ? -0.653  4.944   -5.701  1.00 48.92 ? 85   SER A N   1 
ATOM   552  C  CA  . SER A 1 87  ? -0.645  6.259   -6.298  1.00 49.42 ? 85   SER A CA  1 
ATOM   553  C  C   . SER A 1 87  ? -0.462  7.309   -5.198  1.00 49.06 ? 85   SER A C   1 
ATOM   554  O  O   . SER A 1 87  ? -1.068  7.236   -4.118  1.00 49.38 ? 85   SER A O   1 
ATOM   555  C  CB  . SER A 1 87  ? -1.941  6.443   -7.082  1.00 49.43 ? 85   SER A CB  1 
ATOM   556  O  OG  . SER A 1 87  ? -2.217  7.799   -7.243  1.00 51.40 ? 85   SER A OG  1 
ATOM   557  N  N   . LEU A 1 88  ? 0.407   8.269   -5.446  1.00 49.57 ? 86   LEU A N   1 
ATOM   558  C  CA  . LEU A 1 88  ? 0.620   9.335   -4.496  1.00 49.82 ? 86   LEU A CA  1 
ATOM   559  C  C   . LEU A 1 88  ? 1.057   10.607  -5.165  1.00 49.59 ? 86   LEU A C   1 
ATOM   560  O  O   . LEU A 1 88  ? 1.257   10.638  -6.369  1.00 48.54 ? 86   LEU A O   1 
ATOM   561  C  CB  . LEU A 1 88  ? 1.620   8.917   -3.413  1.00 50.76 ? 86   LEU A CB  1 
ATOM   562  C  CG  . LEU A 1 88  ? 2.677   7.861   -3.664  1.00 51.66 ? 86   LEU A CG  1 
ATOM   563  C  CD1 . LEU A 1 88  ? 3.631   8.336   -4.684  1.00 56.47 ? 86   LEU A CD1 1 
ATOM   564  C  CD2 . LEU A 1 88  ? 3.414   7.579   -2.402  1.00 51.22 ? 86   LEU A CD2 1 
ATOM   565  N  N   . ARG A 1 89  ? 1.151   11.662  -4.358  1.00 49.87 ? 87   ARG A N   1 
ATOM   566  C  CA  . ARG A 1 89  ? 1.648   12.964  -4.780  1.00 50.91 ? 87   ARG A CA  1 
ATOM   567  C  C   . ARG A 1 89  ? 3.014   13.226  -4.140  1.00 51.27 ? 87   ARG A C   1 
ATOM   568  O  O   . ARG A 1 89  ? 3.166   13.174  -2.916  1.00 51.12 ? 87   ARG A O   1 
ATOM   569  C  CB  . ARG A 1 89  ? 0.687   14.053  -4.370  1.00 50.80 ? 87   ARG A CB  1 
ATOM   570  C  CG  . ARG A 1 89  ? -0.738  13.835  -4.873  1.00 54.48 ? 87   ARG A CG  1 
ATOM   571  C  CD  . ARG A 1 89  ? -0.882  14.108  -6.364  1.00 57.86 ? 87   ARG A CD  1 
ATOM   572  N  NE  . ARG A 1 89  ? -0.653  15.520  -6.669  1.00 59.39 ? 87   ARG A NE  1 
ATOM   573  C  CZ  . ARG A 1 89  ? -1.095  16.130  -7.760  1.00 60.13 ? 87   ARG A CZ  1 
ATOM   574  N  NH1 . ARG A 1 89  ? -1.807  15.461  -8.665  1.00 62.83 ? 87   ARG A NH1 1 
ATOM   575  N  NH2 . ARG A 1 89  ? -0.833  17.412  -7.942  1.00 59.58 ? 87   ARG A NH2 1 
ATOM   576  N  N   . MET A 1 90  ? 3.999   13.518  -4.969  1.00 51.55 ? 88   MET A N   1 
ATOM   577  C  CA  . MET A 1 90  ? 5.357   13.689  -4.498  1.00 52.60 ? 88   MET A CA  1 
ATOM   578  C  C   . MET A 1 90  ? 5.867   15.054  -4.861  1.00 51.87 ? 88   MET A C   1 
ATOM   579  O  O   . MET A 1 90  ? 5.700   15.506  -5.993  1.00 50.95 ? 88   MET A O   1 
ATOM   580  C  CB  . MET A 1 90  ? 6.250   12.662  -5.161  1.00 52.82 ? 88   MET A CB  1 
ATOM   581  C  CG  . MET A 1 90  ? 5.753   11.256  -4.911  1.00 53.90 ? 88   MET A CG  1 
ATOM   582  S  SD  . MET A 1 90  ? 6.941   9.989   -5.306  1.00 56.54 ? 88   MET A SD  1 
ATOM   583  C  CE  . MET A 1 90  ? 8.457   10.681  -4.665  1.00 55.65 ? 88   MET A CE  1 
ATOM   584  N  N   . ARG A 1 91  ? 6.494   15.708  -3.889  1.00 51.86 ? 89   ARG A N   1 
ATOM   585  C  CA  . ARG A 1 91  ? 7.097   16.999  -4.127  1.00 51.80 ? 89   ARG A CA  1 
ATOM   586  C  C   . ARG A 1 91  ? 8.441   16.767  -4.806  1.00 51.71 ? 89   ARG A C   1 
ATOM   587  O  O   . ARG A 1 91  ? 9.262   15.965  -4.323  1.00 50.69 ? 89   ARG A O   1 
ATOM   588  C  CB  . ARG A 1 91  ? 7.261   17.769  -2.825  1.00 51.98 ? 89   ARG A CB  1 
ATOM   589  C  CG  . ARG A 1 91  ? 7.234   19.256  -3.028  1.00 51.94 ? 89   ARG A CG  1 
ATOM   590  C  CD  . ARG A 1 91  ? 6.658   19.955  -1.825  1.00 53.03 ? 89   ARG A CD  1 
ATOM   591  N  NE  . ARG A 1 91  ? 5.677   20.948  -2.245  1.00 53.74 ? 89   ARG A NE  1 
ATOM   592  C  CZ  . ARG A 1 91  ? 4.721   21.448  -1.474  1.00 54.91 ? 89   ARG A CZ  1 
ATOM   593  N  NH1 . ARG A 1 91  ? 4.595   21.067  -0.205  1.00 55.19 ? 89   ARG A NH1 1 
ATOM   594  N  NH2 . ARG A 1 91  ? 3.886   22.348  -1.976  1.00 56.18 ? 89   ARG A NH2 1 
ATOM   595  N  N   . MET A 1 92  ? 8.629   17.438  -5.946  1.00 51.33 ? 90   MET A N   1 
ATOM   596  C  CA  . MET A 1 92  ? 9.843   17.311  -6.739  1.00 51.64 ? 90   MET A CA  1 
ATOM   597  C  C   . MET A 1 92  ? 10.769  18.455  -6.412  1.00 51.62 ? 90   MET A C   1 
ATOM   598  O  O   . MET A 1 92  ? 10.493  19.601  -6.796  1.00 52.42 ? 90   MET A O   1 
ATOM   599  C  CB  . MET A 1 92  ? 9.525   17.352  -8.243  1.00 51.84 ? 90   MET A CB  1 
ATOM   600  C  CG  . MET A 1 92  ? 8.762   16.140  -8.791  1.00 52.78 ? 90   MET A CG  1 
ATOM   601  S  SD  . MET A 1 92  ? 9.465   14.558  -8.336  1.00 56.91 ? 90   MET A SD  1 
ATOM   602  C  CE  . MET A 1 92  ? 11.061  14.659  -9.120  1.00 58.70 ? 90   MET A CE  1 
ATOM   603  N  N   . ALA A 1 93  ? 11.875  18.164  -5.733  1.00 51.39 ? 91   ALA A N   1 
ATOM   604  C  CA  . ALA A 1 93  ? 12.896  19.196  -5.464  1.00 51.46 ? 91   ALA A CA  1 
ATOM   605  C  C   . ALA A 1 93  ? 13.790  19.426  -6.675  1.00 51.34 ? 91   ALA A C   1 
ATOM   606  O  O   . ALA A 1 93  ? 13.918  20.565  -7.155  1.00 51.50 ? 91   ALA A O   1 
ATOM   607  C  CB  . ALA A 1 93  ? 13.745  18.815  -4.269  1.00 51.41 ? 91   ALA A CB  1 
ATOM   608  N  N   . LYS A 1 94  ? 14.415  18.339  -7.146  1.00 51.32 ? 92   LYS A N   1 
ATOM   609  C  CA  . LYS A 1 94  ? 15.410  18.382  -8.237  1.00 51.22 ? 92   LYS A CA  1 
ATOM   610  C  C   . LYS A 1 94  ? 15.380  17.090  -9.059  1.00 50.60 ? 92   LYS A C   1 
ATOM   611  O  O   . LYS A 1 94  ? 14.826  16.102  -8.623  1.00 51.12 ? 92   LYS A O   1 
ATOM   612  C  CB  . LYS A 1 94  ? 16.833  18.596  -7.689  1.00 50.85 ? 92   LYS A CB  1 
ATOM   613  C  CG  . LYS A 1 94  ? 16.905  19.397  -6.398  1.00 51.87 ? 92   LYS A CG  1 
ATOM   614  C  CD  . LYS A 1 94  ? 18.248  20.057  -6.180  1.00 51.72 ? 92   LYS A CD  1 
ATOM   615  C  CE  . LYS A 1 94  ? 18.264  20.814  -4.862  1.00 53.10 ? 92   LYS A CE  1 
ATOM   616  N  N   . THR A 1 95  ? 15.993  17.109  -10.243 1.00 50.54 ? 93   THR A N   1 
ATOM   617  C  CA  . THR A 1 95  ? 16.058  15.932  -11.113 1.00 50.27 ? 93   THR A CA  1 
ATOM   618  C  C   . THR A 1 95  ? 16.512  14.718  -10.324 1.00 50.79 ? 93   THR A C   1 
ATOM   619  O  O   . THR A 1 95  ? 17.617  14.696  -9.778  1.00 50.89 ? 93   THR A O   1 
ATOM   620  C  CB  . THR A 1 95  ? 16.999  16.159  -12.306 1.00 50.33 ? 93   THR A CB  1 
ATOM   621  O  OG1 . THR A 1 95  ? 16.500  17.251  -13.095 1.00 49.67 ? 93   THR A OG1 1 
ATOM   622  C  CG2 . THR A 1 95  ? 17.099  14.902  -13.182 1.00 50.11 ? 93   THR A CG2 1 
ATOM   623  N  N   . GLU A 1 96  ? 15.645  13.714  -10.268 1.00 51.02 ? 94   GLU A N   1 
ATOM   624  C  CA  . GLU A 1 96  ? 15.867  12.542  -9.444  1.00 51.48 ? 94   GLU A CA  1 
ATOM   625  C  C   . GLU A 1 96  ? 15.304  11.295  -10.072 1.00 50.62 ? 94   GLU A C   1 
ATOM   626  O  O   . GLU A 1 96  ? 14.499  11.363  -10.989 1.00 49.38 ? 94   GLU A O   1 
ATOM   627  C  CB  . GLU A 1 96  ? 15.177  12.710  -8.093  1.00 51.55 ? 94   GLU A CB  1 
ATOM   628  C  CG  . GLU A 1 96  ? 13.663  12.726  -8.180  1.00 52.09 ? 94   GLU A CG  1 
ATOM   629  C  CD  . GLU A 1 96  ? 12.982  12.846  -6.825  1.00 53.38 ? 94   GLU A CD  1 
ATOM   630  O  OE1 . GLU A 1 96  ? 13.665  13.112  -5.801  1.00 55.45 ? 94   GLU A OE1 1 
ATOM   631  O  OE2 . GLU A 1 96  ? 11.743  12.654  -6.782  1.00 58.37 ? 94   GLU A OE2 1 
ATOM   632  N  N   . ASN A 1 97  ? 15.696  10.157  -9.498  1.00 50.48 ? 95   ASN A N   1 
ATOM   633  C  CA  . ASN A 1 97  ? 15.185  8.871   -9.923  1.00 49.99 ? 95   ASN A CA  1 
ATOM   634  C  C   . ASN A 1 97  ? 14.158  8.374   -8.946  1.00 49.42 ? 95   ASN A C   1 
ATOM   635  O  O   . ASN A 1 97  ? 14.368  8.415   -7.739  1.00 48.53 ? 95   ASN A O   1 
ATOM   636  C  CB  . ASN A 1 97  ? 16.317  7.869   -10.083 1.00 49.47 ? 95   ASN A CB  1 
ATOM   637  C  CG  . ASN A 1 97  ? 17.148  8.148   -11.307 1.00 50.49 ? 95   ASN A CG  1 
ATOM   638  O  OD1 . ASN A 1 97  ? 16.642  8.174   -12.418 1.00 50.15 ? 95   ASN A OD1 1 
ATOM   639  N  ND2 . ASN A 1 97  ? 18.439  8.348   -11.109 1.00 53.87 ? 95   ASN A ND2 1 
ATOM   640  N  N   . LEU A 1 98  ? 13.028  7.943   -9.491  1.00 48.74 ? 96   LEU A N   1 
ATOM   641  C  CA  . LEU A 1 98  ? 12.091  7.125   -8.758  1.00 48.29 ? 96   LEU A CA  1 
ATOM   642  C  C   . LEU A 1 98  ? 12.585  5.702   -8.922  1.00 47.93 ? 96   LEU A C   1 
ATOM   643  O  O   . LEU A 1 98  ? 12.759  5.236   -10.052 1.00 47.09 ? 96   LEU A O   1 
ATOM   644  C  CB  . LEU A 1 98  ? 10.670  7.235   -9.331  1.00 48.84 ? 96   LEU A CB  1 
ATOM   645  C  CG  . LEU A 1 98  ? 9.982   8.610   -9.263  1.00 50.12 ? 96   LEU A CG  1 
ATOM   646  C  CD1 . LEU A 1 98  ? 8.620   8.555   -9.903  1.00 51.51 ? 96   LEU A CD1 1 
ATOM   647  C  CD2 . LEU A 1 98  ? 9.811   9.084   -7.869  1.00 51.94 ? 96   LEU A CD2 1 
ATOM   648  N  N   . VAL A 1 99  ? 12.827  5.017   -7.806  1.00 46.68 ? 97   VAL A N   1 
ATOM   649  C  CA  . VAL A 1 99  ? 13.252  3.626   -7.873  1.00 46.84 ? 97   VAL A CA  1 
ATOM   650  C  C   . VAL A 1 99  ? 12.193  2.764   -7.203  1.00 46.40 ? 97   VAL A C   1 
ATOM   651  O  O   . VAL A 1 99  ? 11.869  2.973   -6.041  1.00 47.57 ? 97   VAL A O   1 
ATOM   652  C  CB  . VAL A 1 99  ? 14.631  3.405   -7.240  1.00 46.02 ? 97   VAL A CB  1 
ATOM   653  C  CG1 . VAL A 1 99  ? 15.044  1.935   -7.349  1.00 46.03 ? 97   VAL A CG1 1 
ATOM   654  C  CG2 . VAL A 1 99  ? 15.641  4.257   -7.916  1.00 46.09 ? 97   VAL A CG2 1 
ATOM   655  N  N   . VAL A 1 100 ? 11.644  1.812   -7.941  1.00 46.52 ? 98   VAL A N   1 
ATOM   656  C  CA  . VAL A 1 100 ? 10.613  0.909   -7.390  1.00 47.08 ? 98   VAL A CA  1 
ATOM   657  C  C   . VAL A 1 100 ? 11.140  -0.522  -7.325  1.00 46.56 ? 98   VAL A C   1 
ATOM   658  O  O   . VAL A 1 100 ? 11.729  -1.015  -8.284  1.00 46.02 ? 98   VAL A O   1 
ATOM   659  C  CB  . VAL A 1 100 ? 9.290   0.968   -8.222  1.00 47.33 ? 98   VAL A CB  1 
ATOM   660  C  CG1 . VAL A 1 100 ? 8.223   0.014   -7.670  1.00 48.22 ? 98   VAL A CG1 1 
ATOM   661  C  CG2 . VAL A 1 100 ? 8.737   2.371   -8.196  1.00 47.73 ? 98   VAL A CG2 1 
ATOM   662  N  N   . VAL A 1 101 ? 10.899  -1.172  -6.197  1.00 46.88 ? 99   VAL A N   1 
ATOM   663  C  CA  . VAL A 1 101 ? 11.295  -2.572  -5.966  1.00 47.34 ? 99   VAL A CA  1 
ATOM   664  C  C   . VAL A 1 101 ? 10.080  -3.434  -5.547  1.00 46.87 ? 99   VAL A C   1 
ATOM   665  O  O   . VAL A 1 101 ? 9.279   -3.039  -4.704  1.00 46.19 ? 99   VAL A O   1 
ATOM   666  C  CB  . VAL A 1 101 ? 12.396  -2.676  -4.903  1.00 47.20 ? 99   VAL A CB  1 
ATOM   667  C  CG1 . VAL A 1 101 ? 12.866  -4.129  -4.732  1.00 47.82 ? 99   VAL A CG1 1 
ATOM   668  C  CG2 . VAL A 1 101 ? 13.581  -1.774  -5.275  1.00 47.17 ? 99   VAL A CG2 1 
ATOM   669  N  N   . VAL A 1 102 ? 9.938   -4.586  -6.191  1.00 46.29 ? 100  VAL A N   1 
ATOM   670  C  CA  . VAL A 1 102 ? 8.916   -5.555  -5.848  1.00 46.05 ? 100  VAL A CA  1 
ATOM   671  C  C   . VAL A 1 102 ? 9.610   -6.816  -5.322  1.00 45.81 ? 100  VAL A C   1 
ATOM   672  O  O   . VAL A 1 102 ? 10.572  -7.279  -5.915  1.00 44.39 ? 100  VAL A O   1 
ATOM   673  C  CB  . VAL A 1 102 ? 8.061   -5.916  -7.072  1.00 46.58 ? 100  VAL A CB  1 
ATOM   674  C  CG1 . VAL A 1 102 ? 7.202   -7.180  -6.808  1.00 46.35 ? 100  VAL A CG1 1 
ATOM   675  C  CG2 . VAL A 1 102 ? 7.197   -4.737  -7.471  1.00 46.63 ? 100  VAL A CG2 1 
ATOM   676  N  N   . GLN A 1 103 ? 9.126   -7.343  -4.200  1.00 45.41 ? 101  GLN A N   1 
ATOM   677  C  CA  . GLN A 1 103 ? 9.524   -8.682  -3.745  1.00 45.77 ? 101  GLN A CA  1 
ATOM   678  C  C   . GLN A 1 103 ? 8.484   -9.726  -4.164  1.00 46.03 ? 101  GLN A C   1 
ATOM   679  O  O   . GLN A 1 103 ? 7.288   -9.562  -3.918  1.00 45.61 ? 101  GLN A O   1 
ATOM   680  C  CB  . GLN A 1 103 ? 9.718   -8.720  -2.226  1.00 45.31 ? 101  GLN A CB  1 
ATOM   681  C  CG  . GLN A 1 103 ? 9.915   -10.142 -1.678  1.00 46.15 ? 101  GLN A CG  1 
ATOM   682  C  CD  . GLN A 1 103 ? 10.554  -10.175 -0.314  1.00 45.83 ? 101  GLN A CD  1 
ATOM   683  O  OE1 . GLN A 1 103 ? 10.473  -9.220  0.447   1.00 46.98 ? 101  GLN A OE1 1 
ATOM   684  N  NE2 . GLN A 1 103 ? 11.181  -11.281 0.008   1.00 46.99 ? 101  GLN A NE2 1 
ATOM   685  N  N   . ALA A 1 104 ? 8.940   -10.792 -4.806  1.00 46.91 ? 102  ALA A N   1 
ATOM   686  C  CA  . ALA A 1 104 ? 8.064   -11.928 -5.125  1.00 47.80 ? 102  ALA A CA  1 
ATOM   687  C  C   . ALA A 1 104 ? 8.787   -13.236 -4.837  1.00 48.36 ? 102  ALA A C   1 
ATOM   688  O  O   . ALA A 1 104 ? 9.647   -13.656 -5.601  1.00 48.76 ? 102  ALA A O   1 
ATOM   689  C  CB  . ALA A 1 104 ? 7.624   -11.874 -6.583  1.00 47.94 ? 102  ALA A CB  1 
ATOM   690  N  N   . GLY A 1 105 ? 8.429   -13.883 -3.731  1.00 48.74 ? 103  GLY A N   1 
ATOM   691  C  CA  . GLY A 1 105 ? 9.174   -15.036 -3.261  1.00 48.62 ? 103  GLY A CA  1 
ATOM   692  C  C   . GLY A 1 105 ? 10.442  -14.530 -2.603  1.00 48.51 ? 103  GLY A C   1 
ATOM   693  O  O   . GLY A 1 105 ? 10.401  -13.589 -1.801  1.00 48.13 ? 103  GLY A O   1 
ATOM   694  N  N   . GLY A 1 106 ? 11.564  -15.159 -2.943  1.00 48.37 ? 104  GLY A N   1 
ATOM   695  C  CA  . GLY A 1 106 ? 12.879  -14.712 -2.494  1.00 48.01 ? 104  GLY A CA  1 
ATOM   696  C  C   . GLY A 1 106 ? 13.651  -13.950 -3.556  1.00 47.58 ? 104  GLY A C   1 
ATOM   697  O  O   . GLY A 1 106 ? 14.878  -14.000 -3.559  1.00 47.24 ? 104  GLY A O   1 
ATOM   698  N  N   . LYS A 1 107 ? 12.942  -13.243 -4.443  1.00 46.95 ? 105  LYS A N   1 
ATOM   699  C  CA  . LYS A 1 107 ? 13.584  -12.423 -5.482  1.00 46.94 ? 105  LYS A CA  1 
ATOM   700  C  C   . LYS A 1 107 ? 13.146  -10.976 -5.385  1.00 46.77 ? 105  LYS A C   1 
ATOM   701  O  O   . LYS A 1 107 ? 11.993  -10.695 -5.012  1.00 46.64 ? 105  LYS A O   1 
ATOM   702  C  CB  . LYS A 1 107 ? 13.264  -12.951 -6.892  1.00 46.78 ? 105  LYS A CB  1 
ATOM   703  C  CG  . LYS A 1 107 ? 14.101  -14.151 -7.320  1.00 47.87 ? 105  LYS A CG  1 
ATOM   704  N  N   . LEU A 1 108 ? 14.068  -10.065 -5.716  1.00 46.72 ? 106  LEU A N   1 
ATOM   705  C  CA  . LEU A 1 108 ? 13.762  -8.625  -5.787  1.00 46.86 ? 106  LEU A CA  1 
ATOM   706  C  C   . LEU A 1 108 ? 13.785  -8.164  -7.235  1.00 46.83 ? 106  LEU A C   1 
ATOM   707  O  O   . LEU A 1 108 ? 14.671  -8.551  -8.015  1.00 46.51 ? 106  LEU A O   1 
ATOM   708  C  CB  . LEU A 1 108 ? 14.740  -7.790  -4.964  1.00 46.73 ? 106  LEU A CB  1 
ATOM   709  C  CG  . LEU A 1 108 ? 14.759  -7.946  -3.437  1.00 46.94 ? 106  LEU A CG  1 
ATOM   710  C  CD1 . LEU A 1 108 ? 15.614  -6.844  -2.831  1.00 46.06 ? 106  LEU A CD1 1 
ATOM   711  C  CD2 . LEU A 1 108 ? 13.367  -7.933  -2.826  1.00 47.79 ? 106  LEU A CD2 1 
ATOM   712  N  N   . TYR A 1 109 ? 12.797  -7.357  -7.599  1.00 46.68 ? 107  TYR A N   1 
ATOM   713  C  CA  . TYR A 1 109 ? 12.663  -6.850  -8.973  1.00 47.21 ? 107  TYR A CA  1 
ATOM   714  C  C   . TYR A 1 109 ? 12.673  -5.317  -8.933  1.00 47.07 ? 107  TYR A C   1 
ATOM   715  O  O   . TYR A 1 109 ? 12.024  -4.745  -8.076  1.00 47.01 ? 107  TYR A O   1 
ATOM   716  C  CB  . TYR A 1 109 ? 11.359  -7.376  -9.588  1.00 47.33 ? 107  TYR A CB  1 
ATOM   717  C  CG  . TYR A 1 109 ? 11.304  -8.889  -9.649  1.00 48.31 ? 107  TYR A CG  1 
ATOM   718  C  CD1 . TYR A 1 109 ? 10.801  -9.644  -8.577  1.00 48.61 ? 107  TYR A CD1 1 
ATOM   719  C  CD2 . TYR A 1 109 ? 11.760  -9.570  -10.768 1.00 47.02 ? 107  TYR A CD2 1 
ATOM   720  C  CE1 . TYR A 1 109 ? 10.764  -11.042 -8.638  1.00 48.39 ? 107  TYR A CE1 1 
ATOM   721  C  CE2 . TYR A 1 109 ? 11.721  -10.952 -10.827 1.00 48.73 ? 107  TYR A CE2 1 
ATOM   722  C  CZ  . TYR A 1 109 ? 11.229  -11.682 -9.756  1.00 47.75 ? 107  TYR A CZ  1 
ATOM   723  O  OH  . TYR A 1 109 ? 11.199  -13.061 -9.834  1.00 48.50 ? 107  TYR A OH  1 
ATOM   724  N  N   . ARG A 1 110 ? 13.407  -4.667  -9.845  1.00 46.79 ? 108  ARG A N   1 
ATOM   725  C  CA  . ARG A 1 110 ? 13.587  -3.201  -9.809  1.00 46.63 ? 108  ARG A CA  1 
ATOM   726  C  C   . ARG A 1 110 ? 13.319  -2.480  -11.120 1.00 46.11 ? 108  ARG A C   1 
ATOM   727  O  O   . ARG A 1 110 ? 13.662  -2.958  -12.185 1.00 44.45 ? 108  ARG A O   1 
ATOM   728  C  CB  . ARG A 1 110 ? 15.007  -2.835  -9.410  1.00 46.41 ? 108  ARG A CB  1 
ATOM   729  C  CG  . ARG A 1 110 ? 15.266  -1.317  -9.380  1.00 47.06 ? 108  ARG A CG  1 
ATOM   730  C  CD  . ARG A 1 110 ? 16.587  -0.991  -8.722  1.00 48.21 ? 108  ARG A CD  1 
ATOM   731  N  NE  . ARG A 1 110 ? 17.668  -1.708  -9.378  1.00 50.58 ? 108  ARG A NE  1 
ATOM   732  C  CZ  . ARG A 1 110 ? 18.838  -2.022  -8.817  1.00 52.88 ? 108  ARG A CZ  1 
ATOM   733  N  NH1 . ARG A 1 110 ? 19.132  -1.661  -7.560  1.00 52.53 ? 108  ARG A NH1 1 
ATOM   734  N  NH2 . ARG A 1 110 ? 19.726  -2.707  -9.533  1.00 53.21 ? 108  ARG A NH2 1 
ATOM   735  N  N   . ALA A 1 111 ? 12.731  -1.299  -11.005 1.00 46.28 ? 109  ALA A N   1 
ATOM   736  C  CA  . ALA A 1 111 ? 12.510  -0.428  -12.142 1.00 46.47 ? 109  ALA A CA  1 
ATOM   737  C  C   . ALA A 1 111 ? 12.797  0.984   -11.686 1.00 46.00 ? 109  ALA A C   1 
ATOM   738  O  O   . ALA A 1 111 ? 12.567  1.323   -10.518 1.00 46.15 ? 109  ALA A O   1 
ATOM   739  C  CB  . ALA A 1 111 ? 11.089  -0.560  -12.647 1.00 46.72 ? 109  ALA A CB  1 
ATOM   740  N  N   . VAL A 1 112 ? 13.333  1.779   -12.601 1.00 45.48 ? 110  VAL A N   1 
ATOM   741  C  CA  . VAL A 1 112 ? 13.828  3.115   -12.314 1.00 45.69 ? 110  VAL A CA  1 
ATOM   742  C  C   . VAL A 1 112 ? 13.242  4.087   -13.336 1.00 46.03 ? 110  VAL A C   1 
ATOM   743  O  O   . VAL A 1 112 ? 13.178  3.776   -14.520 1.00 45.46 ? 110  VAL A O   1 
ATOM   744  C  CB  . VAL A 1 112 ? 15.371  3.173   -12.420 1.00 46.07 ? 110  VAL A CB  1 
ATOM   745  C  CG1 . VAL A 1 112 ? 15.878  4.594   -12.155 1.00 46.26 ? 110  VAL A CG1 1 
ATOM   746  C  CG2 . VAL A 1 112 ? 16.018  2.194   -11.461 1.00 46.01 ? 110  VAL A CG2 1 
ATOM   747  N  N   . ARG A 1 113 ? 12.817  5.260   -12.874 1.00 46.48 ? 111  ARG A N   1 
ATOM   748  C  CA  . ARG A 1 113 ? 12.329  6.313   -13.764 1.00 46.57 ? 111  ARG A CA  1 
ATOM   749  C  C   . ARG A 1 113 ? 12.792  7.689   -13.268 1.00 46.09 ? 111  ARG A C   1 
ATOM   750  O  O   . ARG A 1 113 ? 12.587  8.041   -12.110 1.00 45.80 ? 111  ARG A O   1 
ATOM   751  C  CB  . ARG A 1 113 ? 10.809  6.276   -13.820 1.00 46.15 ? 111  ARG A CB  1 
ATOM   752  C  CG  . ARG A 1 113 ? 10.234  7.336   -14.753 1.00 48.24 ? 111  ARG A CG  1 
ATOM   753  C  CD  . ARG A 1 113 ? 8.722   7.294   -14.857 1.00 49.06 ? 111  ARG A CD  1 
ATOM   754  N  NE  . ARG A 1 113 ? 8.284   8.265   -15.860 1.00 49.93 ? 111  ARG A NE  1 
ATOM   755  C  CZ  . ARG A 1 113 ? 7.710   7.970   -17.025 1.00 52.15 ? 111  ARG A CZ  1 
ATOM   756  N  NH1 . ARG A 1 113 ? 7.418   6.714   -17.351 1.00 52.09 ? 111  ARG A NH1 1 
ATOM   757  N  NH2 . ARG A 1 113 ? 7.400   8.959   -17.869 1.00 52.17 ? 111  ARG A NH2 1 
ATOM   758  N  N   . GLU A 1 114 ? 13.397  8.464   -14.154 1.00 46.05 ? 112  GLU A N   1 
ATOM   759  C  CA  . GLU A 1 114 ? 13.888  9.806   -13.835 1.00 46.31 ? 112  GLU A CA  1 
ATOM   760  C  C   . GLU A 1 114 ? 12.796  10.851  -14.019 1.00 45.71 ? 112  GLU A C   1 
ATOM   761  O  O   . GLU A 1 114 ? 12.094  10.843  -15.026 1.00 45.13 ? 112  GLU A O   1 
ATOM   762  C  CB  . GLU A 1 114 ? 15.049  10.213  -14.759 1.00 46.32 ? 112  GLU A CB  1 
ATOM   763  C  CG  . GLU A 1 114 ? 15.521  11.635  -14.469 1.00 47.67 ? 112  GLU A CG  1 
ATOM   764  C  CD  . GLU A 1 114 ? 16.718  12.073  -15.295 1.00 47.37 ? 112  GLU A CD  1 
ATOM   765  O  OE1 . GLU A 1 114 ? 17.840  11.590  -15.077 1.00 51.48 ? 112  GLU A OE1 1 
ATOM   766  O  OE2 . GLU A 1 114 ? 16.533  12.938  -16.144 1.00 50.16 ? 112  GLU A OE2 1 
ATOM   767  N  N   . VAL A 1 115 ? 12.675  11.761  -13.059 1.00 45.43 ? 113  VAL A N   1 
ATOM   768  C  CA  . VAL A 1 115 ? 11.833  12.926  -13.237 1.00 45.94 ? 113  VAL A CA  1 
ATOM   769  C  C   . VAL A 1 115 ? 12.716  14.166  -13.255 1.00 46.26 ? 113  VAL A C   1 
ATOM   770  O  O   . VAL A 1 115 ? 13.318  14.516  -12.244 1.00 45.88 ? 113  VAL A O   1 
ATOM   771  C  CB  . VAL A 1 115 ? 10.755  13.070  -12.143 1.00 45.70 ? 113  VAL A CB  1 
ATOM   772  C  CG1 . VAL A 1 115 ? 9.871   14.294  -12.420 1.00 45.14 ? 113  VAL A CG1 1 
ATOM   773  C  CG2 . VAL A 1 115 ? 9.877   11.794  -12.058 1.00 46.55 ? 113  VAL A CG2 1 
ATOM   774  N  N   . LYS A 1 116 ? 12.756  14.834  -14.398 1.00 46.65 ? 114  LYS A N   1 
ATOM   775  C  CA  . LYS A 1 116 ? 13.493  16.087  -14.526 1.00 47.95 ? 114  LYS A CA  1 
ATOM   776  C  C   . LYS A 1 116 ? 12.762  17.212  -13.814 1.00 48.63 ? 114  LYS A C   1 
ATOM   777  O  O   . LYS A 1 116 ? 11.544  17.246  -13.781 1.00 48.56 ? 114  LYS A O   1 
ATOM   778  C  CB  . LYS A 1 116 ? 13.715  16.446  -15.984 1.00 47.44 ? 114  LYS A CB  1 
ATOM   779  C  CG  . LYS A 1 116 ? 14.666  15.508  -16.713 1.00 47.94 ? 114  LYS A CG  1 
ATOM   780  C  CD  . LYS A 1 116 ? 14.707  15.826  -18.227 1.00 48.34 ? 114  LYS A CD  1 
ATOM   781  C  CE  . LYS A 1 116 ? 15.597  14.839  -18.999 1.00 49.36 ? 114  LYS A CE  1 
ATOM   782  N  NZ  . LYS A 1 116 ? 15.927  15.312  -20.397 1.00 48.42 ? 114  LYS A NZ  1 
ATOM   783  N  N   . VAL A 1 117 ? 13.514  18.115  -13.195 1.00 49.84 ? 115  VAL A N   1 
ATOM   784  C  CA  . VAL A 1 117 ? 12.903  19.258  -12.538 1.00 50.42 ? 115  VAL A CA  1 
ATOM   785  C  C   . VAL A 1 117 ? 13.498  20.536  -13.107 1.00 50.51 ? 115  VAL A C   1 
ATOM   786  O  O   . VAL A 1 117 ? 14.696  20.604  -13.336 1.00 51.02 ? 115  VAL A O   1 
ATOM   787  C  CB  . VAL A 1 117 ? 13.063  19.177  -11.012 1.00 50.48 ? 115  VAL A CB  1 
ATOM   788  C  CG1 . VAL A 1 117 ? 12.465  20.405  -10.339 1.00 51.59 ? 115  VAL A CG1 1 
ATOM   789  C  CG2 . VAL A 1 117 ? 12.393  17.942  -10.495 1.00 50.79 ? 115  VAL A CG2 1 
ATOM   790  N  N   . THR A 1 118 ? 12.638  21.526  -13.350 1.00 51.03 ? 116  THR A N   1 
ATOM   791  C  CA  . THR A 1 118 ? 13.035  22.854  -13.832 1.00 51.45 ? 116  THR A CA  1 
ATOM   792  C  C   . THR A 1 118 ? 13.405  23.809  -12.701 1.00 51.96 ? 116  THR A C   1 
ATOM   793  O  O   . THR A 1 118 ? 13.196  23.514  -11.531 1.00 52.06 ? 116  THR A O   1 
ATOM   794  C  CB  . THR A 1 118 ? 11.874  23.561  -14.511 1.00 51.62 ? 116  THR A CB  1 
ATOM   795  O  OG1 . THR A 1 118 ? 10.907  23.890  -13.501 1.00 51.80 ? 116  THR A OG1 1 
ATOM   796  C  CG2 . THR A 1 118 ? 11.245  22.691  -15.617 1.00 51.51 ? 116  THR A CG2 1 
ATOM   797  N  N   . ILE A 1 119 ? 13.915  24.982  -13.079 1.00 52.69 ? 117  ILE A N   1 
ATOM   798  C  CA  . ILE A 1 119 ? 14.175  26.074  -12.143 1.00 52.94 ? 117  ILE A CA  1 
ATOM   799  C  C   . ILE A 1 119 ? 13.947  27.425  -12.830 1.00 53.16 ? 117  ILE A C   1 
ATOM   800  O  O   . ILE A 1 119 ? 13.131  27.540  -13.747 1.00 53.47 ? 117  ILE A O   1 
ATOM   801  C  CB  . ILE A 1 119 ? 15.619  26.004  -11.605 1.00 53.16 ? 117  ILE A CB  1 
ATOM   802  C  CG1 . ILE A 1 119 ? 15.720  24.955  -10.491 1.00 53.24 ? 117  ILE A CG1 1 
ATOM   803  C  CG2 . ILE A 1 119 ? 16.088  27.367  -11.088 1.00 53.32 ? 117  ILE A CG2 1 
ATOM   804  N  N   . SER B 1 3   ? -24.370 -17.357 12.129  1.00 46.15 ? 1    SER B N   1 
ATOM   805  C  CA  . SER B 1 3   ? -24.168 -16.016 11.499  1.00 46.40 ? 1    SER B CA  1 
ATOM   806  C  C   . SER B 1 3   ? -23.820 -14.943 12.529  1.00 46.43 ? 1    SER B C   1 
ATOM   807  O  O   . SER B 1 3   ? -22.841 -14.200 12.357  1.00 45.93 ? 1    SER B O   1 
ATOM   808  C  CB  . SER B 1 3   ? -25.405 -15.584 10.710  1.00 46.43 ? 1    SER B CB  1 
ATOM   809  O  OG  . SER B 1 3   ? -25.094 -14.478 9.883   1.00 46.85 ? 1    SER B OG  1 
ATOM   810  N  N   . TRP B 1 4   ? -24.632 -14.843 13.580  1.00 46.26 ? 2    TRP B N   1 
ATOM   811  C  CA  . TRP B 1 4   ? -24.296 -13.972 14.707  1.00 46.32 ? 2    TRP B CA  1 
ATOM   812  C  C   . TRP B 1 4   ? -22.981 -14.438 15.351  1.00 46.32 ? 2    TRP B C   1 
ATOM   813  O  O   . TRP B 1 4   ? -22.063 -13.628 15.583  1.00 45.85 ? 2    TRP B O   1 
ATOM   814  C  CB  . TRP B 1 4   ? -25.414 -13.938 15.748  1.00 46.53 ? 2    TRP B CB  1 
ATOM   815  C  CG  . TRP B 1 4   ? -25.080 -13.045 16.905  1.00 46.53 ? 2    TRP B CG  1 
ATOM   816  C  CD1 . TRP B 1 4   ? -24.614 -13.433 18.125  1.00 46.55 ? 2    TRP B CD1 1 
ATOM   817  C  CD2 . TRP B 1 4   ? -25.151 -11.611 16.940  1.00 45.90 ? 2    TRP B CD2 1 
ATOM   818  N  NE1 . TRP B 1 4   ? -24.399 -12.336 18.920  1.00 46.54 ? 2    TRP B NE1 1 
ATOM   819  C  CE2 . TRP B 1 4   ? -24.724 -11.205 18.221  1.00 45.88 ? 2    TRP B CE2 1 
ATOM   820  C  CE3 . TRP B 1 4   ? -25.553 -10.637 16.022  1.00 46.30 ? 2    TRP B CE3 1 
ATOM   821  C  CZ2 . TRP B 1 4   ? -24.691 -9.868  18.612  1.00 46.03 ? 2    TRP B CZ2 1 
ATOM   822  C  CZ3 . TRP B 1 4   ? -25.497 -9.305  16.402  1.00 46.79 ? 2    TRP B CZ3 1 
ATOM   823  C  CH2 . TRP B 1 4   ? -25.070 -8.932  17.687  1.00 46.84 ? 2    TRP B CH2 1 
ATOM   824  N  N   . SER B 1 5   ? -22.898 -15.743 15.611  1.00 46.23 ? 3    SER B N   1 
ATOM   825  C  CA  . SER B 1 5   ? -21.704 -16.360 16.173  1.00 46.44 ? 3    SER B CA  1 
ATOM   826  C  C   . SER B 1 5   ? -20.551 -16.284 15.187  1.00 46.88 ? 3    SER B C   1 
ATOM   827  O  O   . SER B 1 5   ? -19.409 -16.086 15.598  1.00 47.39 ? 3    SER B O   1 
ATOM   828  C  CB  . SER B 1 5   ? -21.952 -17.825 16.545  1.00 46.71 ? 3    SER B CB  1 
ATOM   829  O  OG  . SER B 1 5   ? -21.799 -18.664 15.416  1.00 46.25 ? 3    SER B OG  1 
ATOM   830  N  N   . GLU B 1 6   ? -20.846 -16.443 13.895  1.00 47.07 ? 4    GLU B N   1 
ATOM   831  C  CA  . GLU B 1 6   ? -19.826 -16.258 12.842  1.00 47.30 ? 4    GLU B CA  1 
ATOM   832  C  C   . GLU B 1 6   ? -19.334 -14.811 12.786  1.00 47.34 ? 4    GLU B C   1 
ATOM   833  O  O   . GLU B 1 6   ? -18.168 -14.562 12.498  1.00 47.83 ? 4    GLU B O   1 
ATOM   834  C  CB  . GLU B 1 6   ? -20.366 -16.687 11.472  1.00 47.28 ? 4    GLU B CB  1 
ATOM   835  N  N   . LYS B 1 7   ? -20.230 -13.864 13.045  1.00 47.53 ? 5    LYS B N   1 
ATOM   836  C  CA  . LYS B 1 7   ? -19.858 -12.452 13.157  1.00 47.68 ? 5    LYS B CA  1 
ATOM   837  C  C   . LYS B 1 7   ? -18.995 -12.217 14.399  1.00 47.73 ? 5    LYS B C   1 
ATOM   838  O  O   . LYS B 1 7   ? -17.970 -11.531 14.336  1.00 47.39 ? 5    LYS B O   1 
ATOM   839  C  CB  . LYS B 1 7   ? -21.109 -11.554 13.196  1.00 47.68 ? 5    LYS B CB  1 
ATOM   840  C  CG  . LYS B 1 7   ? -21.681 -11.211 11.817  1.00 47.91 ? 5    LYS B CG  1 
ATOM   841  C  CD  . LYS B 1 7   ? -23.002 -10.462 11.924  1.00 47.90 ? 5    LYS B CD  1 
ATOM   842  N  N   . ALA B 1 8   ? -19.428 -12.790 15.519  1.00 47.90 ? 6    ALA B N   1 
ATOM   843  C  CA  . ALA B 1 8   ? -18.726 -12.685 16.794  1.00 48.33 ? 6    ALA B CA  1 
ATOM   844  C  C   . ALA B 1 8   ? -17.315 -13.220 16.667  1.00 49.15 ? 6    ALA B C   1 
ATOM   845  O  O   . ALA B 1 8   ? -16.381 -12.677 17.257  1.00 49.89 ? 6    ALA B O   1 
ATOM   846  C  CB  . ALA B 1 8   ? -19.494 -13.471 17.892  1.00 48.39 ? 6    ALA B CB  1 
ATOM   847  N  N   . PHE B 1 9   ? -17.178 -14.301 15.898  1.00 49.55 ? 7    PHE B N   1 
ATOM   848  C  CA  . PHE B 1 9   ? -15.897 -14.965 15.680  1.00 49.54 ? 7    PHE B CA  1 
ATOM   849  C  C   . PHE B 1 9   ? -14.960 -14.058 14.892  1.00 49.30 ? 7    PHE B C   1 
ATOM   850  O  O   . PHE B 1 9   ? -13.847 -13.768 15.337  1.00 49.20 ? 7    PHE B O   1 
ATOM   851  C  CB  . PHE B 1 9   ? -16.108 -16.311 14.958  1.00 49.85 ? 7    PHE B CB  1 
ATOM   852  C  CG  . PHE B 1 9   ? -14.823 -17.019 14.561  1.00 49.95 ? 7    PHE B CG  1 
ATOM   853  C  CD1 . PHE B 1 9   ? -13.772 -17.161 15.467  1.00 50.25 ? 7    PHE B CD1 1 
ATOM   854  C  CD2 . PHE B 1 9   ? -14.679 -17.561 13.289  1.00 50.47 ? 7    PHE B CD2 1 
ATOM   855  C  CE1 . PHE B 1 9   ? -12.601 -17.819 15.106  1.00 51.07 ? 7    PHE B CE1 1 
ATOM   856  C  CE2 . PHE B 1 9   ? -13.504 -18.222 12.916  1.00 51.50 ? 7    PHE B CE2 1 
ATOM   857  C  CZ  . PHE B 1 9   ? -12.464 -18.347 13.825  1.00 51.03 ? 7    PHE B CZ  1 
ATOM   858  N  N   . SER B 1 10  ? -15.425 -13.592 13.734  1.00 48.94 ? 8    SER B N   1 
ATOM   859  C  CA  . SER B 1 10  ? -14.607 -12.750 12.869  1.00 48.59 ? 8    SER B CA  1 
ATOM   860  C  C   . SER B 1 10  ? -14.341 -11.369 13.466  1.00 48.12 ? 8    SER B C   1 
ATOM   861  O  O   . SER B 1 10  ? -13.337 -10.742 13.148  1.00 48.27 ? 8    SER B O   1 
ATOM   862  C  CB  . SER B 1 10  ? -15.257 -12.603 11.497  1.00 48.63 ? 8    SER B CB  1 
ATOM   863  O  OG  . SER B 1 10  ? -16.472 -11.892 11.594  1.00 49.68 ? 8    SER B OG  1 
ATOM   864  N  N   . ALA B 1 11  ? -15.244 -10.896 14.316  1.00 47.78 ? 9    ALA B N   1 
ATOM   865  C  CA  . ALA B 1 11  ? -15.033 -9.667  15.071  1.00 47.45 ? 9    ALA B CA  1 
ATOM   866  C  C   . ALA B 1 11  ? -13.875 -9.821  16.049  1.00 47.49 ? 9    ALA B C   1 
ATOM   867  O  O   . ALA B 1 11  ? -13.040 -8.934  16.168  1.00 47.46 ? 9    ALA B O   1 
ATOM   868  C  CB  . ALA B 1 11  ? -16.301 -9.288  15.811  1.00 48.00 ? 9    ALA B CB  1 
ATOM   869  N  N   . SER B 1 12  ? -13.823 -10.956 16.745  1.00 47.63 ? 10   SER B N   1 
ATOM   870  C  CA  . SER B 1 12  ? -12.711 -11.249 17.654  1.00 47.76 ? 10   SER B CA  1 
ATOM   871  C  C   . SER B 1 12  ? -11.389 -11.406 16.926  1.00 47.73 ? 10   SER B C   1 
ATOM   872  O  O   . SER B 1 12  ? -10.366 -10.921 17.396  1.00 47.82 ? 10   SER B O   1 
ATOM   873  C  CB  . SER B 1 12  ? -12.972 -12.521 18.457  1.00 47.87 ? 10   SER B CB  1 
ATOM   874  O  OG  . SER B 1 12  ? -11.799 -12.922 19.141  1.00 48.90 ? 10   SER B OG  1 
ATOM   875  N  N   . LYS B 1 13  ? -11.408 -12.125 15.807  1.00 47.75 ? 11   LYS B N   1 
ATOM   876  C  CA  . LYS B 1 13  ? -10.228 -12.269 14.965  1.00 47.98 ? 11   LYS B CA  1 
ATOM   877  C  C   . LYS B 1 13  ? -9.684  -10.887 14.561  1.00 48.05 ? 11   LYS B C   1 
ATOM   878  O  O   . LYS B 1 13  ? -8.500  -10.618 14.706  1.00 47.93 ? 11   LYS B O   1 
ATOM   879  C  CB  . LYS B 1 13  ? -10.555 -13.103 13.720  1.00 48.05 ? 11   LYS B CB  1 
ATOM   880  C  CG  . LYS B 1 13  ? -10.481 -14.608 13.942  1.00 48.20 ? 11   LYS B CG  1 
ATOM   881  C  CD  . LYS B 1 13  ? -10.933 -15.397 12.712  1.00 47.96 ? 11   LYS B CD  1 
ATOM   882  N  N   . LEU B 1 14  ? -10.570 -10.015 14.087  1.00 48.31 ? 12   LEU B N   1 
ATOM   883  C  CA  . LEU B 1 14  ? -10.212 -8.643  13.713  1.00 48.55 ? 12   LEU B CA  1 
ATOM   884  C  C   . LEU B 1 14  ? -9.557  -7.847  14.855  1.00 48.96 ? 12   LEU B C   1 
ATOM   885  O  O   . LEU B 1 14  ? -8.518  -7.215  14.654  1.00 49.11 ? 12   LEU B O   1 
ATOM   886  C  CB  . LEU B 1 14  ? -11.443 -7.897  13.193  1.00 48.29 ? 12   LEU B CB  1 
ATOM   887  C  CG  . LEU B 1 14  ? -11.218 -6.440  12.775  1.00 48.23 ? 12   LEU B CG  1 
ATOM   888  C  CD1 . LEU B 1 14  ? -10.416 -6.361  11.483  1.00 48.26 ? 12   LEU B CD1 1 
ATOM   889  C  CD2 . LEU B 1 14  ? -12.553 -5.719  12.646  1.00 48.66 ? 12   LEU B CD2 1 
ATOM   890  N  N   . ASP B 1 15  ? -10.163 -7.876  16.040  1.00 49.49 ? 13   ASP B N   1 
ATOM   891  C  CA  . ASP B 1 15  ? -9.572  -7.230  17.218  1.00 49.85 ? 13   ASP B CA  1 
ATOM   892  C  C   . ASP B 1 15  ? -8.121  -7.675  17.437  1.00 49.64 ? 13   ASP B C   1 
ATOM   893  O  O   . ASP B 1 15  ? -7.245  -6.841  17.657  1.00 49.49 ? 13   ASP B O   1 
ATOM   894  C  CB  . ASP B 1 15  ? -10.379 -7.554  18.477  1.00 50.12 ? 13   ASP B CB  1 
ATOM   895  C  CG  . ASP B 1 15  ? -11.755 -6.914  18.479  1.00 51.58 ? 13   ASP B CG  1 
ATOM   896  O  OD1 . ASP B 1 15  ? -12.038 -6.078  17.594  1.00 53.53 ? 13   ASP B OD1 1 
ATOM   897  O  OD2 . ASP B 1 15  ? -12.556 -7.253  19.379  1.00 52.86 ? 13   ASP B OD2 1 
ATOM   898  N  N   . ASP B 1 16  ? -7.896  -8.991  17.398  1.00 49.47 ? 14   ASP B N   1 
ATOM   899  C  CA  . ASP B 1 16  ? -6.564  -9.586  17.571  1.00 49.42 ? 14   ASP B CA  1 
ATOM   900  C  C   . ASP B 1 16  ? -5.563  -9.111  16.531  1.00 49.46 ? 14   ASP B C   1 
ATOM   901  O  O   . ASP B 1 16  ? -4.406  -8.850  16.842  1.00 49.58 ? 14   ASP B O   1 
ATOM   902  C  CB  . ASP B 1 16  ? -6.633  -11.110 17.459  1.00 49.42 ? 14   ASP B CB  1 
ATOM   903  C  CG  . ASP B 1 16  ? -7.346  -11.760 18.624  1.00 49.11 ? 14   ASP B CG  1 
ATOM   904  O  OD1 . ASP B 1 16  ? -8.106  -11.076 19.343  1.00 49.65 ? 14   ASP B OD1 1 
ATOM   905  O  OD2 . ASP B 1 16  ? -7.136  -12.974 18.807  1.00 48.17 ? 14   ASP B OD2 1 
ATOM   906  N  N   . ALA B 1 17  ? -6.011  -9.042  15.286  1.00 49.62 ? 15   ALA B N   1 
ATOM   907  C  CA  . ALA B 1 17  ? -5.152  -8.653  14.174  1.00 49.83 ? 15   ALA B CA  1 
ATOM   908  C  C   . ALA B 1 17  ? -4.733  -7.190  14.271  1.00 49.93 ? 15   ALA B C   1 
ATOM   909  O  O   . ALA B 1 17  ? -3.589  -6.844  13.982  1.00 50.48 ? 15   ALA B O   1 
ATOM   910  C  CB  . ALA B 1 17  ? -5.877  -8.900  12.863  1.00 49.99 ? 15   ALA B CB  1 
ATOM   911  N  N   . ILE B 1 18  ? -5.673  -6.332  14.659  1.00 50.17 ? 16   ILE B N   1 
ATOM   912  C  CA  . ILE B 1 18  ? -5.396  -4.910  14.820  1.00 49.95 ? 16   ILE B CA  1 
ATOM   913  C  C   . ILE B 1 18  ? -4.451  -4.724  16.000  1.00 49.98 ? 16   ILE B C   1 
ATOM   914  O  O   . ILE B 1 18  ? -3.539  -3.893  15.952  1.00 49.85 ? 16   ILE B O   1 
ATOM   915  C  CB  . ILE B 1 18  ? -6.697  -4.112  15.023  1.00 49.93 ? 16   ILE B CB  1 
ATOM   916  C  CG1 . ILE B 1 18  ? -7.519  -4.144  13.730  1.00 49.60 ? 16   ILE B CG1 1 
ATOM   917  C  CG2 . ILE B 1 18  ? -6.396  -2.668  15.419  1.00 49.93 ? 16   ILE B CG2 1 
ATOM   918  C  CD1 . ILE B 1 18  ? -8.945  -3.722  13.896  1.00 49.43 ? 16   ILE B CD1 1 
ATOM   919  N  N   . ALA B 1 19  ? -4.679  -5.503  17.051  1.00 49.86 ? 17   ALA B N   1 
ATOM   920  C  CA  . ALA B 1 19  ? -3.761  -5.551  18.185  1.00 50.16 ? 17   ALA B CA  1 
ATOM   921  C  C   . ALA B 1 19  ? -2.387  -6.051  17.744  1.00 50.33 ? 17   ALA B C   1 
ATOM   922  O  O   . ALA B 1 19  ? -1.368  -5.446  18.083  1.00 50.64 ? 17   ALA B O   1 
ATOM   923  C  CB  . ALA B 1 19  ? -4.326  -6.429  19.295  1.00 50.33 ? 17   ALA B CB  1 
ATOM   924  N  N   . ALA B 1 20  ? -2.363  -7.128  16.958  1.00 50.36 ? 18   ALA B N   1 
ATOM   925  C  CA  . ALA B 1 20  ? -1.099  -7.684  16.436  1.00 50.19 ? 18   ALA B CA  1 
ATOM   926  C  C   . ALA B 1 20  ? -0.352  -6.698  15.549  1.00 50.02 ? 18   ALA B C   1 
ATOM   927  O  O   . ALA B 1 20  ? 0.873   -6.655  15.573  1.00 50.03 ? 18   ALA B O   1 
ATOM   928  C  CB  . ALA B 1 20  ? -1.350  -8.988  15.676  1.00 50.04 ? 18   ALA B CB  1 
ATOM   929  N  N   . LYS B 1 21  ? -1.089  -5.907  14.766  1.00 50.08 ? 19   LYS B N   1 
ATOM   930  C  CA  . LYS B 1 21  ? -0.472  -4.915  13.884  1.00 49.67 ? 19   LYS B CA  1 
ATOM   931  C  C   . LYS B 1 21  ? -0.053  -3.628  14.583  1.00 49.81 ? 19   LYS B C   1 
ATOM   932  O  O   . LYS B 1 21  ? 1.057   -3.142  14.363  1.00 49.81 ? 19   LYS B O   1 
ATOM   933  C  CB  . LYS B 1 21  ? -1.416  -4.543  12.739  1.00 49.72 ? 19   LYS B CB  1 
ATOM   934  C  CG  . LYS B 1 21  ? -0.996  -3.276  11.956  1.00 48.65 ? 19   LYS B CG  1 
ATOM   935  C  CD  . LYS B 1 21  ? 0.373   -3.426  11.302  1.00 49.11 ? 19   LYS B CD  1 
ATOM   936  C  CE  . LYS B 1 21  ? 0.833   -2.135  10.682  1.00 46.86 ? 19   LYS B CE  1 
ATOM   937  N  NZ  . LYS B 1 21  ? 2.130   -2.315  10.016  1.00 46.25 ? 19   LYS B NZ  1 
ATOM   938  N  N   . PHE B 1 22  ? -0.960  -3.034  15.355  1.00 49.64 ? 20   PHE B N   1 
ATOM   939  C  CA  . PHE B 1 22  ? -0.719  -1.687  15.895  1.00 49.52 ? 20   PHE B CA  1 
ATOM   940  C  C   . PHE B 1 22  ? -0.438  -1.667  17.397  1.00 49.67 ? 20   PHE B C   1 
ATOM   941  O  O   . PHE B 1 22  ? -0.033  -0.638  17.928  1.00 49.91 ? 20   PHE B O   1 
ATOM   942  C  CB  . PHE B 1 22  ? -1.910  -0.766  15.619  1.00 49.12 ? 20   PHE B CB  1 
ATOM   943  C  CG  . PHE B 1 22  ? -2.222  -0.558  14.153  1.00 48.02 ? 20   PHE B CG  1 
ATOM   944  C  CD1 . PHE B 1 22  ? -1.497  0.351   13.389  1.00 48.25 ? 20   PHE B CD1 1 
ATOM   945  C  CD2 . PHE B 1 22  ? -3.269  -1.251  13.555  1.00 47.26 ? 20   PHE B CD2 1 
ATOM   946  C  CE1 . PHE B 1 22  ? -1.808  0.558   12.043  1.00 48.01 ? 20   PHE B CE1 1 
ATOM   947  C  CE2 . PHE B 1 22  ? -3.597  -1.052  12.229  1.00 48.15 ? 20   PHE B CE2 1 
ATOM   948  C  CZ  . PHE B 1 22  ? -2.864  -0.146  11.459  1.00 47.99 ? 20   PHE B CZ  1 
ATOM   949  N  N   . GLY B 1 23  ? -0.647  -2.792  18.072  1.00 49.98 ? 21   GLY B N   1 
ATOM   950  C  CA  . GLY B 1 23  ? -0.627  -2.826  19.532  1.00 50.36 ? 21   GLY B CA  1 
ATOM   951  C  C   . GLY B 1 23  ? -2.029  -2.627  20.072  1.00 50.78 ? 21   GLY B C   1 
ATOM   952  O  O   . GLY B 1 23  ? -2.984  -2.502  19.307  1.00 50.72 ? 21   GLY B O   1 
ATOM   953  N  N   . SER B 1 24  ? -2.165  -2.587  21.394  1.00 51.53 ? 22   SER B N   1 
ATOM   954  C  CA  . SER B 1 24  ? -3.485  -2.471  22.012  1.00 51.85 ? 22   SER B CA  1 
ATOM   955  C  C   . SER B 1 24  ? -3.934  -1.013  22.124  1.00 52.12 ? 22   SER B C   1 
ATOM   956  O  O   . SER B 1 24  ? -4.238  -0.523  23.223  1.00 52.80 ? 22   SER B O   1 
ATOM   957  C  CB  . SER B 1 24  ? -3.505  -3.164  23.379  1.00 51.95 ? 22   SER B CB  1 
ATOM   958  O  OG  . SER B 1 24  ? -3.286  -4.556  23.233  1.00 52.16 ? 22   SER B OG  1 
ATOM   959  N  N   . LEU B 1 25  ? -4.017  -0.347  20.974  1.00 52.21 ? 23   LEU B N   1 
ATOM   960  C  CA  . LEU B 1 25  ? -4.407  1.060   20.904  1.00 52.39 ? 23   LEU B CA  1 
ATOM   961  C  C   . LEU B 1 25  ? -5.907  1.257   20.672  1.00 52.35 ? 23   LEU B C   1 
ATOM   962  O  O   . LEU B 1 25  ? -6.521  0.515   19.898  1.00 52.71 ? 23   LEU B O   1 
ATOM   963  C  CB  . LEU B 1 25  ? -3.636  1.775   19.793  1.00 52.56 ? 23   LEU B CB  1 
ATOM   964  C  CG  . LEU B 1 25  ? -2.254  2.298   20.176  1.00 53.17 ? 23   LEU B CG  1 
ATOM   965  C  CD1 . LEU B 1 25  ? -1.706  3.128   19.042  1.00 53.89 ? 23   LEU B CD1 1 
ATOM   966  C  CD2 . LEU B 1 25  ? -2.332  3.118   21.459  1.00 54.19 ? 23   LEU B CD2 1 
ATOM   967  N  N   . PRO B 1 26  ? -6.500  2.263   21.344  1.00 52.04 ? 24   PRO B N   1 
ATOM   968  C  CA  . PRO B 1 26  ? -7.886  2.619   21.078  1.00 51.72 ? 24   PRO B CA  1 
ATOM   969  C  C   . PRO B 1 26  ? -8.087  3.070   19.638  1.00 51.40 ? 24   PRO B C   1 
ATOM   970  O  O   . PRO B 1 26  ? -7.182  3.640   19.035  1.00 51.67 ? 24   PRO B O   1 
ATOM   971  C  CB  . PRO B 1 26  ? -8.174  3.775   22.046  1.00 51.93 ? 24   PRO B CB  1 
ATOM   972  C  CG  . PRO B 1 26  ? -6.981  3.950   22.893  1.00 51.89 ? 24   PRO B CG  1 
ATOM   973  C  CD  . PRO B 1 26  ? -5.886  3.086   22.401  1.00 52.22 ? 24   PRO B CD  1 
ATOM   974  N  N   . ILE B 1 27  ? -9.280  2.802   19.118  1.00 50.97 ? 25   ILE B N   1 
ATOM   975  C  CA  . ILE B 1 27  ? -9.628  3.030   17.725  1.00 50.36 ? 25   ILE B CA  1 
ATOM   976  C  C   . ILE B 1 27  ? -10.923 3.821   17.696  1.00 50.14 ? 25   ILE B C   1 
ATOM   977  O  O   . ILE B 1 27  ? -11.816 3.585   18.523  1.00 49.83 ? 25   ILE B O   1 
ATOM   978  C  CB  . ILE B 1 27  ? -9.880  1.689   17.014  1.00 50.34 ? 25   ILE B CB  1 
ATOM   979  C  CG1 . ILE B 1 27  ? -8.775  0.683   17.346  1.00 50.72 ? 25   ILE B CG1 1 
ATOM   980  C  CG2 . ILE B 1 27  ? -9.975  1.870   15.515  1.00 50.62 ? 25   ILE B CG2 1 
ATOM   981  N  N   . GLN B 1 28  ? -11.030 4.757   16.760  1.00 49.69 ? 26   GLN B N   1 
ATOM   982  C  CA  . GLN B 1 28  ? -12.294 5.444   16.523  1.00 49.97 ? 26   GLN B CA  1 
ATOM   983  C  C   . GLN B 1 28  ? -12.753 5.255   15.084  1.00 49.30 ? 26   GLN B C   1 
ATOM   984  O  O   . GLN B 1 28  ? -11.971 4.900   14.221  1.00 48.57 ? 26   GLN B O   1 
ATOM   985  C  CB  . GLN B 1 28  ? -12.190 6.924   16.889  1.00 49.96 ? 26   GLN B CB  1 
ATOM   986  C  CG  . GLN B 1 28  ? -11.406 7.781   15.923  1.00 51.23 ? 26   GLN B CG  1 
ATOM   987  C  CD  . GLN B 1 28  ? -11.192 9.185   16.459  1.00 51.72 ? 26   GLN B CD  1 
ATOM   988  O  OE1 . GLN B 1 28  ? -10.184 9.466   17.117  1.00 55.61 ? 26   GLN B OE1 1 
ATOM   989  N  NE2 . GLN B 1 28  ? -12.133 10.077  16.171  1.00 52.78 ? 26   GLN B NE2 1 
ATOM   990  N  N   . GLU B 1 29  ? -14.043 5.473   14.846  1.00 49.04 ? 27   GLU B N   1 
ATOM   991  C  CA  . GLU B 1 29  ? -14.603 5.384   13.502  1.00 49.01 ? 27   GLU B CA  1 
ATOM   992  C  C   . GLU B 1 29  ? -14.437 6.712   12.781  1.00 48.51 ? 27   GLU B C   1 
ATOM   993  O  O   . GLU B 1 29  ? -14.498 7.789   13.404  1.00 47.94 ? 27   GLU B O   1 
ATOM   994  C  CB  . GLU B 1 29  ? -16.088 5.008   13.554  1.00 49.37 ? 27   GLU B CB  1 
ATOM   995  C  CG  . GLU B 1 29  ? -16.387 3.651   14.177  1.00 50.69 ? 27   GLU B CG  1 
ATOM   996  C  CD  . GLU B 1 29  ? -15.607 2.520   13.519  1.00 52.70 ? 27   GLU B CD  1 
ATOM   997  O  OE1 . GLU B 1 29  ? -15.541 2.460   12.266  1.00 53.34 ? 27   GLU B OE1 1 
ATOM   998  O  OE2 . GLU B 1 29  ? -15.061 1.691   14.269  1.00 54.09 ? 27   GLU B OE2 1 
ATOM   999  N  N   . SER B 1 30  ? -14.255 6.633   11.465  1.00 48.18 ? 28   SER B N   1 
ATOM   1000 C  CA  . SER B 1 30  ? -13.936 7.812   10.664  1.00 47.90 ? 28   SER B CA  1 
ATOM   1001 C  C   . SER B 1 30  ? -14.652 7.840   9.312   1.00 47.75 ? 28   SER B C   1 
ATOM   1002 O  O   . SER B 1 30  ? -14.737 6.841   8.613   1.00 47.94 ? 28   SER B O   1 
ATOM   1003 C  CB  . SER B 1 30  ? -12.411 7.894   10.446  1.00 48.09 ? 28   SER B CB  1 
ATOM   1004 O  OG  . SER B 1 30  ? -12.038 9.166   9.954   1.00 47.09 ? 28   SER B OG  1 
ATOM   1005 N  N   . THR B 1 31  ? -15.145 9.009   8.938   1.00 47.91 ? 29   THR B N   1 
ATOM   1006 C  CA  . THR B 1 31  ? -15.605 9.232   7.576   1.00 48.39 ? 29   THR B CA  1 
ATOM   1007 C  C   . THR B 1 31  ? -14.457 9.735   6.690   1.00 48.25 ? 29   THR B C   1 
ATOM   1008 O  O   . THR B 1 31  ? -14.623 9.861   5.481   1.00 48.61 ? 29   THR B O   1 
ATOM   1009 C  CB  . THR B 1 31  ? -16.766 10.232  7.533   1.00 48.58 ? 29   THR B CB  1 
ATOM   1010 O  OG1 . THR B 1 31  ? -17.663 9.976   8.626   1.00 49.20 ? 29   THR B OG1 1 
ATOM   1011 C  CG2 . THR B 1 31  ? -17.543 10.087  6.227   1.00 49.50 ? 29   THR B CG2 1 
ATOM   1012 N  N   . ALA B 1 32  ? -13.293 10.007  7.289   1.00 48.28 ? 30   ALA B N   1 
ATOM   1013 C  CA  . ALA B 1 32  ? -12.092 10.426  6.546   1.00 48.13 ? 30   ALA B CA  1 
ATOM   1014 C  C   . ALA B 1 32  ? -11.276 9.246   6.033   1.00 47.95 ? 30   ALA B C   1 
ATOM   1015 O  O   . ALA B 1 32  ? -10.047 9.284   6.026   1.00 48.30 ? 30   ALA B O   1 
ATOM   1016 C  CB  . ALA B 1 32  ? -11.220 11.318  7.420   1.00 48.22 ? 30   ALA B CB  1 
ATOM   1017 N  N   . ILE B 1 33  ? -11.954 8.178   5.629   1.00 48.01 ? 31   ILE B N   1 
ATOM   1018 C  CA  . ILE B 1 33  ? -11.305 7.031   4.972   1.00 47.72 ? 31   ILE B CA  1 
ATOM   1019 C  C   . ILE B 1 33  ? -12.239 6.687   3.820   1.00 47.54 ? 31   ILE B C   1 
ATOM   1020 O  O   . ILE B 1 33  ? -13.438 6.572   4.022   1.00 46.23 ? 31   ILE B O   1 
ATOM   1021 C  CB  . ILE B 1 33  ? -11.128 5.812   5.924   1.00 47.79 ? 31   ILE B CB  1 
ATOM   1022 C  CG1 . ILE B 1 33  ? -10.161 6.149   7.068   1.00 47.88 ? 31   ILE B CG1 1 
ATOM   1023 C  CG2 . ILE B 1 33  ? -10.594 4.590   5.164   1.00 47.86 ? 31   ILE B CG2 1 
ATOM   1024 C  CD1 . ILE B 1 33  ? -10.187 5.168   8.240   1.00 48.08 ? 31   ILE B CD1 1 
ATOM   1025 N  N   . GLN B 1 34  ? -11.692 6.588   2.610   1.00 47.56 ? 32   GLN B N   1 
ATOM   1026 C  CA  . GLN B 1 34  ? -12.489 6.343   1.410   1.00 47.74 ? 32   GLN B CA  1 
ATOM   1027 C  C   . GLN B 1 34  ? -12.196 4.943   0.884   1.00 47.44 ? 32   GLN B C   1 
ATOM   1028 O  O   . GLN B 1 34  ? -11.053 4.610   0.599   1.00 48.22 ? 32   GLN B O   1 
ATOM   1029 C  CB  . GLN B 1 34  ? -12.194 7.411   0.344   1.00 48.05 ? 32   GLN B CB  1 
ATOM   1030 C  CG  . GLN B 1 34  ? -12.477 8.872   0.779   1.00 49.08 ? 32   GLN B CG  1 
ATOM   1031 C  CD  . GLN B 1 34  ? -11.326 9.562   1.557   1.00 52.08 ? 32   GLN B CD  1 
ATOM   1032 O  OE1 . GLN B 1 34  ? -10.135 9.254   1.373   1.00 55.21 ? 32   GLN B OE1 1 
ATOM   1033 N  NE2 . GLN B 1 34  ? -11.686 10.523  2.416   1.00 52.66 ? 32   GLN B NE2 1 
ATOM   1034 N  N   . ILE B 1 35  ? -13.226 4.115   0.801   1.00 47.48 ? 33   ILE B N   1 
ATOM   1035 C  CA  . ILE B 1 35  ? -13.109 2.744   0.305   1.00 47.65 ? 33   ILE B CA  1 
ATOM   1036 C  C   . ILE B 1 35  ? -14.067 2.531   -0.862  1.00 47.55 ? 33   ILE B C   1 
ATOM   1037 O  O   . ILE B 1 35  ? -15.289 2.648   -0.710  1.00 47.32 ? 33   ILE B O   1 
ATOM   1038 C  CB  . ILE B 1 35  ? -13.452 1.685   1.363   1.00 47.76 ? 33   ILE B CB  1 
ATOM   1039 C  CG1 . ILE B 1 35  ? -12.728 1.944   2.690   1.00 47.89 ? 33   ILE B CG1 1 
ATOM   1040 C  CG2 . ILE B 1 35  ? -13.124 0.271   0.834   1.00 48.03 ? 33   ILE B CG2 1 
ATOM   1041 C  CD1 . ILE B 1 35  ? -13.347 1.146   3.861   1.00 47.50 ? 33   ILE B CD1 1 
ATOM   1042 N  N   . LYS B 1 36  ? -13.500 2.226   -2.026  1.00 47.69 ? 34   LYS B N   1 
ATOM   1043 C  CA  . LYS B 1 36  ? -14.280 1.939   -3.211  1.00 47.72 ? 34   LYS B CA  1 
ATOM   1044 C  C   . LYS B 1 36  ? -14.138 0.476   -3.538  1.00 47.77 ? 34   LYS B C   1 
ATOM   1045 O  O   . LYS B 1 36  ? -13.038 -0.064  -3.585  1.00 47.55 ? 34   LYS B O   1 
ATOM   1046 C  CB  . LYS B 1 36  ? -13.807 2.762   -4.398  1.00 47.94 ? 34   LYS B CB  1 
ATOM   1047 C  CG  . LYS B 1 36  ? -13.820 4.251   -4.161  1.00 48.16 ? 34   LYS B CG  1 
ATOM   1048 C  CD  . LYS B 1 36  ? -13.870 5.002   -5.485  1.00 48.61 ? 34   LYS B CD  1 
ATOM   1049 N  N   . ALA B 1 37  ? -15.277 -0.165  -3.731  1.00 47.94 ? 35   ALA B N   1 
ATOM   1050 C  CA  . ALA B 1 37  ? -15.335 -1.516  -4.233  1.00 48.12 ? 35   ALA B CA  1 
ATOM   1051 C  C   . ALA B 1 37  ? -16.733 -1.673  -4.786  1.00 48.34 ? 35   ALA B C   1 
ATOM   1052 O  O   . ALA B 1 37  ? -17.629 -0.924  -4.395  1.00 48.56 ? 35   ALA B O   1 
ATOM   1053 C  CB  . ALA B 1 37  ? -15.079 -2.513  -3.111  1.00 48.09 ? 35   ALA B CB  1 
ATOM   1054 N  N   . PRO B 1 38  ? -16.927 -2.620  -5.718  1.00 48.45 ? 36   PRO B N   1 
ATOM   1055 C  CA  . PRO B 1 38  ? -18.267 -2.966  -6.143  1.00 48.42 ? 36   PRO B CA  1 
ATOM   1056 C  C   . PRO B 1 38  ? -19.248 -3.141  -4.973  1.00 48.53 ? 36   PRO B C   1 
ATOM   1057 O  O   . PRO B 1 38  ? -18.851 -3.575  -3.884  1.00 48.32 ? 36   PRO B O   1 
ATOM   1058 C  CB  . PRO B 1 38  ? -18.058 -4.300  -6.861  1.00 48.53 ? 36   PRO B CB  1 
ATOM   1059 C  CG  . PRO B 1 38  ? -16.694 -4.229  -7.402  1.00 48.37 ? 36   PRO B CG  1 
ATOM   1060 C  CD  . PRO B 1 38  ? -15.901 -3.387  -6.448  1.00 48.44 ? 36   PRO B CD  1 
ATOM   1061 N  N   . GLU B 1 39  ? -20.513 -2.789  -5.208  1.00 48.56 ? 37   GLU B N   1 
ATOM   1062 C  CA  . GLU B 1 39  ? -21.580 -3.053  -4.250  1.00 48.52 ? 37   GLU B CA  1 
ATOM   1063 C  C   . GLU B 1 39  ? -21.817 -4.553  -4.229  1.00 48.58 ? 37   GLU B C   1 
ATOM   1064 O  O   . GLU B 1 39  ? -21.826 -5.167  -3.165  1.00 48.36 ? 37   GLU B O   1 
ATOM   1065 C  CB  . GLU B 1 39  ? -22.862 -2.318  -4.639  1.00 48.53 ? 37   GLU B CB  1 
ATOM   1066 N  N   . ILE B 1 40  ? -21.992 -5.129  -5.418  1.00 48.88 ? 38   ILE B N   1 
ATOM   1067 C  CA  . ILE B 1 40  ? -22.107 -6.582  -5.590  1.00 49.15 ? 38   ILE B CA  1 
ATOM   1068 C  C   . ILE B 1 40  ? -20.959 -7.107  -6.469  1.00 49.36 ? 38   ILE B C   1 
ATOM   1069 O  O   . ILE B 1 40  ? -20.321 -6.337  -7.197  1.00 49.52 ? 38   ILE B O   1 
ATOM   1070 C  CB  . ILE B 1 40  ? -23.499 -7.007  -6.163  1.00 49.00 ? 38   ILE B CB  1 
ATOM   1071 C  CG1 . ILE B 1 40  ? -23.739 -6.444  -7.569  1.00 49.25 ? 38   ILE B CG1 1 
ATOM   1072 C  CG2 . ILE B 1 40  ? -24.619 -6.554  -5.239  1.00 48.81 ? 38   ILE B CG2 1 
ATOM   1073 N  N   . ALA B 1 41  ? -20.696 -8.412  -6.382  1.00 49.47 ? 39   ALA B N   1 
ATOM   1074 C  CA  . ALA B 1 41  ? -19.604 -9.046  -7.130  1.00 49.41 ? 39   ALA B CA  1 
ATOM   1075 C  C   . ALA B 1 41  ? -19.946 -10.485 -7.507  1.00 49.48 ? 39   ALA B C   1 
ATOM   1076 O  O   . ALA B 1 41  ? -20.895 -11.069 -6.976  1.00 49.63 ? 39   ALA B O   1 
ATOM   1077 C  CB  . ALA B 1 41  ? -18.317 -9.009  -6.316  1.00 49.41 ? 39   ALA B CB  1 
ATOM   1078 N  N   . GLU B 1 42  ? -19.170 -11.047 -8.432  1.00 49.50 ? 40   GLU B N   1 
ATOM   1079 C  CA  . GLU B 1 42  ? -19.379 -12.422 -8.893  1.00 49.41 ? 40   GLU B CA  1 
ATOM   1080 C  C   . GLU B 1 42  ? -18.864 -13.412 -7.854  1.00 49.36 ? 40   GLU B C   1 
ATOM   1081 O  O   . GLU B 1 42  ? -17.904 -13.131 -7.140  1.00 49.41 ? 40   GLU B O   1 
ATOM   1082 C  CB  . GLU B 1 42  ? -18.680 -12.661 -10.235 1.00 49.42 ? 40   GLU B CB  1 
ATOM   1083 N  N   . ASN B 1 43  ? -19.507 -14.573 -7.773  1.00 49.37 ? 41   ASN B N   1 
ATOM   1084 C  CA  . ASN B 1 43  ? -19.142 -15.581 -6.779  1.00 49.33 ? 41   ASN B CA  1 
ATOM   1085 C  C   . ASN B 1 43  ? -17.769 -16.201 -7.065  1.00 49.30 ? 41   ASN B C   1 
ATOM   1086 O  O   . ASN B 1 43  ? -17.615 -16.977 -8.002  1.00 49.43 ? 41   ASN B O   1 
ATOM   1087 C  CB  . ASN B 1 43  ? -20.216 -16.672 -6.707  1.00 49.22 ? 41   ASN B CB  1 
ATOM   1088 N  N   . GLY B 1 44  ? -16.776 -15.831 -6.261  1.00 49.24 ? 42   GLY B N   1 
ATOM   1089 C  CA  . GLY B 1 44  ? -15.440 -16.423 -6.339  1.00 49.29 ? 42   GLY B CA  1 
ATOM   1090 C  C   . GLY B 1 44  ? -14.499 -15.781 -7.348  1.00 49.32 ? 42   GLY B C   1 
ATOM   1091 O  O   . GLY B 1 44  ? -13.610 -16.453 -7.875  1.00 49.75 ? 42   GLY B O   1 
ATOM   1092 N  N   . ALA B 1 45  ? -14.675 -14.484 -7.606  1.00 49.00 ? 43   ALA B N   1 
ATOM   1093 C  CA  . ALA B 1 45  ? -13.897 -13.773 -8.624  1.00 48.74 ? 43   ALA B CA  1 
ATOM   1094 C  C   . ALA B 1 45  ? -13.119 -12.626 -7.994  1.00 48.71 ? 43   ALA B C   1 
ATOM   1095 O  O   . ALA B 1 45  ? -13.241 -12.371 -6.796  1.00 48.64 ? 43   ALA B O   1 
ATOM   1096 C  CB  . ALA B 1 45  ? -14.817 -13.248 -9.712  1.00 48.72 ? 43   ALA B CB  1 
ATOM   1097 N  N   . PHE B 1 46  ? -12.318 -11.935 -8.805  1.00 48.62 ? 44   PHE B N   1 
ATOM   1098 C  CA  . PHE B 1 46  ? -11.512 -10.804 -8.324  1.00 48.46 ? 44   PHE B CA  1 
ATOM   1099 C  C   . PHE B 1 46  ? -12.340 -9.526  -8.194  1.00 48.32 ? 44   PHE B C   1 
ATOM   1100 O  O   . PHE B 1 46  ? -13.053 -9.137  -9.113  1.00 48.37 ? 44   PHE B O   1 
ATOM   1101 C  CB  . PHE B 1 46  ? -10.321 -10.541 -9.250  1.00 48.49 ? 44   PHE B CB  1 
ATOM   1102 C  CG  . PHE B 1 46  ? -9.173  -11.491 -9.054  1.00 48.51 ? 44   PHE B CG  1 
ATOM   1103 C  CD1 . PHE B 1 46  ? -8.764  -12.336 -10.079 1.00 48.74 ? 44   PHE B CD1 1 
ATOM   1104 C  CD2 . PHE B 1 46  ? -8.492  -11.530 -7.843  1.00 48.85 ? 44   PHE B CD2 1 
ATOM   1105 C  CE1 . PHE B 1 46  ? -7.697  -13.207 -9.899  1.00 48.82 ? 44   PHE B CE1 1 
ATOM   1106 C  CE2 . PHE B 1 46  ? -7.426  -12.398 -7.653  1.00 48.91 ? 44   PHE B CE2 1 
ATOM   1107 C  CZ  . PHE B 1 46  ? -7.027  -13.240 -8.683  1.00 48.60 ? 44   PHE B CZ  1 
ATOM   1108 N  N   . VAL B 1 47  ? -12.219 -8.870  -7.046  1.00 48.24 ? 45   VAL B N   1 
ATOM   1109 C  CA  . VAL B 1 47  ? -12.962 -7.651  -6.766  1.00 48.15 ? 45   VAL B CA  1 
ATOM   1110 C  C   . VAL B 1 47  ? -11.969 -6.499  -6.645  1.00 48.02 ? 45   VAL B C   1 
ATOM   1111 O  O   . VAL B 1 47  ? -11.097 -6.534  -5.777  1.00 47.92 ? 45   VAL B O   1 
ATOM   1112 C  CB  . VAL B 1 47  ? -13.769 -7.791  -5.461  1.00 48.14 ? 45   VAL B CB  1 
ATOM   1113 C  CG1 . VAL B 1 47  ? -14.562 -6.527  -5.167  1.00 48.32 ? 45   VAL B CG1 1 
ATOM   1114 C  CG2 . VAL B 1 47  ? -14.718 -8.983  -5.554  1.00 48.43 ? 45   VAL B CG2 1 
ATOM   1115 N  N   . PRO B 1 48  ? -12.081 -5.485  -7.526  1.00 47.99 ? 46   PRO B N   1 
ATOM   1116 C  CA  . PRO B 1 48  ? -11.179 -4.337  -7.404  1.00 47.82 ? 46   PRO B CA  1 
ATOM   1117 C  C   . PRO B 1 48  ? -11.506 -3.514  -6.171  1.00 47.83 ? 46   PRO B C   1 
ATOM   1118 O  O   . PRO B 1 48  ? -12.676 -3.210  -5.923  1.00 47.80 ? 46   PRO B O   1 
ATOM   1119 C  CB  . PRO B 1 48  ? -11.453 -3.533  -8.679  1.00 47.97 ? 46   PRO B CB  1 
ATOM   1120 C  CG  . PRO B 1 48  ? -12.829 -3.916  -9.087  1.00 47.80 ? 46   PRO B CG  1 
ATOM   1121 C  CD  . PRO B 1 48  ? -13.014 -5.338  -8.660  1.00 47.88 ? 46   PRO B CD  1 
ATOM   1122 N  N   . VAL B 1 49  ? -10.478 -3.175  -5.399  1.00 47.90 ? 47   VAL B N   1 
ATOM   1123 C  CA  . VAL B 1 49  ? -10.644 -2.381  -4.191  1.00 47.90 ? 47   VAL B CA  1 
ATOM   1124 C  C   . VAL B 1 49  ? -9.699  -1.180  -4.223  1.00 47.98 ? 47   VAL B C   1 
ATOM   1125 O  O   . VAL B 1 49  ? -8.529  -1.310  -4.593  1.00 48.02 ? 47   VAL B O   1 
ATOM   1126 C  CB  . VAL B 1 49  ? -10.368 -3.228  -2.926  1.00 47.96 ? 47   VAL B CB  1 
ATOM   1127 C  CG1 . VAL B 1 49  ? -10.643 -2.432  -1.679  1.00 47.91 ? 47   VAL B CG1 1 
ATOM   1128 C  CG2 . VAL B 1 49  ? -11.228 -4.480  -2.930  1.00 48.08 ? 47   VAL B CG2 1 
ATOM   1129 N  N   . THR B 1 50  ? -10.213 -0.016  -3.832  1.00 47.87 ? 48   THR B N   1 
ATOM   1130 C  CA  . THR B 1 50  ? -9.393  1.181   -3.678  1.00 47.56 ? 48   THR B CA  1 
ATOM   1131 C  C   . THR B 1 50  ? -9.597  1.797   -2.302  1.00 47.41 ? 48   THR B C   1 
ATOM   1132 O  O   . THR B 1 50  ? -10.733 1.993   -1.849  1.00 46.10 ? 48   THR B O   1 
ATOM   1133 C  CB  . THR B 1 50  ? -9.729  2.225   -4.742  1.00 48.01 ? 48   THR B CB  1 
ATOM   1134 O  OG1 . THR B 1 50  ? -9.553  1.650   -6.047  1.00 48.37 ? 48   THR B OG1 1 
ATOM   1135 C  CG2 . THR B 1 50  ? -8.820  3.450   -4.608  1.00 48.23 ? 48   THR B CG2 1 
ATOM   1136 N  N   . VAL B 1 51  ? -8.486  2.118   -1.642  1.00 47.51 ? 49   VAL B N   1 
ATOM   1137 C  CA  . VAL B 1 51  ? -8.532  2.805   -0.357  1.00 47.72 ? 49   VAL B CA  1 
ATOM   1138 C  C   . VAL B 1 51  ? -7.665  4.073   -0.361  1.00 48.01 ? 49   VAL B C   1 
ATOM   1139 O  O   . VAL B 1 51  ? -6.514  4.056   -0.819  1.00 47.00 ? 49   VAL B O   1 
ATOM   1140 C  CB  . VAL B 1 51  ? -8.081  1.876   0.791   1.00 47.94 ? 49   VAL B CB  1 
ATOM   1141 C  CG1 . VAL B 1 51  ? -8.172  2.594   2.127   1.00 48.98 ? 49   VAL B CG1 1 
ATOM   1142 C  CG2 . VAL B 1 51  ? -8.930  0.629   0.824   1.00 47.51 ? 49   VAL B CG2 1 
ATOM   1143 N  N   . ALA B 1 52  ? -8.237  5.156   0.171   1.00 48.58 ? 50   ALA B N   1 
ATOM   1144 C  CA  . ALA B 1 52  ? -7.518  6.409   0.455   1.00 48.52 ? 50   ALA B CA  1 
ATOM   1145 C  C   . ALA B 1 52  ? -7.938  6.953   1.826   1.00 48.95 ? 50   ALA B C   1 
ATOM   1146 O  O   . ALA B 1 52  ? -8.860  6.441   2.454   1.00 48.80 ? 50   ALA B O   1 
ATOM   1147 C  CB  . ALA B 1 52  ? -7.807  7.414   -0.600  1.00 48.40 ? 50   ALA B CB  1 
ATOM   1148 N  N   . THR B 1 53  ? -7.238  7.977   2.299   1.00 49.39 ? 51   THR B N   1 
ATOM   1149 C  CA  . THR B 1 53  ? -7.628  8.668   3.526   1.00 49.36 ? 51   THR B CA  1 
ATOM   1150 C  C   . THR B 1 53  ? -7.153  10.125  3.531   1.00 49.49 ? 51   THR B C   1 
ATOM   1151 O  O   . THR B 1 53  ? -6.169  10.473  2.882   1.00 48.82 ? 51   THR B O   1 
ATOM   1152 C  CB  . THR B 1 53  ? -7.143  7.937   4.785   1.00 49.13 ? 51   THR B CB  1 
ATOM   1153 O  OG1 . THR B 1 53  ? -7.665  8.586   5.953   1.00 50.37 ? 51   THR B OG1 1 
ATOM   1154 C  CG2 . THR B 1 53  ? -5.635  7.909   4.872   1.00 50.23 ? 51   THR B CG2 1 
ATOM   1155 N  N   . SER B 1 54  ? -7.892  10.959  4.256   1.00 49.89 ? 52   SER B N   1 
ATOM   1156 C  CA  . SER B 1 54  ? -7.585  12.371  4.417   1.00 50.41 ? 52   SER B CA  1 
ATOM   1157 C  C   . SER B 1 54  ? -7.300  12.728  5.890   1.00 51.49 ? 52   SER B C   1 
ATOM   1158 O  O   . SER B 1 54  ? -7.442  13.898  6.294   1.00 51.82 ? 52   SER B O   1 
ATOM   1159 C  CB  . SER B 1 54  ? -8.761  13.193  3.915   1.00 49.73 ? 52   SER B CB  1 
ATOM   1160 O  OG  . SER B 1 54  ? -9.901  12.952  4.715   1.00 48.25 ? 52   SER B OG  1 
ATOM   1161 N  N   . ILE B 1 55  ? -6.925  11.721  6.680   1.00 52.45 ? 53   ILE B N   1 
ATOM   1162 C  CA  . ILE B 1 55  ? -6.524  11.924  8.066   1.00 53.12 ? 53   ILE B CA  1 
ATOM   1163 C  C   . ILE B 1 55  ? -5.091  12.476  8.005   1.00 53.48 ? 53   ILE B C   1 
ATOM   1164 O  O   . ILE B 1 55  ? -4.232  11.875  7.341   1.00 54.52 ? 53   ILE B O   1 
ATOM   1165 C  CB  . ILE B 1 55  ? -6.625  10.614  8.862   1.00 53.25 ? 53   ILE B CB  1 
ATOM   1166 C  CG1 . ILE B 1 55  ? -8.069  10.095  8.831   1.00 53.58 ? 53   ILE B CG1 1 
ATOM   1167 C  CG2 . ILE B 1 55  ? -6.209  10.820  10.320  1.00 53.98 ? 53   ILE B CG2 1 
ATOM   1168 C  CD1 . ILE B 1 55  ? -8.206  8.631   9.226   1.00 53.71 ? 53   ILE B CD1 1 
ATOM   1169 N  N   . PRO B 1 56  ? -4.834  13.634  8.652   1.00 53.42 ? 54   PRO B N   1 
ATOM   1170 C  CA  . PRO B 1 56  ? -3.632  14.428  8.314   1.00 53.47 ? 54   PRO B CA  1 
ATOM   1171 C  C   . PRO B 1 56  ? -2.290  13.661  8.253   1.00 53.14 ? 54   PRO B C   1 
ATOM   1172 O  O   . PRO B 1 56  ? -1.766  13.408  7.151   1.00 53.76 ? 54   PRO B O   1 
ATOM   1173 C  CB  . PRO B 1 56  ? -3.610  15.546  9.373   1.00 53.53 ? 54   PRO B CB  1 
ATOM   1174 C  CG  . PRO B 1 56  ? -4.921  15.493  10.106  1.00 53.75 ? 54   PRO B CG  1 
ATOM   1175 C  CD  . PRO B 1 56  ? -5.679  14.269  9.685   1.00 53.68 ? 54   PRO B CD  1 
ATOM   1176 N  N   . GLY B 1 57  ? -1.755  13.274  9.407   1.00 52.54 ? 55   GLY B N   1 
ATOM   1177 C  CA  . GLY B 1 57  ? -0.447  12.623  9.465   1.00 51.39 ? 55   GLY B CA  1 
ATOM   1178 C  C   . GLY B 1 57  ? -0.586  11.120  9.373   1.00 50.95 ? 55   GLY B C   1 
ATOM   1179 O  O   . GLY B 1 57  ? 0.016   10.395  10.162  1.00 51.42 ? 55   GLY B O   1 
ATOM   1180 N  N   . ALA B 1 58  ? -1.374  10.649  8.406   1.00 49.85 ? 56   ALA B N   1 
ATOM   1181 C  CA  . ALA B 1 58  ? -1.577  9.216   8.204   1.00 48.92 ? 56   ALA B CA  1 
ATOM   1182 C  C   . ALA B 1 58  ? -0.298  8.589   7.656   1.00 48.13 ? 56   ALA B C   1 
ATOM   1183 O  O   . ALA B 1 58  ? 0.187   8.964   6.585   1.00 47.42 ? 56   ALA B O   1 
ATOM   1184 C  CB  . ALA B 1 58  ? -2.741  8.970   7.255   1.00 49.19 ? 56   ALA B CB  1 
ATOM   1185 N  N   . THR B 1 59  ? 0.266   7.661   8.416   1.00 47.84 ? 57   THR B N   1 
ATOM   1186 C  CA  . THR B 1 59  ? 1.515   6.996   8.031   1.00 47.35 ? 57   THR B CA  1 
ATOM   1187 C  C   . THR B 1 59  ? 1.336   5.499   7.720   1.00 46.97 ? 57   THR B C   1 
ATOM   1188 O  O   . THR B 1 59  ? 2.245   4.860   7.200   1.00 47.32 ? 57   THR B O   1 
ATOM   1189 C  CB  . THR B 1 59  ? 2.533   7.140   9.146   1.00 47.43 ? 57   THR B CB  1 
ATOM   1190 O  OG1 . THR B 1 59  ? 1.958   6.661   10.372  1.00 46.41 ? 57   THR B OG1 1 
ATOM   1191 C  CG2 . THR B 1 59  ? 2.963   8.601   9.291   1.00 47.14 ? 57   THR B CG2 1 
ATOM   1192 N  N   . ASN B 1 60  ? 0.182   4.941   8.048   1.00 46.74 ? 58   ASN B N   1 
ATOM   1193 C  CA  . ASN B 1 60  ? -0.138  3.547   7.717   1.00 46.63 ? 58   ASN B CA  1 
ATOM   1194 C  C   . ASN B 1 60  ? -1.608  3.394   7.400   1.00 46.67 ? 58   ASN B C   1 
ATOM   1195 O  O   . ASN B 1 60  ? -2.458  3.989   8.068   1.00 45.67 ? 58   ASN B O   1 
ATOM   1196 C  CB  . ASN B 1 60  ? 0.232   2.588   8.857   1.00 46.79 ? 58   ASN B CB  1 
ATOM   1197 C  CG  . ASN B 1 60  ? -0.196  1.125   8.580   1.00 47.70 ? 58   ASN B CG  1 
ATOM   1198 O  OD1 . ASN B 1 60  ? -1.318  0.725   8.889   1.00 47.36 ? 58   ASN B OD1 1 
ATOM   1199 N  ND2 . ASN B 1 60  ? 0.710   0.332   8.007   1.00 47.23 ? 58   ASN B ND2 1 
ATOM   1200 N  N   . ILE B 1 61  ? -1.870  2.604   6.358   1.00 47.20 ? 59   ILE B N   1 
ATOM   1201 C  CA  . ILE B 1 61  ? -3.191  2.103   6.007   1.00 47.51 ? 59   ILE B CA  1 
ATOM   1202 C  C   . ILE B 1 61  ? -3.103  0.577   5.949   1.00 47.71 ? 59   ILE B C   1 
ATOM   1203 O  O   . ILE B 1 61  ? -2.360  0.008   5.140   1.00 46.65 ? 59   ILE B O   1 
ATOM   1204 C  CB  . ILE B 1 61  ? -3.651  2.608   4.641   1.00 47.74 ? 59   ILE B CB  1 
ATOM   1205 C  CG1 . ILE B 1 61  ? -3.613  4.139   4.585   1.00 48.15 ? 59   ILE B CG1 1 
ATOM   1206 C  CG2 . ILE B 1 61  ? -5.063  2.117   4.347   1.00 48.21 ? 59   ILE B CG2 1 
ATOM   1207 C  CD1 . ILE B 1 61  ? -3.683  4.689   3.182   1.00 49.42 ? 59   ILE B CD1 1 
ATOM   1208 N  N   . SER B 1 62  ? -3.860  -0.078  6.819   1.00 47.83 ? 60   SER B N   1 
ATOM   1209 C  CA  . SER B 1 62  ? -3.894  -1.522  6.856   1.00 48.13 ? 60   SER B CA  1 
ATOM   1210 C  C   . SER B 1 62  ? -5.297  -1.989  6.530   1.00 48.13 ? 60   SER B C   1 
ATOM   1211 O  O   . SER B 1 62  ? -6.269  -1.353  6.927   1.00 48.86 ? 60   SER B O   1 
ATOM   1212 C  CB  . SER B 1 62  ? -3.442  -2.024  8.217   1.00 48.17 ? 60   SER B CB  1 
ATOM   1213 O  OG  . SER B 1 62  ? -2.045  -1.840  8.363   1.00 47.00 ? 60   SER B OG  1 
ATOM   1214 N  N   . ILE B 1 63  ? -5.380  -3.097  5.799   1.00 47.99 ? 61   ILE B N   1 
ATOM   1215 C  CA  . ILE B 1 63  ? -6.635  -3.588  5.248   1.00 47.52 ? 61   ILE B CA  1 
ATOM   1216 C  C   . ILE B 1 63  ? -6.863  -4.998  5.759   1.00 47.54 ? 61   ILE B C   1 
ATOM   1217 O  O   . ILE B 1 63  ? -6.000  -5.877  5.596   1.00 47.36 ? 61   ILE B O   1 
ATOM   1218 C  CB  . ILE B 1 63  ? -6.624  -3.571  3.705   1.00 47.29 ? 61   ILE B CB  1 
ATOM   1219 C  CG1 . ILE B 1 63  ? -6.350  -2.150  3.212   1.00 47.24 ? 61   ILE B CG1 1 
ATOM   1220 C  CG2 . ILE B 1 63  ? -7.943  -4.112  3.130   1.00 47.09 ? 61   ILE B CG2 1 
ATOM   1221 C  CD1 . ILE B 1 63  ? -6.514  -1.971  1.720   1.00 47.83 ? 61   ILE B CD1 1 
ATOM   1222 N  N   . PHE B 1 64  ? -8.029  -5.195  6.381   1.00 47.19 ? 62   PHE B N   1 
ATOM   1223 C  CA  . PHE B 1 64  ? -8.374  -6.451  7.022   1.00 47.18 ? 62   PHE B CA  1 
ATOM   1224 C  C   . PHE B 1 64  ? -9.611  -7.082  6.392   1.00 47.44 ? 62   PHE B C   1 
ATOM   1225 O  O   . PHE B 1 64  ? -10.575 -6.392  6.047   1.00 47.06 ? 62   PHE B O   1 
ATOM   1226 C  CB  . PHE B 1 64  ? -8.605  -6.234  8.513   1.00 46.60 ? 62   PHE B CB  1 
ATOM   1227 C  CG  . PHE B 1 64  ? -7.422  -5.644  9.229   1.00 46.28 ? 62   PHE B CG  1 
ATOM   1228 C  CD1 . PHE B 1 64  ? -7.233  -4.274  9.271   1.00 44.17 ? 62   PHE B CD1 1 
ATOM   1229 C  CD2 . PHE B 1 64  ? -6.512  -6.463  9.892   1.00 46.13 ? 62   PHE B CD2 1 
ATOM   1230 C  CE1 . PHE B 1 64  ? -6.158  -3.724  9.929   1.00 43.60 ? 62   PHE B CE1 1 
ATOM   1231 C  CE2 . PHE B 1 64  ? -5.432  -5.915  10.554  1.00 45.83 ? 62   PHE B CE2 1 
ATOM   1232 C  CZ  . PHE B 1 64  ? -5.254  -4.536  10.565  1.00 45.02 ? 62   PHE B CZ  1 
ATOM   1233 N  N   . THR B 1 65  ? -9.563  -8.403  6.245   1.00 48.28 ? 63   THR B N   1 
ATOM   1234 C  CA  . THR B 1 65  ? -10.673 -9.201  5.717   1.00 49.07 ? 63   THR B CA  1 
ATOM   1235 C  C   . THR B 1 65  ? -11.046 -10.271 6.734   1.00 48.99 ? 63   THR B C   1 
ATOM   1236 O  O   . THR B 1 65  ? -10.769 -11.446 6.536   1.00 48.90 ? 63   THR B O   1 
ATOM   1237 C  CB  . THR B 1 65  ? -10.297 -9.854  4.393   1.00 49.43 ? 63   THR B CB  1 
ATOM   1238 O  OG1 . THR B 1 65  ? -8.932  -10.307 4.454   1.00 51.94 ? 63   THR B OG1 1 
ATOM   1239 C  CG2 . THR B 1 65  ? -10.463 -8.845  3.271   1.00 49.92 ? 63   THR B CG2 1 
ATOM   1240 N  N   . PRO B 1 66  ? -11.706 -9.856  7.823   1.00 49.28 ? 64   PRO B N   1 
ATOM   1241 C  CA  . PRO B 1 66  ? -11.899 -10.609 9.070   1.00 49.41 ? 64   PRO B CA  1 
ATOM   1242 C  C   . PRO B 1 66  ? -12.114 -12.113 8.933   1.00 49.47 ? 64   PRO B C   1 
ATOM   1243 O  O   . PRO B 1 66  ? -11.443 -12.891 9.612   1.00 49.98 ? 64   PRO B O   1 
ATOM   1244 C  CB  . PRO B 1 66  ? -13.151 -9.962  9.687   1.00 49.32 ? 64   PRO B CB  1 
ATOM   1245 C  CG  . PRO B 1 66  ? -13.461 -8.738  8.857   1.00 49.13 ? 64   PRO B CG  1 
ATOM   1246 C  CD  . PRO B 1 66  ? -12.367 -8.540  7.881   1.00 49.43 ? 64   PRO B CD  1 
ATOM   1247 N  N   . ALA B 1 67  ? -13.046 -12.512 8.074   1.00 49.37 ? 65   ALA B N   1 
ATOM   1248 C  CA  . ALA B 1 67  ? -13.473 -13.909 8.000   1.00 49.51 ? 65   ALA B CA  1 
ATOM   1249 C  C   . ALA B 1 67  ? -12.368 -14.883 7.589   1.00 49.35 ? 65   ALA B C   1 
ATOM   1250 O  O   . ALA B 1 67  ? -12.371 -16.041 8.023   1.00 49.55 ? 65   ALA B O   1 
ATOM   1251 C  CB  . ALA B 1 67  ? -14.672 -14.046 7.058   1.00 49.63 ? 65   ALA B CB  1 
ATOM   1252 N  N   . ASN B 1 68  ? -11.428 -14.412 6.773   1.00 49.11 ? 66   ASN B N   1 
ATOM   1253 C  CA  . ASN B 1 68  ? -10.438 -15.283 6.141   1.00 49.07 ? 66   ASN B CA  1 
ATOM   1254 C  C   . ASN B 1 68  ? -9.292  -15.698 7.069   1.00 49.24 ? 66   ASN B C   1 
ATOM   1255 O  O   . ASN B 1 68  ? -8.926  -14.954 7.981   1.00 49.80 ? 66   ASN B O   1 
ATOM   1256 C  CB  . ASN B 1 68  ? -9.860  -14.598 4.898   1.00 48.85 ? 66   ASN B CB  1 
ATOM   1257 C  CG  . ASN B 1 68  ? -10.938 -14.146 3.915   1.00 48.53 ? 66   ASN B CG  1 
ATOM   1258 O  OD1 . ASN B 1 68  ? -10.774 -13.138 3.218   1.00 46.77 ? 66   ASN B OD1 1 
ATOM   1259 N  ND2 . ASN B 1 68  ? -12.040 -14.884 3.856   1.00 46.09 ? 66   ASN B ND2 1 
ATOM   1260 N  N   . PHE B 1 69  ? -8.709  -16.865 6.779   1.00 49.07 ? 67   PHE B N   1 
ATOM   1261 C  CA  . PHE B 1 69  ? -7.660  -17.502 7.605   1.00 49.16 ? 67   PHE B CA  1 
ATOM   1262 C  C   . PHE B 1 69  ? -6.602  -16.546 8.147   1.00 49.11 ? 67   PHE B C   1 
ATOM   1263 O  O   . PHE B 1 69  ? -6.183  -16.667 9.300   1.00 49.44 ? 67   PHE B O   1 
ATOM   1264 C  CB  . PHE B 1 69  ? -6.964  -18.628 6.819   1.00 49.16 ? 67   PHE B CB  1 
ATOM   1265 N  N   . SER B 1 70  ? -6.155  -15.621 7.307   1.00 48.90 ? 68   SER B N   1 
ATOM   1266 C  CA  . SER B 1 70  ? -5.296  -14.530 7.748   1.00 49.06 ? 68   SER B CA  1 
ATOM   1267 C  C   . SER B 1 70  ? -6.023  -13.215 7.457   1.00 48.72 ? 68   SER B C   1 
ATOM   1268 O  O   . SER B 1 70  ? -6.287  -12.892 6.300   1.00 48.35 ? 68   SER B O   1 
ATOM   1269 C  CB  . SER B 1 70  ? -3.944  -14.571 7.044   1.00 49.18 ? 68   SER B CB  1 
ATOM   1270 O  OG  . SER B 1 70  ? -3.092  -13.575 7.573   1.00 50.26 ? 68   SER B OG  1 
ATOM   1271 N  N   . PRO B 1 71  ? -6.376  -12.471 8.514   1.00 48.54 ? 69   PRO B N   1 
ATOM   1272 C  CA  . PRO B 1 71  ? -7.274  -11.337 8.373   1.00 48.53 ? 69   PRO B CA  1 
ATOM   1273 C  C   . PRO B 1 71  ? -6.622  -10.132 7.707   1.00 48.34 ? 69   PRO B C   1 
ATOM   1274 O  O   . PRO B 1 71  ? -7.270  -9.457  6.910   1.00 48.15 ? 69   PRO B O   1 
ATOM   1275 C  CB  . PRO B 1 71  ? -7.659  -11.019 9.823   1.00 48.77 ? 69   PRO B CB  1 
ATOM   1276 C  CG  . PRO B 1 71  ? -6.505  -11.475 10.620  1.00 48.87 ? 69   PRO B CG  1 
ATOM   1277 C  CD  . PRO B 1 71  ? -5.951  -12.665 9.912   1.00 48.79 ? 69   PRO B CD  1 
ATOM   1278 N  N   . MET B 1 72  ? -5.354  -9.869  8.011   1.00 47.92 ? 70   MET B N   1 
ATOM   1279 C  CA  . MET B 1 72  ? -4.701  -8.712  7.421   1.00 47.98 ? 70   MET B CA  1 
ATOM   1280 C  C   . MET B 1 72  ? -4.202  -9.011  6.016   1.00 46.95 ? 70   MET B C   1 
ATOM   1281 O  O   . MET B 1 72  ? -3.273  -9.780  5.819   1.00 46.22 ? 70   MET B O   1 
ATOM   1282 C  CB  . MET B 1 72  ? -3.570  -8.166  8.264   1.00 47.72 ? 70   MET B CB  1 
ATOM   1283 C  CG  . MET B 1 72  ? -3.108  -6.829  7.665   1.00 48.70 ? 70   MET B CG  1 
ATOM   1284 S  SD  . MET B 1 72  ? -1.583  -6.214  8.342   1.00 51.54 ? 70   MET B SD  1 
ATOM   1285 C  CE  . MET B 1 72  ? -2.230  -5.234  9.618   1.00 52.62 ? 70   MET B CE  1 
ATOM   1286 N  N   . VAL B 1 73  ? -4.825  -8.342  5.057   1.00 46.69 ? 71   VAL B N   1 
ATOM   1287 C  CA  . VAL B 1 73  ? -4.658  -8.622  3.641   1.00 46.81 ? 71   VAL B CA  1 
ATOM   1288 C  C   . VAL B 1 73  ? -3.586  -7.723  2.982   1.00 46.63 ? 71   VAL B C   1 
ATOM   1289 O  O   . VAL B 1 73  ? -2.997  -8.078  1.961   1.00 46.51 ? 71   VAL B O   1 
ATOM   1290 C  CB  . VAL B 1 73  ? -6.048  -8.482  2.946   1.00 46.96 ? 71   VAL B CB  1 
ATOM   1291 C  CG1 . VAL B 1 73  ? -6.356  -7.058  2.527   1.00 46.58 ? 71   VAL B CG1 1 
ATOM   1292 C  CG2 . VAL B 1 73  ? -6.153  -9.423  1.790   1.00 48.00 ? 71   VAL B CG2 1 
ATOM   1293 N  N   . ALA B 1 74  ? -3.343  -6.565  3.585   1.00 46.67 ? 72   ALA B N   1 
ATOM   1294 C  CA  . ALA B 1 74  ? -2.401  -5.587  3.063   1.00 47.03 ? 72   ALA B CA  1 
ATOM   1295 C  C   . ALA B 1 74  ? -2.101  -4.522  4.109   1.00 47.14 ? 72   ALA B C   1 
ATOM   1296 O  O   . ALA B 1 74  ? -2.924  -4.255  4.989   1.00 47.88 ? 72   ALA B O   1 
ATOM   1297 C  CB  . ALA B 1 74  ? -2.955  -4.938  1.799   1.00 47.15 ? 72   ALA B CB  1 
ATOM   1298 N  N   . SER B 1 75  ? -0.913  -3.927  4.014   1.00 46.93 ? 73   SER B N   1 
ATOM   1299 C  CA  . SER B 1 75  ? -0.489  -2.865  4.933   1.00 46.53 ? 73   SER B CA  1 
ATOM   1300 C  C   . SER B 1 75  ? 0.417   -1.884  4.197   1.00 46.35 ? 73   SER B C   1 
ATOM   1301 O  O   . SER B 1 75  ? 1.427   -2.262  3.577   1.00 45.48 ? 73   SER B O   1 
ATOM   1302 C  CB  . SER B 1 75  ? 0.217   -3.439  6.189   1.00 47.24 ? 73   SER B CB  1 
ATOM   1303 O  OG  . SER B 1 75  ? 0.475   -2.435  7.169   1.00 46.37 ? 73   SER B OG  1 
ATOM   1304 N  N   . PHE B 1 76  ? 0.006   -0.621  4.233   1.00 46.24 ? 74   PHE B N   1 
ATOM   1305 C  CA  . PHE B 1 76  ? 0.666   0.441   3.489   1.00 45.72 ? 74   PHE B CA  1 
ATOM   1306 C  C   . PHE B 1 76  ? 1.283   1.424   4.458   1.00 45.15 ? 74   PHE B C   1 
ATOM   1307 O  O   . PHE B 1 76  ? 0.570   2.112   5.166   1.00 45.13 ? 74   PHE B O   1 
ATOM   1308 C  CB  . PHE B 1 76  ? -0.319  1.129   2.544   1.00 45.42 ? 74   PHE B CB  1 
ATOM   1309 C  CG  . PHE B 1 76  ? 0.298   2.190   1.732   1.00 45.89 ? 74   PHE B CG  1 
ATOM   1310 C  CD1 . PHE B 1 76  ? 1.205   1.871   0.740   1.00 45.06 ? 74   PHE B CD1 1 
ATOM   1311 C  CD2 . PHE B 1 76  ? -0.011  3.539   1.968   1.00 46.44 ? 74   PHE B CD2 1 
ATOM   1312 C  CE1 . PHE B 1 76  ? 1.806   2.839   -0.005  1.00 46.55 ? 74   PHE B CE1 1 
ATOM   1313 C  CE2 . PHE B 1 76  ? 0.588   4.541   1.216   1.00 46.00 ? 74   PHE B CE2 1 
ATOM   1314 C  CZ  . PHE B 1 76  ? 1.499   4.200   0.239   1.00 47.16 ? 74   PHE B CZ  1 
ATOM   1315 N  N   . ASP B 1 77  ? 2.617   1.435   4.500   1.00 44.92 ? 75   ASP B N   1 
ATOM   1316 C  CA  . ASP B 1 77  ? 3.410   2.440   5.199   1.00 44.38 ? 75   ASP B CA  1 
ATOM   1317 C  C   . ASP B 1 77  ? 3.817   3.533   4.239   1.00 43.90 ? 75   ASP B C   1 
ATOM   1318 O  O   . ASP B 1 77  ? 4.231   3.252   3.128   1.00 43.15 ? 75   ASP B O   1 
ATOM   1319 C  CB  . ASP B 1 77  ? 4.692   1.854   5.753   1.00 43.88 ? 75   ASP B CB  1 
ATOM   1320 C  CG  . ASP B 1 77  ? 4.453   0.913   6.873   1.00 44.54 ? 75   ASP B CG  1 
ATOM   1321 O  OD1 . ASP B 1 77  ? 3.427   1.061   7.555   1.00 45.26 ? 75   ASP B OD1 1 
ATOM   1322 O  OD2 . ASP B 1 77  ? 5.279   -0.001  7.042   1.00 46.19 ? 75   ASP B OD2 1 
ATOM   1323 N  N   . VAL B 1 78  ? 3.702   4.775   4.689   1.00 43.72 ? 76   VAL B N   1 
ATOM   1324 C  CA  . VAL B 1 78  ? 4.015   5.915   3.845   1.00 44.32 ? 76   VAL B CA  1 
ATOM   1325 C  C   . VAL B 1 78  ? 4.482   7.098   4.700   1.00 44.23 ? 76   VAL B C   1 
ATOM   1326 O  O   . VAL B 1 78  ? 4.137   7.207   5.871   1.00 44.57 ? 76   VAL B O   1 
ATOM   1327 C  CB  . VAL B 1 78  ? 2.799   6.279   2.966   1.00 43.81 ? 76   VAL B CB  1 
ATOM   1328 C  CG1 . VAL B 1 78  ? 1.662   6.884   3.797   1.00 45.64 ? 76   VAL B CG1 1 
ATOM   1329 C  CG2 . VAL B 1 78  ? 3.209   7.236   1.843   1.00 45.03 ? 76   VAL B CG2 1 
ATOM   1330 N  N   . LEU B 1 79  ? 5.303   7.951   4.116   1.00 44.63 ? 77   LEU B N   1 
ATOM   1331 C  CA  . LEU B 1 79  ? 5.621   9.230   4.702   1.00 44.82 ? 77   LEU B CA  1 
ATOM   1332 C  C   . LEU B 1 79  ? 4.353   10.072  4.606   1.00 45.17 ? 77   LEU B C   1 
ATOM   1333 O  O   . LEU B 1 79  ? 3.568   9.897   3.659   1.00 45.11 ? 77   LEU B O   1 
ATOM   1334 C  CB  . LEU B 1 79  ? 6.770   9.913   3.967   1.00 45.02 ? 77   LEU B CB  1 
ATOM   1335 C  CG  . LEU B 1 79  ? 8.131   9.245   3.822   1.00 45.61 ? 77   LEU B CG  1 
ATOM   1336 C  CD1 . LEU B 1 79  ? 9.063   10.079  2.922   1.00 44.53 ? 77   LEU B CD1 1 
ATOM   1337 C  CD2 . LEU B 1 79  ? 8.776   9.048   5.185   1.00 47.37 ? 77   LEU B CD2 1 
ATOM   1338 N  N   . PRO B 1 80  ? 4.138   10.983  5.579   1.00 44.91 ? 78   PRO B N   1 
ATOM   1339 C  CA  . PRO B 1 80  ? 2.889   11.728  5.663   1.00 45.21 ? 78   PRO B CA  1 
ATOM   1340 C  C   . PRO B 1 80  ? 2.702   12.726  4.526   1.00 45.28 ? 78   PRO B C   1 
ATOM   1341 O  O   . PRO B 1 80  ? 3.663   13.111  3.871   1.00 44.54 ? 78   PRO B O   1 
ATOM   1342 C  CB  . PRO B 1 80  ? 3.017   12.484  7.001   1.00 45.03 ? 78   PRO B CB  1 
ATOM   1343 C  CG  . PRO B 1 80  ? 4.472   12.664  7.172   1.00 44.96 ? 78   PRO B CG  1 
ATOM   1344 C  CD  . PRO B 1 80  ? 5.089   11.406  6.618   1.00 45.16 ? 78   PRO B CD  1 
ATOM   1345 N  N   . ARG B 1 81  ? 1.453   13.140  4.325   1.00 46.07 ? 79   ARG B N   1 
ATOM   1346 C  CA  . ARG B 1 81  ? 1.087   14.179  3.346   1.00 46.71 ? 79   ARG B CA  1 
ATOM   1347 C  C   . ARG B 1 81  ? 1.509   13.860  1.894   1.00 47.34 ? 79   ARG B C   1 
ATOM   1348 O  O   . ARG B 1 81  ? 1.935   14.741  1.150   1.00 46.97 ? 79   ARG B O   1 
ATOM   1349 C  CB  . ARG B 1 81  ? 1.609   15.545  3.814   1.00 46.83 ? 79   ARG B CB  1 
ATOM   1350 C  CG  . ARG B 1 81  ? 0.857   16.068  5.059   1.00 46.81 ? 79   ARG B CG  1 
ATOM   1351 N  N   . MET B 1 82  ? 1.378   12.596  1.501   1.00 47.57 ? 80   MET B N   1 
ATOM   1352 C  CA  . MET B 1 82  ? 1.564   12.209  0.100   1.00 48.76 ? 80   MET B CA  1 
ATOM   1353 C  C   . MET B 1 82  ? 0.271   11.763  -0.593  1.00 47.86 ? 80   MET B C   1 
ATOM   1354 O  O   . MET B 1 82  ? 0.316   11.184  -1.667  1.00 47.34 ? 80   MET B O   1 
ATOM   1355 C  CB  . MET B 1 82  ? 2.638   11.150  0.010   1.00 48.23 ? 80   MET B CB  1 
ATOM   1356 C  CG  . MET B 1 82  ? 4.005   11.767  0.269   1.00 50.82 ? 80   MET B CG  1 
ATOM   1357 S  SD  . MET B 1 82  ? 5.315   10.764  -0.406  1.00 54.34 ? 80   MET B SD  1 
ATOM   1358 C  CE  . MET B 1 82  ? 5.489   9.715   0.967   1.00 55.30 ? 80   MET B CE  1 
ATOM   1359 N  N   . LYS B 1 83  ? -0.865  12.082  0.031   1.00 47.84 ? 81   LYS B N   1 
ATOM   1360 C  CA  . LYS B 1 83  ? -2.209  11.802  -0.481  1.00 48.26 ? 81   LYS B CA  1 
ATOM   1361 C  C   . LYS B 1 83  ? -2.313  10.426  -1.137  1.00 48.48 ? 81   LYS B C   1 
ATOM   1362 O  O   . LYS B 1 83  ? -2.614  10.310  -2.304  1.00 48.38 ? 81   LYS B O   1 
ATOM   1363 C  CB  . LYS B 1 83  ? -2.657  12.912  -1.424  1.00 48.25 ? 81   LYS B CB  1 
ATOM   1364 C  CG  . LYS B 1 83  ? -2.793  14.248  -0.706  1.00 49.57 ? 81   LYS B CG  1 
ATOM   1365 C  CD  . LYS B 1 83  ? -3.385  15.331  -1.583  1.00 50.24 ? 81   LYS B CD  1 
ATOM   1366 C  CE  . LYS B 1 83  ? -3.963  16.470  -0.745  1.00 50.30 ? 81   LYS B CE  1 
ATOM   1367 N  NZ  . LYS B 1 83  ? -4.468  17.562  -1.603  1.00 49.74 ? 81   LYS B NZ  1 
ATOM   1368 N  N   . PRO B 1 84  ? -2.019  9.379   -0.366  1.00 49.08 ? 82   PRO B N   1 
ATOM   1369 C  CA  . PRO B 1 84  ? -1.958  8.034   -0.886  1.00 49.32 ? 82   PRO B CA  1 
ATOM   1370 C  C   . PRO B 1 84  ? -3.299  7.374   -1.181  1.00 49.08 ? 82   PRO B C   1 
ATOM   1371 O  O   . PRO B 1 84  ? -4.260  7.510   -0.435  1.00 48.87 ? 82   PRO B O   1 
ATOM   1372 C  CB  . PRO B 1 84  ? -1.234  7.275   0.214   1.00 49.48 ? 82   PRO B CB  1 
ATOM   1373 C  CG  . PRO B 1 84  ? -1.553  8.020   1.434   1.00 49.67 ? 82   PRO B CG  1 
ATOM   1374 C  CD  . PRO B 1 84  ? -1.653  9.436   1.057   1.00 48.94 ? 82   PRO B CD  1 
ATOM   1375 N  N   . GLU B 1 85  ? -3.310  6.654   -2.290  1.00 49.38 ? 83   GLU B N   1 
ATOM   1376 C  CA  . GLU B 1 85  ? -4.391  5.812   -2.704  1.00 49.38 ? 83   GLU B CA  1 
ATOM   1377 C  C   . GLU B 1 85  ? -3.790  4.481   -3.114  1.00 49.13 ? 83   GLU B C   1 
ATOM   1378 O  O   . GLU B 1 85  ? -2.840  4.420   -3.913  1.00 48.76 ? 83   GLU B O   1 
ATOM   1379 C  CB  . GLU B 1 85  ? -5.087  6.432   -3.888  1.00 50.13 ? 83   GLU B CB  1 
ATOM   1380 C  CG  . GLU B 1 85  ? -6.107  5.524   -4.498  1.00 52.21 ? 83   GLU B CG  1 
ATOM   1381 C  CD  . GLU B 1 85  ? -7.064  6.288   -5.345  1.00 55.74 ? 83   GLU B CD  1 
ATOM   1382 O  OE1 . GLU B 1 85  ? -8.071  6.781   -4.791  1.00 58.61 ? 83   GLU B OE1 1 
ATOM   1383 O  OE2 . GLU B 1 85  ? -6.805  6.400   -6.560  1.00 58.11 ? 83   GLU B OE2 1 
ATOM   1384 N  N   . VAL B 1 86  ? -4.378  3.410   -2.601  1.00 48.55 ? 84   VAL B N   1 
ATOM   1385 C  CA  . VAL B 1 86  ? -3.796  2.104   -2.724  1.00 48.63 ? 84   VAL B CA  1 
ATOM   1386 C  C   . VAL B 1 86  ? -4.865  1.236   -3.381  1.00 48.48 ? 84   VAL B C   1 
ATOM   1387 O  O   . VAL B 1 86  ? -6.018  1.215   -2.946  1.00 48.91 ? 84   VAL B O   1 
ATOM   1388 C  CB  . VAL B 1 86  ? -3.334  1.639   -1.306  1.00 49.17 ? 84   VAL B CB  1 
ATOM   1389 C  CG1 . VAL B 1 86  ? -4.308  0.666   -0.664  1.00 48.45 ? 84   VAL B CG1 1 
ATOM   1390 C  CG2 . VAL B 1 86  ? -1.935  1.093   -1.358  1.00 50.09 ? 84   VAL B CG2 1 
ATOM   1391 N  N   . SER B 1 87  ? -4.496  0.566   -4.461  1.00 48.18 ? 85   SER B N   1 
ATOM   1392 C  CA  . SER B 1 87  ? -5.407  -0.320  -5.164  1.00 48.09 ? 85   SER B CA  1 
ATOM   1393 C  C   . SER B 1 87  ? -4.883  -1.739  -5.107  1.00 47.82 ? 85   SER B C   1 
ATOM   1394 O  O   . SER B 1 87  ? -3.669  -1.981  -5.092  1.00 47.22 ? 85   SER B O   1 
ATOM   1395 C  CB  . SER B 1 87  ? -5.582  0.097   -6.624  1.00 47.87 ? 85   SER B CB  1 
ATOM   1396 O  OG  . SER B 1 87  ? -5.944  1.459   -6.688  1.00 49.26 ? 85   SER B OG  1 
ATOM   1397 N  N   . LEU B 1 88  ? -5.831  -2.667  -5.075  1.00 47.67 ? 86   LEU B N   1 
ATOM   1398 C  CA  . LEU B 1 88  ? -5.547  -4.078  -5.070  1.00 47.89 ? 86   LEU B CA  1 
ATOM   1399 C  C   . LEU B 1 88  ? -6.796  -4.793  -5.538  1.00 48.13 ? 86   LEU B C   1 
ATOM   1400 O  O   . LEU B 1 88  ? -7.899  -4.240  -5.468  1.00 47.82 ? 86   LEU B O   1 
ATOM   1401 C  CB  . LEU B 1 88  ? -5.152  -4.538  -3.663  1.00 47.85 ? 86   LEU B CB  1 
ATOM   1402 C  CG  . LEU B 1 88  ? -6.167  -4.332  -2.529  1.00 48.23 ? 86   LEU B CG  1 
ATOM   1403 C  CD1 . LEU B 1 88  ? -7.248  -5.409  -2.495  1.00 49.15 ? 86   LEU B CD1 1 
ATOM   1404 C  CD2 . LEU B 1 88  ? -5.454  -4.316  -1.191  1.00 48.47 ? 86   LEU B CD2 1 
ATOM   1405 N  N   . ARG B 1 89  ? -6.616  -6.012  -6.031  1.00 48.53 ? 87   ARG B N   1 
ATOM   1406 C  CA  . ARG B 1 89  ? -7.736  -6.880  -6.356  1.00 49.00 ? 87   ARG B CA  1 
ATOM   1407 C  C   . ARG B 1 89  ? -7.743  -8.037  -5.368  1.00 49.51 ? 87   ARG B C   1 
ATOM   1408 O  O   . ARG B 1 89  ? -6.696  -8.600  -5.069  1.00 49.68 ? 87   ARG B O   1 
ATOM   1409 C  CB  . ARG B 1 89  ? -7.641  -7.394  -7.801  1.00 49.00 ? 87   ARG B CB  1 
ATOM   1410 C  CG  . ARG B 1 89  ? -6.302  -8.028  -8.191  1.00 48.93 ? 87   ARG B CG  1 
ATOM   1411 C  CD  . ARG B 1 89  ? -6.396  -8.782  -9.510  1.00 48.76 ? 87   ARG B CD  1 
ATOM   1412 N  N   . MET B 1 90  ? -8.914  -8.391  -4.854  1.00 50.08 ? 88   MET B N   1 
ATOM   1413 C  CA  . MET B 1 90  ? -9.007  -9.542  -3.959  1.00 50.76 ? 88   MET B CA  1 
ATOM   1414 C  C   . MET B 1 90  ? -10.172 -10.441 -4.304  1.00 50.38 ? 88   MET B C   1 
ATOM   1415 O  O   . MET B 1 90  ? -11.298 -9.974  -4.476  1.00 50.24 ? 88   MET B O   1 
ATOM   1416 C  CB  . MET B 1 90  ? -9.089  -9.107  -2.498  1.00 50.85 ? 88   MET B CB  1 
ATOM   1417 C  CG  . MET B 1 90  ? -10.161 -8.063  -2.165  1.00 51.84 ? 88   MET B CG  1 
ATOM   1418 S  SD  . MET B 1 90  ? -9.849  -7.237  -0.582  1.00 53.23 ? 88   MET B SD  1 
ATOM   1419 C  CE  . MET B 1 90  ? -9.096  -8.564  0.345   1.00 53.22 ? 88   MET B CE  1 
ATOM   1420 N  N   . ARG B 1 91  ? -9.871  -11.735 -4.412  1.00 50.35 ? 89   ARG B N   1 
ATOM   1421 C  CA  . ARG B 1 91  ? -10.878 -12.769 -4.615  1.00 50.30 ? 89   ARG B CA  1 
ATOM   1422 C  C   . ARG B 1 91  ? -11.676 -12.927 -3.338  1.00 50.33 ? 89   ARG B C   1 
ATOM   1423 O  O   . ARG B 1 91  ? -11.141 -12.805 -2.237  1.00 50.40 ? 89   ARG B O   1 
ATOM   1424 C  CB  . ARG B 1 91  ? -10.234 -14.104 -4.996  1.00 50.14 ? 89   ARG B CB  1 
ATOM   1425 N  N   . MET B 1 92  ? -12.965 -13.177 -3.488  1.00 50.52 ? 90   MET B N   1 
ATOM   1426 C  CA  . MET B 1 92  ? -13.853 -13.275 -2.347  1.00 50.78 ? 90   MET B CA  1 
ATOM   1427 C  C   . MET B 1 92  ? -14.819 -14.427 -2.547  1.00 50.32 ? 90   MET B C   1 
ATOM   1428 O  O   . MET B 1 92  ? -15.623 -14.412 -3.472  1.00 50.51 ? 90   MET B O   1 
ATOM   1429 C  CB  . MET B 1 92  ? -14.604 -11.962 -2.175  1.00 50.77 ? 90   MET B CB  1 
ATOM   1430 C  CG  . MET B 1 92  ? -13.716 -10.835 -1.689  1.00 51.21 ? 90   MET B CG  1 
ATOM   1431 S  SD  . MET B 1 92  ? -14.485 -9.216  -1.838  1.00 52.21 ? 90   MET B SD  1 
ATOM   1432 C  CE  . MET B 1 92  ? -16.110 -9.584  -1.215  1.00 51.61 ? 90   MET B CE  1 
ATOM   1433 N  N   . ALA B 1 93  ? -14.717 -15.426 -1.674  1.00 50.04 ? 91   ALA B N   1 
ATOM   1434 C  CA  . ALA B 1 93  ? -15.530 -16.634 -1.757  1.00 49.67 ? 91   ALA B CA  1 
ATOM   1435 C  C   . ALA B 1 93  ? -16.971 -16.405 -1.311  1.00 49.48 ? 91   ALA B C   1 
ATOM   1436 O  O   . ALA B 1 93  ? -17.866 -17.170 -1.682  1.00 49.48 ? 91   ALA B O   1 
ATOM   1437 C  CB  . ALA B 1 93  ? -14.909 -17.741 -0.902  1.00 49.68 ? 91   ALA B CB  1 
ATOM   1438 N  N   . LYS B 1 94  ? -17.188 -15.377 -0.493  1.00 49.13 ? 92   LYS B N   1 
ATOM   1439 C  CA  . LYS B 1 94  ? -18.526 -15.053 -0.004  1.00 49.00 ? 92   LYS B CA  1 
ATOM   1440 C  C   . LYS B 1 94  ? -18.607 -13.599 0.439   1.00 48.95 ? 92   LYS B C   1 
ATOM   1441 O  O   . LYS B 1 94  ? -17.592 -12.897 0.495   1.00 48.85 ? 92   LYS B O   1 
ATOM   1442 C  CB  . LYS B 1 94  ? -18.913 -15.982 1.149   1.00 48.89 ? 92   LYS B CB  1 
ATOM   1443 N  N   . THR B 1 95  ? -19.825 -13.152 0.740   1.00 48.94 ? 93   THR B N   1 
ATOM   1444 C  CA  . THR B 1 95  ? -20.053 -11.796 1.246   1.00 48.99 ? 93   THR B CA  1 
ATOM   1445 C  C   . THR B 1 95  ? -19.209 -11.530 2.487   1.00 49.01 ? 93   THR B C   1 
ATOM   1446 O  O   . THR B 1 95  ? -19.082 -12.391 3.357   1.00 49.07 ? 93   THR B O   1 
ATOM   1447 C  CB  . THR B 1 95  ? -21.551 -11.527 1.570   1.00 48.98 ? 93   THR B CB  1 
ATOM   1448 O  OG1 . THR B 1 95  ? -21.692 -10.207 2.115   1.00 49.11 ? 93   THR B OG1 1 
ATOM   1449 C  CG2 . THR B 1 95  ? -22.117 -12.552 2.560   1.00 48.97 ? 93   THR B CG2 1 
ATOM   1450 N  N   . GLU B 1 96  ? -18.620 -10.340 2.557   1.00 49.06 ? 94   GLU B N   1 
ATOM   1451 C  CA  . GLU B 1 96  ? -17.750 -9.993  3.677   1.00 49.12 ? 94   GLU B CA  1 
ATOM   1452 C  C   . GLU B 1 96  ? -17.511 -8.497  3.797   1.00 48.81 ? 94   GLU B C   1 
ATOM   1453 O  O   . GLU B 1 96  ? -17.668 -7.749  2.834   1.00 48.77 ? 94   GLU B O   1 
ATOM   1454 C  CB  . GLU B 1 96  ? -16.398 -10.707 3.549   1.00 49.18 ? 94   GLU B CB  1 
ATOM   1455 C  CG  . GLU B 1 96  ? -15.608 -10.326 2.308   1.00 49.33 ? 94   GLU B CG  1 
ATOM   1456 C  CD  . GLU B 1 96  ? -14.410 -11.221 2.076   1.00 49.42 ? 94   GLU B CD  1 
ATOM   1457 O  OE1 . GLU B 1 96  ? -14.562 -12.455 2.200   1.00 50.33 ? 94   GLU B OE1 1 
ATOM   1458 O  OE2 . GLU B 1 96  ? -13.322 -10.691 1.764   1.00 49.11 ? 94   GLU B OE2 1 
ATOM   1459 N  N   . ASN B 1 97  ? -17.108 -8.087  4.996   1.00 48.66 ? 95   ASN B N   1 
ATOM   1460 C  CA  . ASN B 1 97  ? -16.719 -6.710  5.265   1.00 48.57 ? 95   ASN B CA  1 
ATOM   1461 C  C   . ASN B 1 97  ? -15.230 -6.494  5.039   1.00 48.28 ? 95   ASN B C   1 
ATOM   1462 O  O   . ASN B 1 97  ? -14.409 -7.365  5.352   1.00 48.18 ? 95   ASN B O   1 
ATOM   1463 C  CB  . ASN B 1 97  ? -17.087 -6.318  6.700   1.00 48.61 ? 95   ASN B CB  1 
ATOM   1464 C  CG  . ASN B 1 97  ? -18.524 -5.848  6.824   1.00 49.43 ? 95   ASN B CG  1 
ATOM   1465 O  OD1 . ASN B 1 97  ? -18.971 -4.984  6.067   1.00 51.78 ? 95   ASN B OD1 1 
ATOM   1466 N  ND2 . ASN B 1 97  ? -19.245 -6.393  7.790   1.00 46.94 ? 95   ASN B ND2 1 
ATOM   1467 N  N   . LEU B 1 98  ? -14.911 -5.333  4.470   1.00 47.82 ? 96   LEU B N   1 
ATOM   1468 C  CA  . LEU B 1 98  ? -13.545 -4.851  4.344   1.00 47.65 ? 96   LEU B CA  1 
ATOM   1469 C  C   . LEU B 1 98  ? -13.323 -3.821  5.424   1.00 46.64 ? 96   LEU B C   1 
ATOM   1470 O  O   . LEU B 1 98  ? -14.061 -2.844  5.508   1.00 46.74 ? 96   LEU B O   1 
ATOM   1471 C  CB  . LEU B 1 98  ? -13.326 -4.193  2.987   1.00 48.09 ? 96   LEU B CB  1 
ATOM   1472 C  CG  . LEU B 1 98  ? -13.470 -5.072  1.747   1.00 49.50 ? 96   LEU B CG  1 
ATOM   1473 C  CD1 . LEU B 1 98  ? -13.455 -4.188  0.495   1.00 50.02 ? 96   LEU B CD1 1 
ATOM   1474 C  CD2 . LEU B 1 98  ? -12.357 -6.107  1.690   1.00 50.47 ? 96   LEU B CD2 1 
ATOM   1475 N  N   . VAL B 1 99  ? -12.327 -4.047  6.264   1.00 45.70 ? 97   VAL B N   1 
ATOM   1476 C  CA  . VAL B 1 99  ? -12.037 -3.127  7.341   1.00 45.24 ? 97   VAL B CA  1 
ATOM   1477 C  C   . VAL B 1 99  ? -10.674 -2.450  7.071   1.00 45.25 ? 97   VAL B C   1 
ATOM   1478 O  O   . VAL B 1 99  ? -9.668  -3.113  6.790   1.00 44.46 ? 97   VAL B O   1 
ATOM   1479 C  CB  . VAL B 1 99  ? -12.073 -3.819  8.713   1.00 45.18 ? 97   VAL B CB  1 
ATOM   1480 C  CG1 . VAL B 1 99  ? -11.981 -2.800  9.845   1.00 45.06 ? 97   VAL B CG1 1 
ATOM   1481 C  CG2 . VAL B 1 99  ? -13.367 -4.639  8.882   1.00 44.24 ? 97   VAL B CG2 1 
ATOM   1482 N  N   . VAL B 1 100 ? -10.684 -1.123  7.133   1.00 44.94 ? 98   VAL B N   1 
ATOM   1483 C  CA  . VAL B 1 100 ? -9.479  -0.321  7.000   1.00 45.24 ? 98   VAL B CA  1 
ATOM   1484 C  C   . VAL B 1 100 ? -9.228  0.374   8.331   1.00 45.35 ? 98   VAL B C   1 
ATOM   1485 O  O   . VAL B 1 100 ? -10.118 0.988   8.903   1.00 45.38 ? 98   VAL B O   1 
ATOM   1486 C  CB  . VAL B 1 100 ? -9.613  0.719   5.891   1.00 44.97 ? 98   VAL B CB  1 
ATOM   1487 C  CG1 . VAL B 1 100 ? -8.350  1.595   5.814   1.00 46.61 ? 98   VAL B CG1 1 
ATOM   1488 C  CG2 . VAL B 1 100 ? -9.847  0.035   4.547   1.00 45.28 ? 98   VAL B CG2 1 
ATOM   1489 N  N   . VAL B 1 101 ? -8.010  0.223   8.832   1.00 46.25 ? 99   VAL B N   1 
ATOM   1490 C  CA  . VAL B 1 101 ? -7.517  0.969   9.977   1.00 46.17 ? 99   VAL B CA  1 
ATOM   1491 C  C   . VAL B 1 101 ? -6.348  1.854   9.491   1.00 46.83 ? 99   VAL B C   1 
ATOM   1492 O  O   . VAL B 1 101 ? -5.419  1.379   8.833   1.00 45.71 ? 99   VAL B O   1 
ATOM   1493 C  CB  . VAL B 1 101 ? -7.071  0.028   11.091  1.00 46.04 ? 99   VAL B CB  1 
ATOM   1494 C  CG1 . VAL B 1 101 ? -6.594  0.813   12.300  1.00 46.03 ? 99   VAL B CG1 1 
ATOM   1495 C  CG2 . VAL B 1 101 ? -8.238  -0.908  11.484  1.00 45.93 ? 99   VAL B CG2 1 
ATOM   1496 N  N   . VAL B 1 102 ? -6.448  3.144   9.798   1.00 47.14 ? 100  VAL B N   1 
ATOM   1497 C  CA  . VAL B 1 102 ? -5.424  4.105   9.477   1.00 47.70 ? 100  VAL B CA  1 
ATOM   1498 C  C   . VAL B 1 102 ? -4.800  4.560   10.783  1.00 47.80 ? 100  VAL B C   1 
ATOM   1499 O  O   . VAL B 1 102 ? -5.497  4.796   11.772  1.00 47.29 ? 100  VAL B O   1 
ATOM   1500 C  CB  . VAL B 1 102 ? -6.000  5.299   8.703   1.00 48.15 ? 100  VAL B CB  1 
ATOM   1501 C  CG1 . VAL B 1 102 ? -4.963  6.416   8.583   1.00 49.52 ? 100  VAL B CG1 1 
ATOM   1502 C  CG2 . VAL B 1 102 ? -6.422  4.854   7.301   1.00 48.23 ? 100  VAL B CG2 1 
ATOM   1503 N  N   . GLN B 1 103 ? -3.475  4.638   10.793  1.00 47.70 ? 101  GLN B N   1 
ATOM   1504 C  CA  . GLN B 1 103 ? -2.747  5.167   11.936  1.00 47.97 ? 101  GLN B CA  1 
ATOM   1505 C  C   . GLN B 1 103 ? -2.259  6.567   11.600  1.00 47.80 ? 101  GLN B C   1 
ATOM   1506 O  O   . GLN B 1 103 ? -1.613  6.782   10.557  1.00 47.36 ? 101  GLN B O   1 
ATOM   1507 C  CB  . GLN B 1 103 ? -1.570  4.270   12.280  1.00 47.94 ? 101  GLN B CB  1 
ATOM   1508 C  CG  . GLN B 1 103 ? -0.958  4.613   13.616  1.00 50.08 ? 101  GLN B CG  1 
ATOM   1509 C  CD  . GLN B 1 103 ? 0.357   3.936   13.850  1.00 51.74 ? 101  GLN B CD  1 
ATOM   1510 O  OE1 . GLN B 1 103 ? 0.840   3.160   13.021  1.00 55.25 ? 101  GLN B OE1 1 
ATOM   1511 N  NE2 . GLN B 1 103 ? 0.962   4.237   14.980  1.00 52.91 ? 101  GLN B NE2 1 
ATOM   1512 N  N   . ALA B 1 104 ? -2.572  7.511   12.482  1.00 48.12 ? 102  ALA B N   1 
ATOM   1513 C  CA  . ALA B 1 104 ? -2.203  8.917   12.300  1.00 48.53 ? 102  ALA B CA  1 
ATOM   1514 C  C   . ALA B 1 104 ? -1.932  9.526   13.655  1.00 48.82 ? 102  ALA B C   1 
ATOM   1515 O  O   . ALA B 1 104 ? -2.750  9.390   14.564  1.00 48.70 ? 102  ALA B O   1 
ATOM   1516 C  CB  . ALA B 1 104 ? -3.325  9.672   11.615  1.00 48.81 ? 102  ALA B CB  1 
ATOM   1517 N  N   . GLY B 1 105 ? -0.798  10.209  13.801  1.00 49.05 ? 103  GLY B N   1 
ATOM   1518 C  CA  . GLY B 1 105 ? -0.374  10.665  15.124  1.00 49.28 ? 103  GLY B CA  1 
ATOM   1519 C  C   . GLY B 1 105 ? -0.220  9.429   15.992  1.00 49.30 ? 103  GLY B C   1 
ATOM   1520 O  O   . GLY B 1 105 ? 0.283   8.403   15.534  1.00 49.88 ? 103  GLY B O   1 
ATOM   1521 N  N   . GLY B 1 106 ? -0.686  9.500   17.225  1.00 49.35 ? 104  GLY B N   1 
ATOM   1522 C  CA  . GLY B 1 106 ? -0.689  8.327   18.099  1.00 49.32 ? 104  GLY B CA  1 
ATOM   1523 C  C   . GLY B 1 106 ? -2.082  7.753   18.251  1.00 49.00 ? 104  GLY B C   1 
ATOM   1524 O  O   . GLY B 1 106 ? -2.512  7.459   19.370  1.00 48.89 ? 104  GLY B O   1 
ATOM   1525 N  N   . LYS B 1 107 ? -2.782  7.590   17.124  1.00 48.39 ? 105  LYS B N   1 
ATOM   1526 C  CA  . LYS B 1 107 ? -4.213  7.264   17.137  1.00 47.78 ? 105  LYS B CA  1 
ATOM   1527 C  C   . LYS B 1 107 ? -4.612  6.416   15.938  1.00 47.06 ? 105  LYS B C   1 
ATOM   1528 O  O   . LYS B 1 107 ? -4.088  6.621   14.848  1.00 46.99 ? 105  LYS B O   1 
ATOM   1529 C  CB  . LYS B 1 107 ? -5.048  8.546   17.112  1.00 47.67 ? 105  LYS B CB  1 
ATOM   1530 C  CG  . LYS B 1 107 ? -4.848  9.468   18.291  1.00 47.95 ? 105  LYS B CG  1 
ATOM   1531 C  CD  . LYS B 1 107 ? -5.839  10.608  18.237  1.00 48.18 ? 105  LYS B CD  1 
ATOM   1532 C  CE  . LYS B 1 107 ? -5.603  11.605  19.344  1.00 48.68 ? 105  LYS B CE  1 
ATOM   1533 N  NZ  . LYS B 1 107 ? -6.769  12.506  19.509  1.00 48.36 ? 105  LYS B NZ  1 
ATOM   1534 N  N   . LEU B 1 108 ? -5.568  5.507   16.148  1.00 46.35 ? 106  LEU B N   1 
ATOM   1535 C  CA  . LEU B 1 108 ? -6.108  4.643   15.100  1.00 46.11 ? 106  LEU B CA  1 
ATOM   1536 C  C   . LEU B 1 108 ? -7.516  5.048   14.649  1.00 45.72 ? 106  LEU B C   1 
ATOM   1537 O  O   . LEU B 1 108 ? -8.375  5.402   15.459  1.00 45.51 ? 106  LEU B O   1 
ATOM   1538 C  CB  . LEU B 1 108 ? -6.121  3.185   15.572  1.00 46.45 ? 106  LEU B CB  1 
ATOM   1539 C  CG  . LEU B 1 108 ? -4.762  2.562   15.919  1.00 46.46 ? 106  LEU B CG  1 
ATOM   1540 C  CD1 . LEU B 1 108 ? -4.935  1.134   16.378  1.00 46.33 ? 106  LEU B CD1 1 
ATOM   1541 C  CD2 . LEU B 1 108 ? -3.792  2.607   14.763  1.00 46.71 ? 106  LEU B CD2 1 
ATOM   1542 N  N   . TYR B 1 109 ? -7.746  4.978   13.346  1.00 45.37 ? 107  TYR B N   1 
ATOM   1543 C  CA  . TYR B 1 109 ? -9.002  5.415   12.740  1.00 45.60 ? 107  TYR B CA  1 
ATOM   1544 C  C   . TYR B 1 109 ? -9.502  4.295   11.871  1.00 45.10 ? 107  TYR B C   1 
ATOM   1545 O  O   . TYR B 1 109 ? -8.723  3.695   11.145  1.00 44.58 ? 107  TYR B O   1 
ATOM   1546 C  CB  . TYR B 1 109 ? -8.777  6.654   11.883  1.00 46.24 ? 107  TYR B CB  1 
ATOM   1547 C  CG  . TYR B 1 109 ? -8.264  7.813   12.692  1.00 47.49 ? 107  TYR B CG  1 
ATOM   1548 C  CD1 . TYR B 1 109 ? -6.901  7.957   12.959  1.00 48.52 ? 107  TYR B CD1 1 
ATOM   1549 C  CD2 . TYR B 1 109 ? -9.137  8.752   13.211  1.00 47.83 ? 107  TYR B CD2 1 
ATOM   1550 C  CE1 . TYR B 1 109 ? -6.431  9.016   13.739  1.00 48.62 ? 107  TYR B CE1 1 
ATOM   1551 C  CE2 . TYR B 1 109 ? -8.676  9.811   13.972  1.00 48.57 ? 107  TYR B CE2 1 
ATOM   1552 C  CZ  . TYR B 1 109 ? -7.324  9.940   14.233  1.00 47.55 ? 107  TYR B CZ  1 
ATOM   1553 O  OH  . TYR B 1 109 ? -6.895  11.004  14.997  1.00 48.18 ? 107  TYR B OH  1 
ATOM   1554 N  N   . ARG B 1 110 ? -10.798 4.019   11.938  1.00 44.44 ? 108  ARG B N   1 
ATOM   1555 C  CA  . ARG B 1 110 ? -11.370 2.855   11.270  1.00 44.38 ? 108  ARG B CA  1 
ATOM   1556 C  C   . ARG B 1 110 ? -12.574 3.198   10.411  1.00 44.14 ? 108  ARG B C   1 
ATOM   1557 O  O   . ARG B 1 110 ? -13.392 4.052   10.768  1.00 43.26 ? 108  ARG B O   1 
ATOM   1558 C  CB  . ARG B 1 110 ? -11.800 1.813   12.310  1.00 44.71 ? 108  ARG B CB  1 
ATOM   1559 C  CG  . ARG B 1 110 ? -12.399 0.531   11.704  1.00 44.91 ? 108  ARG B CG  1 
ATOM   1560 C  CD  . ARG B 1 110 ? -12.371 -0.646  12.691  1.00 43.68 ? 108  ARG B CD  1 
ATOM   1561 N  NE  . ARG B 1 110 ? -12.959 -0.271  13.968  1.00 43.92 ? 108  ARG B NE  1 
ATOM   1562 C  CZ  . ARG B 1 110 ? -12.876 -0.974  15.095  1.00 41.73 ? 108  ARG B CZ  1 
ATOM   1563 N  NH1 . ARG B 1 110 ? -12.220 -2.131  15.137  1.00 40.46 ? 108  ARG B NH1 1 
ATOM   1564 N  NH2 . ARG B 1 110 ? -13.451 -0.501  16.183  1.00 41.81 ? 108  ARG B NH2 1 
ATOM   1565 N  N   . ALA B 1 111 ? -12.666 2.510   9.280   1.00 44.14 ? 109  ALA B N   1 
ATOM   1566 C  CA  . ALA B 1 111 ? -13.868 2.495   8.466   1.00 44.36 ? 109  ALA B CA  1 
ATOM   1567 C  C   . ALA B 1 111 ? -14.063 1.106   7.885   1.00 44.56 ? 109  ALA B C   1 
ATOM   1568 O  O   . ALA B 1 111 ? -13.142 0.304   7.802   1.00 44.03 ? 109  ALA B O   1 
ATOM   1569 C  CB  . ALA B 1 111 ? -13.811 3.534   7.372   1.00 44.54 ? 109  ALA B CB  1 
ATOM   1570 N  N   . VAL B 1 112 ? -15.294 0.815   7.514   1.00 45.74 ? 110  VAL B N   1 
ATOM   1571 C  CA  . VAL B 1 112 ? -15.639 -0.512  7.061   1.00 46.64 ? 110  VAL B CA  1 
ATOM   1572 C  C   . VAL B 1 112 ? -16.562 -0.356  5.879   1.00 47.09 ? 110  VAL B C   1 
ATOM   1573 O  O   . VAL B 1 112 ? -17.360 0.590   5.832   1.00 47.22 ? 110  VAL B O   1 
ATOM   1574 C  CB  . VAL B 1 112 ? -16.272 -1.363  8.203   1.00 46.56 ? 110  VAL B CB  1 
ATOM   1575 C  CG1 . VAL B 1 112 ? -17.594 -0.771  8.688   1.00 47.40 ? 110  VAL B CG1 1 
ATOM   1576 C  CG2 . VAL B 1 112 ? -16.483 -2.806  7.761   1.00 47.41 ? 110  VAL B CG2 1 
ATOM   1577 N  N   . ARG B 1 113 ? -16.424 -1.257  4.912   1.00 47.64 ? 111  ARG B N   1 
ATOM   1578 C  CA  . ARG B 1 113 ? -17.345 -1.312  3.782   1.00 48.10 ? 111  ARG B CA  1 
ATOM   1579 C  C   . ARG B 1 113 ? -17.701 -2.759  3.452   1.00 47.93 ? 111  ARG B C   1 
ATOM   1580 O  O   . ARG B 1 113 ? -16.821 -3.624  3.382   1.00 47.96 ? 111  ARG B O   1 
ATOM   1581 C  CB  . ARG B 1 113 ? -16.726 -0.636  2.563   1.00 47.95 ? 111  ARG B CB  1 
ATOM   1582 C  CG  . ARG B 1 113 ? -17.693 -0.452  1.394   1.00 49.07 ? 111  ARG B CG  1 
ATOM   1583 C  CD  . ARG B 1 113 ? -16.948 -0.524  0.058   1.00 49.80 ? 111  ARG B CD  1 
ATOM   1584 N  NE  . ARG B 1 113 ? -17.840 -0.388  -1.091  1.00 49.35 ? 111  ARG B NE  1 
ATOM   1585 C  CZ  . ARG B 1 113 ? -18.346 0.765   -1.522  1.00 50.04 ? 111  ARG B CZ  1 
ATOM   1586 N  NH1 . ARG B 1 113 ? -18.063 1.908   -0.897  1.00 50.76 ? 111  ARG B NH1 1 
ATOM   1587 N  NH2 . ARG B 1 113 ? -19.150 0.782   -2.580  1.00 49.68 ? 111  ARG B NH2 1 
ATOM   1588 N  N   . GLU B 1 114 ? -18.992 -3.012  3.243   1.00 48.02 ? 112  GLU B N   1 
ATOM   1589 C  CA  . GLU B 1 114 ? -19.462 -4.346  2.902   1.00 47.71 ? 112  GLU B CA  1 
ATOM   1590 C  C   . GLU B 1 114 ? -19.443 -4.565  1.391   1.00 47.98 ? 112  GLU B C   1 
ATOM   1591 O  O   . GLU B 1 114 ? -19.676 -3.644  0.606   1.00 47.95 ? 112  GLU B O   1 
ATOM   1592 C  CB  . GLU B 1 114 ? -20.873 -4.593  3.444   1.00 47.81 ? 112  GLU B CB  1 
ATOM   1593 C  CG  . GLU B 1 114 ? -21.300 -6.059  3.372   1.00 47.19 ? 112  GLU B CG  1 
ATOM   1594 C  CD  . GLU B 1 114 ? -22.606 -6.345  4.106   1.00 46.94 ? 112  GLU B CD  1 
ATOM   1595 O  OE1 . GLU B 1 114 ? -23.572 -5.583  3.908   1.00 45.43 ? 112  GLU B OE1 1 
ATOM   1596 O  OE2 . GLU B 1 114 ? -22.660 -7.328  4.877   1.00 43.90 ? 112  GLU B OE2 1 
ATOM   1597 N  N   . VAL B 1 115 ? -19.143 -5.800  1.006   1.00 48.23 ? 113  VAL B N   1 
ATOM   1598 C  CA  . VAL B 1 115 ? -19.329 -6.277  -0.354  1.00 48.35 ? 113  VAL B CA  1 
ATOM   1599 C  C   . VAL B 1 115 ? -20.242 -7.505  -0.276  1.00 48.32 ? 113  VAL B C   1 
ATOM   1600 O  O   . VAL B 1 115 ? -19.963 -8.433  0.483   1.00 48.50 ? 113  VAL B O   1 
ATOM   1601 C  CB  . VAL B 1 115 ? -17.988 -6.684  -0.982  1.00 48.36 ? 113  VAL B CB  1 
ATOM   1602 C  CG1 . VAL B 1 115 ? -18.179 -7.163  -2.424  1.00 48.44 ? 113  VAL B CG1 1 
ATOM   1603 C  CG2 . VAL B 1 115 ? -16.987 -5.538  -0.927  1.00 48.63 ? 113  VAL B CG2 1 
ATOM   1604 N  N   . LYS B 1 116 ? -21.330 -7.496  -1.047  1.00 48.30 ? 114  LYS B N   1 
ATOM   1605 C  CA  . LYS B 1 116 ? -22.219 -8.660  -1.162  1.00 48.27 ? 114  LYS B CA  1 
ATOM   1606 C  C   . LYS B 1 116 ? -21.742 -9.574  -2.293  1.00 48.29 ? 114  LYS B C   1 
ATOM   1607 O  O   . LYS B 1 116 ? -21.292 -9.103  -3.336  1.00 48.14 ? 114  LYS B O   1 
ATOM   1608 C  CB  . LYS B 1 116 ? -23.653 -8.214  -1.404  1.00 48.15 ? 114  LYS B CB  1 
ATOM   1609 N  N   . VAL B 1 117 ? -21.846 -10.883 -2.084  1.00 48.49 ? 115  VAL B N   1 
ATOM   1610 C  CA  . VAL B 1 117 ? -21.353 -11.863 -3.054  1.00 48.52 ? 115  VAL B CA  1 
ATOM   1611 C  C   . VAL B 1 117 ? -21.844 -13.268 -2.729  1.00 48.56 ? 115  VAL B C   1 
ATOM   1612 O  O   . VAL B 1 117 ? -22.659 -13.462 -1.824  1.00 48.63 ? 115  VAL B O   1 
ATOM   1613 C  CB  . VAL B 1 117 ? -19.808 -11.874 -3.102  1.00 48.56 ? 115  VAL B CB  1 
HETATM 1614 CL CL  . CL  C 2 .   ? 2.657   16.644  -13.524 1.00 43.65 ? 123  CL  A CL  1 
HETATM 1615 P  P   . PO4 D 3 .   ? 7.413   -5.075  7.159   0.70 49.58 ? 1004 PO4 A P   1 
HETATM 1616 O  O1  . PO4 D 3 .   ? 8.318   -5.745  6.173   0.70 49.70 ? 1004 PO4 A O1  1 
HETATM 1617 O  O2  . PO4 D 3 .   ? 6.739   -6.146  7.991   0.70 50.62 ? 1004 PO4 A O2  1 
HETATM 1618 O  O3  . PO4 D 3 .   ? 8.202   -4.132  8.030   0.70 48.42 ? 1004 PO4 A O3  1 
HETATM 1619 O  O4  . PO4 D 3 .   ? 6.381   -4.283  6.402   0.70 49.57 ? 1004 PO4 A O4  1 
HETATM 1620 N  N6A . HDZ E 4 .   ? -1.520  10.655  -7.660  1.00 49.56 ? 1005 HDZ A N6A 1 
HETATM 1621 N  N6B . HDZ E 4 .   ? -1.190  10.000  -8.572  1.00 49.33 ? 1005 HDZ A N6B 1 
HETATM 1622 N  N6A . HDZ F 4 .   ? 2.017   10.628  -15.090 1.00 54.97 ? 1006 HDZ A N6A 1 
HETATM 1623 N  N6B . HDZ F 4 .   ? 1.858   10.701  -13.927 1.00 53.25 ? 1006 HDZ A N6B 1 
HETATM 1624 N  N6A . HDZ G 4 .   ? 20.293  -4.638  -1.385  1.00 44.78 ? 1007 HDZ A N6A 1 
HETATM 1625 N  N6B . HDZ G 4 .   ? 19.550  -5.547  -1.189  1.00 44.79 ? 1007 HDZ A N6B 1 
HETATM 1626 O  O   . HOH H 5 .   ? 9.314   10.966  -15.506 1.00 32.45 ? 1008 HOH A O   1 
HETATM 1627 O  O   . HOH H 5 .   ? 4.637   18.455  -14.787 1.00 36.34 ? 1009 HOH A O   1 
HETATM 1628 O  O   . HOH H 5 .   ? 11.129  5.820   5.137   1.00 37.96 ? 1010 HOH A O   1 
HETATM 1629 O  O   . HOH H 5 .   ? 15.667  10.253  -5.697  1.00 44.70 ? 1011 HOH A O   1 
HETATM 1630 O  O   . HOH H 5 .   ? 12.025  -9.400  2.648   1.00 48.50 ? 1012 HOH A O   1 
HETATM 1631 O  O   . HOH H 5 .   ? 11.967  11.205  -0.027  1.00 43.94 ? 1013 HOH A O   1 
HETATM 1632 O  O   . HOH H 5 .   ? 7.442   -9.483  0.884   1.00 42.64 ? 1014 HOH A O   1 
HETATM 1633 O  O   . HOH H 5 .   ? 12.885  12.760  1.787   1.00 46.83 ? 1015 HOH A O   1 
HETATM 1634 O  O   . HOH H 5 .   ? 1.843   13.977  -14.772 1.00 42.40 ? 1016 HOH A O   1 
HETATM 1635 O  O   . HOH H 5 .   ? 10.706  -9.363  -14.342 1.00 49.87 ? 1017 HOH A O   1 
HETATM 1636 O  O   . HOH H 5 .   ? 7.637   -6.911  2.846   1.00 42.87 ? 1018 HOH A O   1 
HETATM 1637 O  O   . HOH H 5 .   ? 7.960   -7.709  -18.384 1.00 41.56 ? 1019 HOH A O   1 
HETATM 1638 O  O   . HOH H 5 .   ? 7.445   -13.104 -1.150  1.00 49.27 ? 1020 HOH A O   1 
HETATM 1639 O  O   . HOH H 5 .   ? 7.657   16.449  -21.329 1.00 39.08 ? 1021 HOH A O   1 
HETATM 1640 O  O   . HOH H 5 .   ? 13.979  6.100   4.500   1.00 48.79 ? 1022 HOH A O   1 
HETATM 1641 O  O   . HOH H 5 .   ? 23.179  -2.552  -7.707  1.00 45.26 ? 1023 HOH A O   1 
HETATM 1642 O  O   . HOH H 5 .   ? 15.722  15.647  0.854   1.00 47.07 ? 1024 HOH A O   1 
HETATM 1643 O  O   . HOH H 5 .   ? 11.313  12.923  4.684   1.00 47.34 ? 1025 HOH A O   1 
HETATM 1644 O  O   . HOH H 5 .   ? 10.458  13.077  -4.219  1.00 48.93 ? 1026 HOH A O   1 
HETATM 1645 O  O   . HOH H 5 .   ? 12.706  -1.563  -15.824 1.00 39.89 ? 1027 HOH A O   1 
HETATM 1646 O  O   . HOH H 5 .   ? 18.780  1.489   -9.985  1.00 51.98 ? 1028 HOH A O   1 
HETATM 1647 O  O   . HOH H 5 .   ? 8.375   13.089  5.720   1.00 44.00 ? 1029 HOH A O   1 
HETATM 1648 O  O   . HOH H 5 .   ? 0.131   -9.199  -4.737  1.00 48.20 ? 1030 HOH A O   1 
HETATM 1649 O  O   . HOH H 5 .   ? 17.855  10.153  -7.836  1.00 45.54 ? 1031 HOH A O   1 
HETATM 1650 O  O   . HOH H 5 .   ? 19.685  8.617   -7.740  1.00 46.91 ? 1032 HOH A O   1 
HETATM 1651 O  O   . HOH H 5 .   ? 14.265  0.365   -15.201 1.00 41.01 ? 1033 HOH A O   1 
HETATM 1652 O  O   . HOH H 5 .   ? 13.744  7.776   -16.680 1.00 44.67 ? 1034 HOH A O   1 
HETATM 1653 O  O   . HOH H 5 .   ? -5.000  8.995   -8.605  1.00 58.25 ? 1035 HOH A O   1 
HETATM 1654 O  O   . HOH H 5 .   ? 4.094   8.335   -17.357 1.00 47.66 ? 1036 HOH A O   1 
HETATM 1655 O  O   . HOH H 5 .   ? -6.809  10.098  -9.465  1.00 65.04 ? 1037 HOH A O   1 
HETATM 1656 O  O   . HOH H 5 .   ? -3.255  16.944  -10.944 1.00 60.53 ? 1038 HOH A O   1 
HETATM 1657 O  O   . HOH H 5 .   ? 12.326  12.387  -17.466 1.00 53.70 ? 1039 HOH A O   1 
HETATM 1658 O  O   . HOH I 5 .   ? 0.971   10.285  2.929   1.00 35.83 ? 123  HOH B O   1 
HETATM 1659 O  O   . HOH I 5 .   ? -4.043  3.344   -6.528  1.00 41.85 ? 124  HOH B O   1 
HETATM 1660 O  O   . HOH I 5 .   ? 0.299   16.031  -1.631  1.00 51.93 ? 125  HOH B O   1 
HETATM 1661 O  O   . HOH I 5 .   ? 4.324   3.595   8.801   1.00 55.29 ? 126  HOH B O   1 
HETATM 1662 O  O   . HOH I 5 .   ? -22.058 -10.925 16.602  1.00 45.87 ? 127  HOH B O   1 
HETATM 1663 O  O   . HOH I 5 .   ? 2.236   4.236   11.141  1.00 44.53 ? 128  HOH B O   1 
HETATM 1664 O  O   . HOH I 5 .   ? 5.638   6.553   7.884   1.00 51.33 ? 129  HOH B O   1 
HETATM 1665 O  O   . HOH I 5 .   ? -15.468 -10.714 6.896   1.00 61.03 ? 130  HOH B O   1 
HETATM 1666 O  O   . HOH I 5 .   ? -1.752  12.887  2.545   1.00 42.75 ? 131  HOH B O   1 
HETATM 1667 O  O   . HOH I 5 .   ? -21.395 -0.617  -7.560  1.00 54.44 ? 132  HOH B O   1 
HETATM 1668 O  O   . HOH I 5 .   ? -6.717  -12.987 13.767  1.00 47.64 ? 133  HOH B O   1 
HETATM 1669 O  O   . HOH I 5 .   ? -17.230 3.275   8.602   1.00 43.99 ? 134  HOH B O   1 
HETATM 1670 O  O   . HOH I 5 .   ? -2.571  10.462  -4.945  1.00 52.75 ? 135  HOH B O   1 
HETATM 1671 O  O   . HOH I 5 .   ? -0.597  11.565  5.151   1.00 50.47 ? 136  HOH B O   1 
HETATM 1672 O  O   . HOH I 5 .   ? -0.912  20.703  0.298   1.00 54.25 ? 137  HOH B O   1 
# 
